data_7ZR0
#
_entry.id   7ZR0
#
_cell.length_a   1.00
_cell.length_b   1.00
_cell.length_c   1.00
_cell.angle_alpha   90.00
_cell.angle_beta   90.00
_cell.angle_gamma   90.00
#
_symmetry.space_group_name_H-M   'P 1'
#
loop_
_entity.id
_entity.type
_entity.pdbx_description
1 polymer 'Heat shock protein HSP 90-beta'
2 polymer 'Hsp90 co-chaperone Cdc37'
3 polymer 'Serine/threonine-protein kinase B-raf'
4 non-polymer "ADENOSINE-5'-TRIPHOSPHATE"
#
loop_
_entity_poly.entity_id
_entity_poly.type
_entity_poly.pdbx_seq_one_letter_code
_entity_poly.pdbx_strand_id
1 'polypeptide(L)'
;MRGSHHHHHHHHGMALEVLFQGPSAMPEEVHHGEEEVETFAFQAEIAQLMSLIINTFYSNKEIFLRELISNASDALDKIR
YESLTDPSKLDSGKELKIDIIPNPQERTLTLVDTGIGMTKADLINNLGTIAKSGTKAFMEALQAGADISMIGQFGVGFYS
AYLVAEKVVVITKHNDDEQYAWESSAGGSFTVRADHGEPIGRGTKVILHLKEDQTEYLEERRVKEVVKKHSQFIGYPITL
YLEKEREKEISDDEAEEEKGEKEEEDKDDEEKPKIEDVGSDEEDDSGKDKKKKTKKIKEKYIDQEELNKTKPIWTRNPDD
ITQEEYGEFYKSLTNDWEDHLAVKHFSVEGQLEFRALLFIPRRAPFDLFENKKKKNNIKLYVRRVFIMDSCDELIPEYLN
FIRGVVDSEDLPLNISREMLQQSKILKVIRKNIVKKCLELFSELAEDKENYKKFYEAFSKNLKLGIHEDSTNRRRLSELL
RYHTSQSGDEMTSLSEYVSRMKETQKSIYYITGESKEQVANSAFVERVRKRGFEVVYMTEPIDEYCVQQLKEFDGKSLVS
VTKEGLELPEDEEEKKKMEESKAKFENLCKLMKEILDKKVEKVTISNRLVSSPCCIVTSTYGWTANMERIMKAQALRDNS
TMGYMMAKKHLEINPDHPIVETLRQKAEADKNDKAVKDLVVLLFETALLSSGFSLEDPQTHSNRIYRMIKLGLGIDEDEV
AAEEPNAAVPDEIPPLEGDEDASRMEEVD
;
A,B
2 'polypeptide(L)'
;MVDYSVWDHIEV(SEP)DDEDETHPNIDTASLFRWRHQARVERMEQFQKEKEELDRGCRECKRKVAECQRKLKELEVAEG
GKAELERLQAEAQQLRKEERSWEQKLEEMRKKEKSMPWNVDTLSKDGFSKSMVNTKPEKTEEDSEEVREQKHKTFVEKYE
KQIKHFGMLRRWDDSQKYLSDNVHLVCEETANYLVIWCIDLEVEEKCALMEQVAHQTIVMQFILELAKSLKVDPRACFRQ
FFTKIKTADRQYMEGFNDELEAFKERVRGRAKLRIEKAMKEYEEEERKKRLGPGGLDPVEVYESLPEELQKCFDVKDVQM
LQDAISKMDPTDAKYHMQRCIDSGLWVPNSKASEAKEGEEAGPGDPLLEAVPKTGDEKDVSVLEVLFQGPLEHHHHHHHH
;
C
3 'polypeptide(L)'
;MGGSHHHHHHHHGGSWSHPQFEKGGGSGGGSGGGSWSHPQFEKGAETAVPNSLEVLFQGPSAMAALSGGGGGGAEPGQAL
FNGDMEPEAGAGAGAAASSAADPAIPEEVWNIKQMIKLTQEHIEALLDKFGGEHNPPSIYLEAYEEYTSKLDALQQREQQ
LLESLGNGTDFSVSSSASMDTVTSSSSSSLSVLPSSLSVFQNPTDVARSNPKSPQKPIVRVFLPNKQRTVVPARCGVTVR
DSLKKALMMRGLIPECCAVYRIQDGEKKPIGWDTDISWLTGEELHVEVLENVPLTTHNFVRKTFFTLAFCDFCRKLLFQG
FRCQTCGYKFHQRCSTEVPLMCVNYDQLDLLFVSKFFEHHPIPQEEASLAETALTSGSSPSAPASDSIGPQILTSPSPSK
SIPIPQPFRPADEDHRNQFGQRDRSSSAPNVHINTIEPVNIDDLIRDQGFRGDGGSTTGLSATPPASLPGSLTNVKALQK
SPGPQRERKSSSSSEDRNRMKTLGRRDSSDDWEIPDGQITVGQRIGSGSFGTVYKGKWHGDVAVKMLNVTAPTPQQLQAF
KNEVGVLRKTRHVNILLFMGYSTKPQLAIVTQWCEGSSLYHHLHIIETKFEMIKLIDIARQTAQGMDYLHAKSIIHRDLK
SNNIFLHEDLTVKIGDFGLATEKSRWSGSHQFEQLSGSILWMAPEVIRMQDKNPYSFQSDVYAFGIVLYELMTGQLPYSN
INNRDQIIFMVGRGYLSPDLSKVRSNCPKAMKRLMAECLKKKRDERPLFPQILASIELLARSLPKIHRSASEPSLNRAGF
QTEDFSLYACASPKTPIQAGGYGAFPVH
;
K
#
loop_
_chem_comp.id
_chem_comp.type
_chem_comp.name
_chem_comp.formula
ATP non-polymer ADENOSINE-5'-TRIPHOSPHATE 'C10 H16 N5 O13 P3'
#
# COMPACT_ATOMS: atom_id res chain seq x y z
N GLU A 35 -60.50 15.33 -13.62
CA GLU A 35 -61.26 16.55 -13.88
C GLU A 35 -60.45 17.54 -14.71
N GLU A 36 -59.69 18.39 -14.03
CA GLU A 36 -58.85 19.37 -14.69
C GLU A 36 -57.40 18.89 -14.69
N VAL A 37 -56.77 18.99 -15.86
CA VAL A 37 -55.37 18.59 -16.03
C VAL A 37 -54.61 19.78 -16.59
N GLU A 38 -53.49 20.12 -15.95
CA GLU A 38 -52.68 21.26 -16.34
C GLU A 38 -51.28 20.76 -16.71
N THR A 39 -50.85 21.05 -17.93
CA THR A 39 -49.52 20.70 -18.37
C THR A 39 -48.57 21.87 -18.20
N PHE A 40 -47.33 21.56 -17.78
CA PHE A 40 -46.31 22.58 -17.59
C PHE A 40 -45.03 22.09 -18.27
N ALA A 41 -43.98 22.88 -18.18
CA ALA A 41 -42.68 22.53 -18.74
C ALA A 41 -41.59 22.89 -17.75
N PHE A 42 -40.47 22.19 -17.84
CA PHE A 42 -39.42 22.35 -16.83
C PHE A 42 -38.67 23.65 -17.04
N GLN A 43 -38.06 24.16 -15.97
CA GLN A 43 -37.28 25.38 -16.00
C GLN A 43 -35.97 25.16 -15.24
N ALA A 44 -35.25 26.24 -14.96
CA ALA A 44 -33.98 26.16 -14.26
C ALA A 44 -33.70 27.47 -13.56
N GLU A 45 -32.72 27.45 -12.66
CA GLU A 45 -32.25 28.64 -11.94
C GLU A 45 -30.80 28.88 -12.34
N ILE A 46 -30.54 30.02 -12.98
CA ILE A 46 -29.29 30.20 -13.72
C ILE A 46 -28.12 30.45 -12.77
N ALA A 47 -28.29 31.35 -11.81
CA ALA A 47 -27.18 31.70 -10.91
C ALA A 47 -26.75 30.49 -10.09
N GLN A 48 -27.72 29.76 -9.54
CA GLN A 48 -27.39 28.57 -8.76
C GLN A 48 -26.76 27.51 -9.63
N LEU A 49 -27.22 27.36 -10.88
CA LEU A 49 -26.64 26.37 -11.78
C LEU A 49 -25.19 26.70 -12.10
N MET A 50 -24.90 27.98 -12.35
CA MET A 50 -23.52 28.39 -12.61
C MET A 50 -22.65 28.14 -11.38
N SER A 51 -23.17 28.43 -10.19
CA SER A 51 -22.43 28.17 -8.97
C SER A 51 -22.15 26.68 -8.80
N LEU A 52 -23.12 25.85 -9.16
CA LEU A 52 -22.89 24.40 -9.14
C LEU A 52 -21.79 24.00 -10.11
N ILE A 53 -21.83 24.55 -11.32
CA ILE A 53 -20.85 24.15 -12.34
C ILE A 53 -19.44 24.51 -11.91
N ILE A 54 -19.26 25.72 -11.37
CA ILE A 54 -17.92 26.22 -11.12
C ILE A 54 -17.20 25.38 -10.06
N ASN A 55 -17.88 25.09 -8.95
CA ASN A 55 -17.18 24.58 -7.77
C ASN A 55 -17.90 23.38 -7.14
N THR A 56 -18.42 22.47 -7.95
CA THR A 56 -18.86 21.22 -7.34
C THR A 56 -18.31 19.97 -8.03
N PHE A 57 -18.19 19.96 -9.35
CA PHE A 57 -17.75 18.75 -10.04
C PHE A 57 -16.53 19.02 -10.92
N TYR A 58 -15.53 19.69 -10.34
CA TYR A 58 -14.25 19.86 -11.00
C TYR A 58 -13.17 19.93 -9.93
N SER A 59 -12.31 18.92 -9.88
CA SER A 59 -11.15 18.93 -9.01
C SER A 59 -9.90 19.08 -9.88
N ASN A 60 -8.78 19.42 -9.24
CA ASN A 60 -7.50 19.55 -9.93
C ASN A 60 -7.58 20.62 -11.03
N LYS A 61 -7.66 21.87 -10.57
CA LYS A 61 -7.86 23.07 -11.40
C LYS A 61 -7.17 23.03 -12.75
N GLU A 62 -5.95 22.47 -12.82
CA GLU A 62 -5.18 22.38 -14.05
C GLU A 62 -6.01 21.90 -15.24
N ILE A 63 -7.04 21.11 -14.94
CA ILE A 63 -7.92 20.56 -15.98
C ILE A 63 -8.33 21.63 -16.98
N PHE A 64 -8.50 22.86 -16.52
CA PHE A 64 -9.00 23.92 -17.41
C PHE A 64 -8.19 23.97 -18.70
N LEU A 65 -6.86 23.91 -18.59
CA LEU A 65 -6.02 24.00 -19.78
C LEU A 65 -6.39 22.93 -20.79
N ARG A 66 -6.50 21.68 -20.32
CA ARG A 66 -6.87 20.58 -21.20
C ARG A 66 -8.13 20.93 -21.99
N GLU A 67 -9.17 21.39 -21.29
CA GLU A 67 -10.42 21.68 -21.97
C GLU A 67 -10.20 22.66 -23.11
N LEU A 68 -9.47 23.74 -22.85
CA LEU A 68 -9.26 24.75 -23.88
C LEU A 68 -8.56 24.15 -25.08
N ILE A 69 -7.53 23.33 -24.85
CA ILE A 69 -6.84 22.70 -25.98
C ILE A 69 -7.81 21.81 -26.73
N SER A 70 -8.63 21.04 -26.02
CA SER A 70 -9.59 20.16 -26.68
C SER A 70 -10.63 20.94 -27.47
N ASN A 71 -10.74 22.25 -27.26
CA ASN A 71 -11.62 23.07 -28.08
C ASN A 71 -10.93 23.59 -29.33
N ALA A 72 -9.61 23.81 -29.28
CA ALA A 72 -8.91 24.26 -30.47
C ALA A 72 -8.83 23.15 -31.50
N SER A 73 -8.40 21.96 -31.08
CA SER A 73 -8.22 20.85 -32.00
C SER A 73 -9.50 20.58 -32.79
N ASP A 74 -10.62 20.44 -32.09
CA ASP A 74 -11.90 20.23 -32.76
C ASP A 74 -12.13 21.29 -33.83
N ALA A 75 -11.94 22.56 -33.46
CA ALA A 75 -12.13 23.64 -34.42
C ALA A 75 -11.29 23.41 -35.67
N LEU A 76 -10.00 23.11 -35.47
CA LEU A 76 -9.12 22.87 -36.61
C LEU A 76 -9.68 21.78 -37.51
N ASP A 77 -10.17 20.70 -36.89
CA ASP A 77 -10.67 19.58 -37.68
C ASP A 77 -11.73 20.03 -38.66
N LYS A 78 -12.61 20.94 -38.23
CA LYS A 78 -13.68 21.39 -39.10
C LYS A 78 -13.13 22.01 -40.38
N ILE A 79 -12.12 22.88 -40.25
CA ILE A 79 -11.58 23.52 -41.44
C ILE A 79 -10.80 22.53 -42.27
N ARG A 80 -10.37 21.41 -41.70
CA ARG A 80 -9.70 20.39 -42.48
C ARG A 80 -10.69 19.52 -43.24
N TYR A 81 -11.98 19.67 -42.96
CA TYR A 81 -13.01 18.89 -43.63
C TYR A 81 -13.75 19.68 -44.70
N GLU A 82 -13.78 21.01 -44.58
CA GLU A 82 -14.43 21.86 -45.56
C GLU A 82 -13.56 22.17 -46.76
N SER A 83 -12.28 21.80 -46.72
CA SER A 83 -11.37 22.01 -47.84
C SER A 83 -11.19 20.77 -48.70
N LEU A 84 -11.67 19.61 -48.24
CA LEU A 84 -11.55 18.39 -49.03
C LEU A 84 -12.47 18.42 -50.25
N THR A 85 -13.73 18.81 -50.05
CA THR A 85 -14.65 18.91 -51.17
C THR A 85 -14.25 20.02 -52.12
N ASP A 86 -13.88 21.18 -51.59
CA ASP A 86 -13.47 22.28 -52.43
C ASP A 86 -12.40 23.12 -51.74
N PRO A 87 -11.33 23.47 -52.44
CA PRO A 87 -10.36 24.42 -51.91
C PRO A 87 -10.91 25.83 -51.93
N SER A 88 -10.06 26.82 -51.66
CA SER A 88 -10.43 28.24 -51.68
C SER A 88 -11.29 28.61 -50.49
N LYS A 89 -11.23 27.81 -49.43
CA LYS A 89 -11.65 28.22 -48.09
C LYS A 89 -10.45 28.38 -47.18
N LEU A 90 -9.25 28.43 -47.76
CA LEU A 90 -8.00 28.54 -47.03
C LEU A 90 -7.15 29.68 -47.56
N ASP A 91 -7.76 30.65 -48.24
CA ASP A 91 -7.03 31.81 -48.71
C ASP A 91 -6.61 32.74 -47.58
N SER A 92 -7.17 32.57 -46.38
CA SER A 92 -6.80 33.37 -45.22
C SER A 92 -5.61 32.79 -44.46
N GLY A 93 -5.59 31.47 -44.28
CA GLY A 93 -4.49 30.82 -43.61
C GLY A 93 -4.11 29.51 -44.27
N LYS A 94 -2.81 29.20 -44.28
CA LYS A 94 -2.32 27.99 -44.92
C LYS A 94 -2.12 26.85 -43.92
N GLU A 95 -1.60 27.17 -42.73
CA GLU A 95 -1.20 26.17 -41.75
C GLU A 95 -2.16 26.17 -40.56
N LEU A 96 -2.03 25.12 -39.76
CA LEU A 96 -2.83 24.94 -38.55
C LEU A 96 -1.88 24.77 -37.36
N LYS A 97 -2.17 25.48 -36.26
CA LYS A 97 -1.26 25.51 -35.13
C LYS A 97 -2.00 25.92 -33.87
N ILE A 98 -1.37 25.68 -32.73
CA ILE A 98 -1.87 26.07 -31.41
C ILE A 98 -0.75 26.77 -30.66
N ASP A 99 -1.02 27.95 -30.12
CA ASP A 99 0.00 28.77 -29.48
C ASP A 99 -0.41 29.14 -28.06
N ILE A 100 0.59 29.33 -27.20
CA ILE A 100 0.37 29.75 -25.81
C ILE A 100 1.33 30.90 -25.51
N ILE A 101 0.80 32.01 -25.02
CA ILE A 101 1.62 33.18 -24.71
C ILE A 101 1.39 33.62 -23.27
N PRO A 102 2.35 33.44 -22.37
CA PRO A 102 2.19 33.98 -21.01
C PRO A 102 2.77 35.37 -20.84
N ASN A 103 2.07 36.22 -20.10
CA ASN A 103 2.48 37.60 -19.83
C ASN A 103 2.66 37.86 -18.35
N PRO A 104 3.88 37.89 -17.84
CA PRO A 104 4.15 38.09 -16.39
C PRO A 104 3.92 39.49 -15.84
N GLN A 105 3.51 40.44 -16.65
CA GLN A 105 3.36 41.81 -16.20
C GLN A 105 1.91 42.25 -16.00
N GLU A 106 1.00 41.88 -16.89
CA GLU A 106 -0.40 42.19 -16.66
C GLU A 106 -1.22 41.00 -16.18
N ARG A 107 -0.59 39.86 -15.92
CA ARG A 107 -1.29 38.65 -15.45
C ARG A 107 -2.38 38.22 -16.43
N THR A 108 -1.94 37.83 -17.63
CA THR A 108 -2.83 37.30 -18.66
C THR A 108 -2.20 36.05 -19.27
N LEU A 109 -3.05 35.21 -19.86
CA LEU A 109 -2.63 33.98 -20.53
C LEU A 109 -3.46 33.80 -21.79
N THR A 110 -2.82 33.83 -22.96
CA THR A 110 -3.49 33.78 -24.24
C THR A 110 -3.35 32.40 -24.87
N LEU A 111 -4.32 32.02 -25.70
CA LEU A 111 -4.37 30.69 -26.31
C LEU A 111 -4.72 30.78 -27.79
N VAL A 112 -3.95 31.56 -28.55
CA VAL A 112 -4.25 31.80 -29.96
C VAL A 112 -4.40 30.48 -30.72
N ASP A 113 -5.36 30.44 -31.65
CA ASP A 113 -5.66 29.27 -32.44
C ASP A 113 -6.27 29.69 -33.78
N THR A 114 -5.76 29.13 -34.88
CA THR A 114 -6.23 29.47 -36.22
C THR A 114 -7.13 28.36 -36.75
N GLY A 115 -8.40 28.40 -36.34
CA GLY A 115 -9.37 27.38 -36.67
C GLY A 115 -10.51 27.89 -37.53
N ILE A 116 -11.69 27.31 -37.32
CA ILE A 116 -12.84 27.65 -38.16
C ILE A 116 -13.40 29.02 -37.81
N GLY A 117 -13.45 29.35 -36.53
CA GLY A 117 -14.00 30.61 -36.08
C GLY A 117 -15.48 30.52 -35.74
N MET A 118 -16.01 31.65 -35.26
CA MET A 118 -17.40 31.74 -34.84
C MET A 118 -17.99 33.07 -35.31
N THR A 119 -19.24 33.01 -35.75
CA THR A 119 -19.95 34.20 -36.22
C THR A 119 -20.66 34.87 -35.05
N LYS A 120 -21.54 35.84 -35.35
CA LYS A 120 -22.28 36.51 -34.30
C LYS A 120 -23.48 35.71 -33.81
N ALA A 121 -24.19 35.05 -34.72
CA ALA A 121 -25.31 34.22 -34.31
C ALA A 121 -24.88 32.98 -33.56
N ASP A 122 -23.59 32.65 -33.57
CA ASP A 122 -23.07 31.49 -32.86
C ASP A 122 -22.30 31.87 -31.60
N LEU A 123 -22.07 33.16 -31.36
CA LEU A 123 -21.50 33.63 -30.11
C LEU A 123 -22.54 33.81 -29.02
N ILE A 124 -23.82 33.72 -29.36
CA ILE A 124 -24.90 33.86 -28.39
C ILE A 124 -25.69 32.57 -28.19
N ASN A 125 -25.63 31.63 -29.14
CA ASN A 125 -26.34 30.37 -29.01
C ASN A 125 -25.44 29.22 -28.56
N ASN A 126 -24.13 29.40 -28.57
CA ASN A 126 -23.19 28.35 -28.19
C ASN A 126 -22.44 28.66 -26.90
N LEU A 127 -21.93 29.89 -26.74
CA LEU A 127 -21.22 30.28 -25.54
C LEU A 127 -22.12 31.00 -24.54
N GLY A 128 -23.41 31.09 -24.79
CA GLY A 128 -24.33 31.73 -23.87
C GLY A 128 -25.54 30.87 -23.57
N THR A 129 -25.35 29.56 -23.50
CA THR A 129 -26.42 28.64 -23.18
C THR A 129 -25.81 27.40 -22.53
N ILE A 130 -26.29 27.05 -21.34
CA ILE A 130 -25.81 25.88 -20.65
C ILE A 130 -26.37 24.62 -21.32
N ALA A 131 -25.52 23.63 -21.51
CA ALA A 131 -25.87 22.38 -22.19
C ALA A 131 -26.33 22.63 -23.64
N LYS A 132 -25.41 23.14 -24.44
CA LYS A 132 -25.63 23.32 -25.88
C LYS A 132 -24.29 23.29 -26.59
N SER A 133 -24.10 22.35 -27.50
CA SER A 133 -22.86 22.21 -28.25
C SER A 133 -23.08 22.40 -29.74
N GLY A 134 -22.00 22.70 -30.44
CA GLY A 134 -22.03 22.85 -31.88
C GLY A 134 -21.38 21.67 -32.59
N THR A 135 -20.55 20.93 -31.86
CA THR A 135 -19.96 19.72 -32.42
C THR A 135 -21.02 18.68 -32.74
N LYS A 136 -21.97 18.49 -31.83
CA LYS A 136 -23.00 17.47 -32.02
C LYS A 136 -23.88 17.79 -33.22
N ALA A 137 -24.28 19.04 -33.37
CA ALA A 137 -25.08 19.43 -34.53
C ALA A 137 -24.30 19.24 -35.82
N PHE A 138 -22.98 19.47 -35.78
CA PHE A 138 -22.15 19.21 -36.94
C PHE A 138 -22.14 17.72 -37.30
N MET A 139 -21.97 16.86 -36.30
CA MET A 139 -21.96 15.42 -36.57
C MET A 139 -23.32 14.89 -37.02
N GLU A 140 -24.42 15.54 -36.64
CA GLU A 140 -25.73 15.10 -37.12
C GLU A 140 -25.90 15.27 -38.62
N ALA A 141 -25.38 16.36 -39.19
CA ALA A 141 -25.68 16.69 -40.59
C ALA A 141 -24.88 15.83 -41.57
N LEU A 142 -23.87 15.10 -41.11
CA LEU A 142 -23.08 14.27 -42.00
C LEU A 142 -23.92 13.09 -42.50
N GLN A 143 -23.59 12.61 -43.70
CA GLN A 143 -24.38 11.55 -44.33
C GLN A 143 -23.84 10.16 -44.00
N ALA A 144 -23.61 9.92 -42.71
CA ALA A 144 -23.12 8.63 -42.20
C ALA A 144 -21.84 8.20 -42.91
N GLY A 145 -20.96 9.16 -43.18
CA GLY A 145 -19.71 8.87 -43.83
C GLY A 145 -18.59 8.62 -42.86
N ALA A 146 -18.81 8.98 -41.60
CA ALA A 146 -17.84 8.79 -40.51
C ALA A 146 -16.57 9.55 -40.88
N ASP A 147 -15.40 8.89 -40.95
CA ASP A 147 -14.10 9.48 -41.28
C ASP A 147 -13.83 10.78 -40.50
N ILE A 148 -14.42 10.92 -39.31
CA ILE A 148 -14.19 12.07 -38.45
C ILE A 148 -14.51 11.67 -37.02
N SER A 149 -13.77 12.24 -36.07
CA SER A 149 -13.93 11.91 -34.66
C SER A 149 -13.53 13.12 -33.84
N MET A 150 -14.50 13.72 -33.15
CA MET A 150 -14.28 14.93 -32.37
C MET A 150 -14.65 14.70 -30.92
N ILE A 151 -13.99 15.45 -30.04
CA ILE A 151 -14.14 15.30 -28.60
C ILE A 151 -15.25 16.20 -28.09
N GLY A 152 -16.02 15.70 -27.13
CA GLY A 152 -16.98 16.52 -26.43
C GLY A 152 -18.36 16.56 -27.05
N GLN A 153 -19.38 16.22 -26.25
CA GLN A 153 -20.76 16.34 -26.70
C GLN A 153 -21.70 16.84 -25.61
N PHE A 154 -21.20 17.26 -24.44
CA PHE A 154 -22.06 17.61 -23.32
C PHE A 154 -22.37 19.09 -23.22
N GLY A 155 -21.39 19.95 -23.41
CA GLY A 155 -21.66 21.37 -23.51
C GLY A 155 -21.35 22.21 -22.29
N VAL A 156 -20.53 21.72 -21.37
CA VAL A 156 -20.04 22.51 -20.24
C VAL A 156 -18.53 22.29 -20.14
N GLY A 157 -17.75 23.14 -20.80
CA GLY A 157 -16.30 23.04 -20.68
C GLY A 157 -15.53 24.34 -20.78
N PHE A 158 -16.24 25.46 -20.89
CA PHE A 158 -15.63 26.77 -20.85
C PHE A 158 -15.53 27.31 -19.43
N TYR A 159 -16.47 26.91 -18.59
CA TYR A 159 -16.49 27.34 -17.20
C TYR A 159 -15.45 26.63 -16.37
N SER A 160 -14.92 25.50 -16.86
CA SER A 160 -13.70 24.96 -16.29
C SER A 160 -12.56 25.96 -16.44
N ALA A 161 -12.46 26.61 -17.60
CA ALA A 161 -11.54 27.73 -17.73
C ALA A 161 -11.96 28.87 -16.82
N TYR A 162 -13.25 28.94 -16.49
CA TYR A 162 -13.67 29.96 -15.54
C TYR A 162 -13.21 29.65 -14.12
N LEU A 163 -12.80 28.41 -13.85
CA LEU A 163 -12.37 28.03 -12.50
C LEU A 163 -11.20 28.88 -12.00
N VAL A 164 -10.29 29.29 -12.88
CA VAL A 164 -9.03 29.90 -12.48
C VAL A 164 -9.01 31.41 -12.70
N ALA A 165 -9.75 31.93 -13.68
CA ALA A 165 -9.72 33.34 -14.00
C ALA A 165 -11.00 34.01 -13.52
N GLU A 166 -10.94 35.34 -13.42
CA GLU A 166 -12.08 36.15 -13.01
C GLU A 166 -12.70 36.95 -14.16
N LYS A 167 -12.01 37.07 -15.29
CA LYS A 167 -12.51 37.82 -16.44
C LYS A 167 -12.06 37.09 -17.70
N VAL A 168 -13.01 36.80 -18.59
CA VAL A 168 -12.70 36.06 -19.81
C VAL A 168 -13.08 36.90 -21.01
N VAL A 169 -12.18 36.99 -21.99
CA VAL A 169 -12.40 37.74 -23.22
C VAL A 169 -12.11 36.82 -24.40
N VAL A 170 -12.95 36.87 -25.42
CA VAL A 170 -12.82 36.05 -26.62
C VAL A 170 -12.86 36.98 -27.83
N ILE A 171 -11.90 36.81 -28.74
CA ILE A 171 -11.88 37.55 -30.00
C ILE A 171 -11.96 36.55 -31.14
N THR A 172 -12.92 36.76 -32.04
CA THR A 172 -13.21 35.74 -33.06
C THR A 172 -13.46 36.39 -34.41
N LYS A 173 -13.22 35.59 -35.46
CA LYS A 173 -13.47 35.99 -36.84
C LYS A 173 -13.82 34.75 -37.66
N HIS A 174 -14.64 34.95 -38.69
CA HIS A 174 -15.13 33.88 -39.54
C HIS A 174 -14.96 34.30 -41.00
N ASN A 175 -15.17 33.34 -41.90
CA ASN A 175 -14.94 33.62 -43.32
C ASN A 175 -16.00 34.56 -43.90
N ASP A 176 -17.14 34.70 -43.24
CA ASP A 176 -18.22 35.54 -43.76
C ASP A 176 -18.84 36.41 -42.66
N ASP A 177 -18.02 37.06 -41.86
CA ASP A 177 -18.50 38.02 -40.86
C ASP A 177 -17.39 39.04 -40.61
N GLU A 178 -17.55 39.84 -39.55
CA GLU A 178 -16.53 40.77 -39.11
C GLU A 178 -16.09 40.42 -37.70
N GLN A 179 -14.91 40.89 -37.33
CA GLN A 179 -14.29 40.50 -36.06
C GLN A 179 -15.13 40.93 -34.88
N TYR A 180 -15.33 40.02 -33.91
CA TYR A 180 -16.22 40.26 -32.79
C TYR A 180 -15.54 39.89 -31.47
N ALA A 181 -16.05 40.49 -30.39
CA ALA A 181 -15.40 40.42 -29.07
C ALA A 181 -16.44 40.11 -28.00
N TRP A 182 -16.27 38.97 -27.32
CA TRP A 182 -17.06 38.53 -26.19
C TRP A 182 -16.30 38.85 -24.90
N GLU A 183 -17.03 39.19 -23.84
CA GLU A 183 -16.38 39.56 -22.58
C GLU A 183 -17.32 39.29 -21.42
N SER A 184 -16.83 38.66 -20.37
CA SER A 184 -17.69 38.38 -19.23
C SER A 184 -16.89 38.27 -17.94
N SER A 185 -17.62 38.44 -16.83
CA SER A 185 -17.09 38.43 -15.47
C SER A 185 -18.00 37.62 -14.53
N ALA A 186 -18.77 36.69 -15.08
CA ALA A 186 -19.61 35.74 -14.36
C ALA A 186 -20.83 36.39 -13.71
N GLY A 187 -21.99 35.77 -13.88
CA GLY A 187 -23.21 36.24 -13.24
C GLY A 187 -24.11 37.05 -14.15
N GLY A 188 -25.12 36.40 -14.71
CA GLY A 188 -26.18 37.02 -15.50
C GLY A 188 -25.83 38.18 -16.41
N SER A 189 -24.74 38.08 -17.18
CA SER A 189 -24.38 39.16 -18.08
C SER A 189 -23.27 38.71 -19.02
N PHE A 190 -23.27 39.25 -20.25
CA PHE A 190 -22.16 39.17 -21.17
C PHE A 190 -22.41 40.12 -22.35
N THR A 191 -21.33 40.69 -22.88
CA THR A 191 -21.40 41.73 -23.91
C THR A 191 -20.76 41.25 -25.20
N VAL A 192 -21.35 41.66 -26.34
CA VAL A 192 -21.01 41.09 -27.64
C VAL A 192 -20.71 42.23 -28.63
N ARG A 193 -20.10 43.31 -28.15
CA ARG A 193 -19.80 44.45 -29.02
C ARG A 193 -18.93 44.04 -30.20
N ALA A 194 -18.85 44.95 -31.18
CA ALA A 194 -17.98 44.78 -32.34
C ALA A 194 -16.63 45.42 -32.08
N ASP A 195 -15.61 44.89 -32.78
CA ASP A 195 -14.23 45.26 -32.48
C ASP A 195 -13.46 45.58 -33.74
N HIS A 196 -12.85 46.76 -33.78
CA HIS A 196 -11.91 47.16 -34.83
C HIS A 196 -10.63 47.62 -34.14
N GLY A 197 -9.77 46.68 -33.77
CA GLY A 197 -8.52 47.09 -33.19
C GLY A 197 -7.31 46.25 -33.54
N GLU A 198 -7.50 45.18 -34.32
CA GLU A 198 -6.43 44.23 -34.62
C GLU A 198 -6.86 43.32 -35.76
N PRO A 199 -6.01 43.09 -36.75
CA PRO A 199 -6.37 42.15 -37.82
C PRO A 199 -5.99 40.71 -37.50
N ILE A 200 -6.98 39.83 -37.51
CA ILE A 200 -6.77 38.40 -37.42
C ILE A 200 -7.32 37.78 -38.69
N GLY A 201 -6.49 36.96 -39.35
CA GLY A 201 -6.91 36.34 -40.60
C GLY A 201 -8.15 35.50 -40.45
N ARG A 202 -8.02 34.41 -39.70
CA ARG A 202 -9.15 33.54 -39.39
C ARG A 202 -8.81 32.70 -38.18
N GLY A 203 -9.65 32.71 -37.15
CA GLY A 203 -9.40 31.91 -35.98
C GLY A 203 -10.09 32.39 -34.73
N THR A 204 -9.41 32.27 -33.60
CA THR A 204 -9.96 32.63 -32.30
C THR A 204 -8.80 33.00 -31.38
N LYS A 205 -9.14 33.71 -30.30
CA LYS A 205 -8.11 34.15 -29.37
C LYS A 205 -8.77 34.35 -28.00
N VAL A 206 -8.37 33.54 -27.02
CA VAL A 206 -8.98 33.51 -25.70
C VAL A 206 -7.99 34.12 -24.71
N ILE A 207 -8.44 35.15 -23.99
CA ILE A 207 -7.62 35.85 -23.02
C ILE A 207 -8.25 35.68 -21.65
N LEU A 208 -7.46 35.16 -20.71
CA LEU A 208 -7.86 34.96 -19.33
C LEU A 208 -7.19 35.99 -18.44
N HIS A 209 -7.94 36.61 -17.55
CA HIS A 209 -7.40 37.56 -16.60
C HIS A 209 -7.28 36.86 -15.25
N LEU A 210 -6.06 36.46 -14.91
CA LEU A 210 -5.83 35.66 -13.71
C LEU A 210 -6.07 36.50 -12.45
N LYS A 211 -6.35 35.80 -11.36
CA LYS A 211 -6.51 36.43 -10.06
C LYS A 211 -5.28 36.18 -9.20
N GLU A 212 -5.19 36.93 -8.11
CA GLU A 212 -3.94 37.05 -7.36
C GLU A 212 -3.53 35.71 -6.75
N ASP A 213 -4.49 34.91 -6.29
CA ASP A 213 -4.14 33.66 -5.63
C ASP A 213 -3.45 32.69 -6.59
N GLN A 214 -4.04 32.47 -7.76
CA GLN A 214 -3.54 31.48 -8.71
C GLN A 214 -2.74 32.18 -9.80
N THR A 215 -1.49 32.49 -9.48
CA THR A 215 -0.57 33.15 -10.40
C THR A 215 0.68 32.32 -10.64
N GLU A 216 0.56 31.00 -10.49
CA GLU A 216 1.67 30.08 -10.74
C GLU A 216 1.60 29.45 -12.12
N TYR A 217 0.56 29.74 -12.90
CA TYR A 217 0.40 29.18 -14.23
C TYR A 217 1.03 30.06 -15.30
N LEU A 218 1.72 31.13 -14.91
CA LEU A 218 2.45 31.98 -15.84
C LEU A 218 3.91 31.56 -15.98
N GLU A 219 4.32 30.49 -15.31
CA GLU A 219 5.72 30.06 -15.34
C GLU A 219 5.94 29.07 -16.47
N GLU A 220 7.15 28.50 -16.52
CA GLU A 220 7.47 27.54 -17.55
C GLU A 220 7.17 26.11 -17.10
N ARG A 221 7.66 25.75 -15.91
CA ARG A 221 7.57 24.36 -15.45
C ARG A 221 6.13 23.90 -15.31
N ARG A 222 5.27 24.75 -14.74
CA ARG A 222 3.89 24.34 -14.50
C ARG A 222 3.14 24.08 -15.80
N VAL A 223 3.22 25.02 -16.74
CA VAL A 223 2.54 24.86 -18.03
C VAL A 223 3.11 23.66 -18.76
N LYS A 224 4.43 23.50 -18.74
CA LYS A 224 5.07 22.39 -19.43
C LYS A 224 4.59 21.06 -18.88
N GLU A 225 4.56 20.92 -17.55
CA GLU A 225 4.13 19.67 -16.94
C GLU A 225 2.68 19.37 -17.24
N VAL A 226 1.80 20.38 -17.11
CA VAL A 226 0.38 20.13 -17.34
C VAL A 226 0.14 19.69 -18.78
N VAL A 227 0.75 20.39 -19.74
CA VAL A 227 0.58 20.05 -21.15
C VAL A 227 1.15 18.66 -21.44
N LYS A 228 2.35 18.36 -20.95
CA LYS A 228 2.98 17.08 -21.27
C LYS A 228 2.25 15.91 -20.62
N LYS A 229 1.58 16.13 -19.50
CA LYS A 229 0.91 15.03 -18.81
C LYS A 229 -0.53 14.83 -19.25
N HIS A 230 -1.27 15.87 -19.60
CA HIS A 230 -2.70 15.70 -19.87
C HIS A 230 -3.03 15.59 -21.35
N SER A 231 -2.39 16.35 -22.22
CA SER A 231 -2.72 16.31 -23.64
C SER A 231 -1.45 16.56 -24.45
N GLN A 232 -0.79 15.49 -24.87
CA GLN A 232 0.41 15.59 -25.67
C GLN A 232 0.34 14.84 -26.99
N PHE A 233 -0.69 14.03 -27.21
CA PHE A 233 -0.84 13.29 -28.45
C PHE A 233 -1.87 13.91 -29.38
N ILE A 234 -2.25 15.17 -29.13
CA ILE A 234 -3.09 15.91 -30.05
C ILE A 234 -2.36 16.07 -31.36
N GLY A 235 -3.10 16.05 -32.47
CA GLY A 235 -2.51 15.94 -33.79
C GLY A 235 -1.87 17.22 -34.32
N TYR A 236 -1.84 18.28 -33.54
CA TYR A 236 -1.35 19.53 -34.10
C TYR A 236 -0.21 20.12 -33.26
N PRO A 237 0.64 20.95 -33.87
CA PRO A 237 1.86 21.42 -33.18
C PRO A 237 1.65 22.50 -32.13
N ILE A 238 1.38 22.11 -30.89
CA ILE A 238 1.32 23.05 -29.77
C ILE A 238 2.69 23.69 -29.62
N THR A 239 2.73 25.03 -29.64
CA THR A 239 3.97 25.77 -29.43
C THR A 239 3.82 26.74 -28.27
N LEU A 240 4.93 27.35 -27.87
CA LEU A 240 4.96 28.23 -26.71
C LEU A 240 5.90 29.41 -27.00
N TYR A 241 5.60 30.57 -26.40
CA TYR A 241 6.23 31.84 -26.74
C TYR A 241 6.79 32.55 -25.51
N LEU A 242 7.48 31.84 -24.61
CA LEU A 242 7.92 32.51 -23.40
C LEU A 242 9.07 33.47 -23.73
N GLU A 243 9.32 34.39 -22.81
CA GLU A 243 10.35 35.40 -22.97
C GLU A 243 11.60 35.01 -22.18
N LYS A 244 12.73 34.94 -22.87
CA LYS A 244 14.00 34.58 -22.27
C LYS A 244 14.93 35.79 -22.28
N GLU A 245 16.16 35.55 -21.81
CA GLU A 245 17.21 36.55 -21.82
C GLU A 245 18.52 35.90 -22.22
N ARG A 246 19.24 36.53 -23.13
CA ARG A 246 20.47 35.98 -23.67
C ARG A 246 21.44 37.12 -23.92
N GLU A 247 22.73 36.82 -23.76
CA GLU A 247 23.77 37.82 -23.97
C GLU A 247 25.13 37.16 -24.22
N LYS A 298 18.51 39.03 -24.46
CA LYS A 298 17.97 40.23 -23.84
C LYS A 298 16.59 40.56 -24.39
N GLU A 299 15.59 39.83 -23.92
CA GLU A 299 14.21 39.97 -24.38
C GLU A 299 14.13 39.75 -25.90
N LYS A 300 14.44 38.52 -26.29
CA LYS A 300 14.57 38.16 -27.70
C LYS A 300 13.51 37.18 -28.20
N TYR A 301 12.65 36.68 -27.31
CA TYR A 301 11.59 35.71 -27.64
C TYR A 301 12.16 34.35 -28.03
N ILE A 302 11.46 33.29 -27.68
CA ILE A 302 11.92 31.92 -27.92
C ILE A 302 10.76 31.09 -28.46
N ASP A 303 11.07 30.14 -29.33
CA ASP A 303 10.10 29.26 -29.95
C ASP A 303 10.42 27.84 -29.50
N GLN A 304 9.63 27.32 -28.57
CA GLN A 304 9.87 25.99 -28.03
C GLN A 304 8.67 25.13 -28.40
N GLU A 305 8.71 24.58 -29.62
CA GLU A 305 7.65 23.73 -30.15
C GLU A 305 7.66 22.35 -29.53
N GLU A 306 8.68 22.03 -28.75
CA GLU A 306 8.90 20.67 -28.26
C GLU A 306 7.89 20.25 -27.20
N LEU A 307 6.81 21.00 -27.03
CA LEU A 307 5.78 20.58 -26.10
C LEU A 307 5.16 19.25 -26.53
N ASN A 308 5.08 19.01 -27.84
CA ASN A 308 4.82 17.67 -28.34
C ASN A 308 5.63 17.43 -29.61
N LYS A 309 6.38 16.35 -29.60
CA LYS A 309 7.20 15.95 -30.74
C LYS A 309 6.99 14.51 -31.14
N THR A 310 6.61 13.64 -30.19
CA THR A 310 6.39 12.24 -30.48
C THR A 310 4.96 12.03 -30.94
N LYS A 311 4.80 11.46 -32.13
CA LYS A 311 3.48 11.20 -32.70
C LYS A 311 2.92 9.87 -32.20
N PRO A 312 1.60 9.70 -32.22
CA PRO A 312 1.01 8.41 -31.85
C PRO A 312 1.26 7.37 -32.93
N ILE A 313 1.89 6.26 -32.55
CA ILE A 313 2.20 5.19 -33.49
C ILE A 313 1.02 4.23 -33.64
N TRP A 314 0.27 4.02 -32.57
CA TRP A 314 -0.73 2.95 -32.54
C TRP A 314 -1.92 3.18 -33.46
N THR A 315 -1.89 4.21 -34.31
CA THR A 315 -2.92 4.40 -35.32
C THR A 315 -2.53 3.89 -36.70
N ARG A 316 -1.26 3.51 -36.89
CA ARG A 316 -0.78 3.01 -38.17
C ARG A 316 -1.07 1.52 -38.31
N ASN A 317 -0.92 1.02 -39.53
CA ASN A 317 -1.07 -0.41 -39.77
C ASN A 317 0.16 -1.15 -39.24
N PRO A 318 -0.02 -2.31 -38.61
CA PRO A 318 1.12 -2.98 -37.95
C PRO A 318 2.27 -3.31 -38.87
N ASP A 319 2.01 -3.54 -40.15
CA ASP A 319 3.05 -4.02 -41.07
C ASP A 319 4.01 -2.94 -41.53
N ASP A 320 3.64 -1.66 -41.41
CA ASP A 320 4.39 -0.57 -42.02
C ASP A 320 5.32 0.13 -41.03
N ILE A 321 5.69 -0.53 -39.93
CA ILE A 321 6.53 0.07 -38.91
C ILE A 321 7.79 -0.77 -38.77
N THR A 322 8.89 -0.12 -38.44
CA THR A 322 10.18 -0.77 -38.26
C THR A 322 10.58 -0.76 -36.80
N GLN A 323 11.74 -1.34 -36.50
CA GLN A 323 12.12 -1.55 -35.10
C GLN A 323 12.61 -0.28 -34.43
N GLU A 324 13.32 0.58 -35.18
CA GLU A 324 13.87 1.80 -34.56
C GLU A 324 12.78 2.74 -34.11
N GLU A 325 11.68 2.84 -34.87
CA GLU A 325 10.57 3.69 -34.47
C GLU A 325 9.94 3.19 -33.17
N TYR A 326 9.73 1.87 -33.08
CA TYR A 326 9.19 1.29 -31.85
C TYR A 326 10.10 1.57 -30.68
N GLY A 327 11.41 1.41 -30.88
CA GLY A 327 12.35 1.68 -29.81
C GLY A 327 12.33 3.13 -29.36
N GLU A 328 12.25 4.06 -30.32
CA GLU A 328 12.21 5.47 -29.97
C GLU A 328 10.95 5.82 -29.18
N PHE A 329 9.81 5.27 -29.59
CA PHE A 329 8.57 5.51 -28.85
C PHE A 329 8.67 4.95 -27.43
N TYR A 330 9.19 3.72 -27.30
CA TYR A 330 9.31 3.13 -25.97
C TYR A 330 10.25 3.94 -25.09
N LYS A 331 11.36 4.43 -25.67
CA LYS A 331 12.30 5.24 -24.90
C LYS A 331 11.65 6.53 -24.43
N SER A 332 11.02 7.27 -25.35
CA SER A 332 10.34 8.49 -24.94
C SER A 332 8.87 8.24 -24.63
N LEU A 333 8.60 7.17 -23.90
CA LEU A 333 7.38 7.02 -23.13
C LEU A 333 7.61 6.59 -21.70
N THR A 334 8.64 5.78 -21.41
CA THR A 334 9.15 5.56 -20.07
C THR A 334 10.66 5.72 -20.15
N ASN A 335 11.20 6.76 -19.51
CA ASN A 335 12.61 7.09 -19.67
C ASN A 335 13.50 5.92 -19.30
N ASP A 336 14.27 5.45 -20.28
CA ASP A 336 15.16 4.31 -20.09
C ASP A 336 16.20 4.36 -21.19
N TRP A 337 17.40 3.88 -20.87
CA TRP A 337 18.54 3.96 -21.78
C TRP A 337 18.73 2.70 -22.61
N GLU A 338 17.69 1.91 -22.80
CA GLU A 338 17.77 0.70 -23.61
C GLU A 338 16.41 0.48 -24.26
N ASP A 339 16.41 -0.22 -25.39
CA ASP A 339 15.18 -0.46 -26.12
C ASP A 339 14.46 -1.68 -25.56
N HIS A 340 13.47 -2.17 -26.27
CA HIS A 340 12.56 -3.19 -25.77
C HIS A 340 13.08 -4.58 -26.10
N LEU A 341 12.27 -5.59 -25.81
CA LEU A 341 12.58 -6.99 -26.10
C LEU A 341 11.55 -7.65 -27.01
N ALA A 342 10.27 -7.34 -26.82
CA ALA A 342 9.21 -7.81 -27.72
C ALA A 342 8.06 -6.83 -27.63
N VAL A 343 7.29 -6.75 -28.71
CA VAL A 343 6.23 -5.76 -28.81
C VAL A 343 5.03 -6.38 -29.50
N LYS A 344 3.84 -6.16 -28.95
CA LYS A 344 2.59 -6.66 -29.51
C LYS A 344 1.73 -5.49 -29.95
N HIS A 345 0.98 -5.72 -31.03
CA HIS A 345 0.20 -4.66 -31.66
C HIS A 345 -1.02 -5.30 -32.30
N PHE A 346 -2.21 -5.08 -31.74
CA PHE A 346 -3.42 -5.70 -32.24
C PHE A 346 -4.60 -4.74 -32.13
N SER A 347 -5.74 -5.20 -32.64
CA SER A 347 -6.97 -4.42 -32.65
C SER A 347 -8.15 -5.37 -32.51
N VAL A 348 -9.28 -4.83 -32.07
CA VAL A 348 -10.50 -5.61 -31.86
C VAL A 348 -11.64 -4.80 -32.48
N GLU A 349 -12.01 -5.15 -33.71
CA GLU A 349 -13.07 -4.44 -34.44
C GLU A 349 -14.40 -5.20 -34.34
N GLY A 350 -14.89 -5.33 -33.12
CA GLY A 350 -16.20 -5.92 -32.90
C GLY A 350 -17.23 -4.85 -32.58
N GLN A 351 -18.22 -5.19 -31.75
CA GLN A 351 -19.11 -4.17 -31.22
C GLN A 351 -18.35 -3.20 -30.34
N LEU A 352 -17.36 -3.67 -29.60
CA LEU A 352 -16.43 -2.83 -28.87
C LEU A 352 -15.19 -2.61 -29.72
N GLU A 353 -14.66 -1.39 -29.68
CA GLU A 353 -13.50 -1.03 -30.49
C GLU A 353 -12.40 -0.50 -29.59
N PHE A 354 -11.22 -1.12 -29.65
CA PHE A 354 -10.05 -0.60 -28.98
C PHE A 354 -8.82 -1.21 -29.63
N ARG A 355 -7.70 -0.47 -29.55
CA ARG A 355 -6.43 -0.95 -30.05
C ARG A 355 -5.37 -0.71 -28.99
N ALA A 356 -4.52 -1.71 -28.78
CA ALA A 356 -3.56 -1.67 -27.69
C ALA A 356 -2.14 -1.77 -28.24
N LEU A 357 -1.18 -1.58 -27.35
CA LEU A 357 0.23 -1.71 -27.70
C LEU A 357 0.97 -2.00 -26.40
N LEU A 358 1.55 -3.21 -26.31
CA LEU A 358 2.21 -3.68 -25.09
C LEU A 358 3.67 -4.02 -25.38
N PHE A 359 4.56 -3.69 -24.45
CA PHE A 359 5.98 -3.94 -24.56
C PHE A 359 6.43 -4.89 -23.46
N ILE A 360 7.71 -5.24 -23.49
CA ILE A 360 8.31 -6.08 -22.46
C ILE A 360 9.66 -5.48 -22.10
N PRO A 361 9.85 -5.03 -20.85
CA PRO A 361 11.13 -4.43 -20.48
C PRO A 361 12.26 -5.45 -20.54
N ARG A 362 13.45 -4.95 -20.84
CA ARG A 362 14.64 -5.80 -20.94
C ARG A 362 15.17 -6.21 -19.58
N ARG A 363 14.90 -5.44 -18.53
CA ARG A 363 15.40 -5.72 -17.20
C ARG A 363 14.38 -5.27 -16.18
N ALA A 364 14.14 -6.10 -15.17
CA ALA A 364 13.01 -5.89 -14.27
C ALA A 364 13.27 -4.68 -13.37
N PRO A 365 12.25 -3.87 -13.10
CA PRO A 365 12.42 -2.74 -12.18
C PRO A 365 12.66 -3.23 -10.75
N PHE A 366 13.29 -2.37 -9.96
CA PHE A 366 13.69 -2.79 -8.62
C PHE A 366 12.49 -2.87 -7.67
N ASP A 367 11.60 -1.90 -7.68
CA ASP A 367 10.45 -1.88 -6.79
C ASP A 367 9.18 -2.35 -7.49
N LEU A 368 9.16 -3.61 -7.91
CA LEU A 368 7.99 -4.14 -8.60
C LEU A 368 7.19 -5.12 -7.76
N PHE A 369 7.59 -5.36 -6.52
CA PHE A 369 6.87 -6.25 -5.62
C PHE A 369 6.66 -5.58 -4.27
N GLU A 370 6.23 -4.32 -4.30
CA GLU A 370 6.01 -3.52 -3.11
C GLU A 370 4.55 -3.59 -2.69
N ASN A 371 4.16 -2.73 -1.74
CA ASN A 371 2.85 -2.84 -1.12
C ASN A 371 1.79 -1.98 -1.82
N LYS A 372 1.98 -0.67 -1.85
CA LYS A 372 0.92 0.25 -2.27
C LYS A 372 1.43 1.32 -3.23
N LYS A 373 2.48 1.01 -3.98
CA LYS A 373 3.02 1.98 -4.93
C LYS A 373 1.97 2.34 -5.97
N LYS A 374 2.00 3.60 -6.41
CA LYS A 374 1.04 4.08 -7.39
C LYS A 374 1.33 3.45 -8.74
N LYS A 375 0.63 2.35 -9.05
CA LYS A 375 0.91 1.59 -10.26
C LYS A 375 0.56 2.42 -11.50
N ASN A 376 1.47 2.43 -12.47
CA ASN A 376 1.23 3.10 -13.74
C ASN A 376 1.96 2.30 -14.82
N ASN A 377 1.24 1.36 -15.42
CA ASN A 377 1.75 0.56 -16.53
C ASN A 377 0.90 0.69 -17.77
N ILE A 378 -0.42 0.53 -17.66
CA ILE A 378 -1.34 0.66 -18.77
C ILE A 378 -2.16 1.92 -18.56
N LYS A 379 -2.13 2.82 -19.56
CA LYS A 379 -2.84 4.09 -19.49
C LYS A 379 -3.98 4.09 -20.49
N LEU A 380 -5.16 4.51 -20.05
CA LEU A 380 -6.29 4.61 -20.96
C LEU A 380 -6.23 5.91 -21.76
N TYR A 381 -6.90 5.87 -22.91
CA TYR A 381 -6.90 7.01 -23.84
C TYR A 381 -8.20 6.92 -24.65
N VAL A 382 -9.17 7.77 -24.31
CA VAL A 382 -10.39 7.87 -25.08
C VAL A 382 -10.24 9.05 -26.03
N ARG A 383 -10.03 8.75 -27.31
CA ARG A 383 -9.83 9.76 -28.36
C ARG A 383 -8.62 10.64 -28.06
N ARG A 384 -7.48 9.98 -27.82
CA ARG A 384 -6.18 10.65 -27.68
C ARG A 384 -6.16 11.65 -26.53
N VAL A 385 -6.95 11.40 -25.50
CA VAL A 385 -6.99 12.23 -24.31
C VAL A 385 -6.89 11.34 -23.09
N PHE A 386 -5.97 11.67 -22.19
CA PHE A 386 -5.72 10.86 -21.01
C PHE A 386 -6.96 10.83 -20.12
N ILE A 387 -7.28 9.64 -19.60
CA ILE A 387 -8.43 9.48 -18.71
C ILE A 387 -7.97 9.07 -17.32
N MET A 388 -7.29 7.93 -17.22
CA MET A 388 -6.81 7.44 -15.94
C MET A 388 -5.81 6.32 -16.20
N ASP A 389 -4.99 6.04 -15.20
CA ASP A 389 -3.94 5.03 -15.35
C ASP A 389 -3.86 4.03 -14.21
N SER A 390 -4.59 4.22 -13.12
CA SER A 390 -4.44 3.32 -11.97
C SER A 390 -5.20 2.02 -12.20
N CYS A 391 -6.54 2.10 -12.26
CA CYS A 391 -7.41 0.96 -12.51
C CYS A 391 -7.31 -0.10 -11.42
N ASP A 392 -8.38 -0.88 -11.25
CA ASP A 392 -8.29 -2.04 -10.37
C ASP A 392 -8.04 -3.31 -11.18
N GLU A 393 -8.88 -3.56 -12.17
CA GLU A 393 -8.82 -4.77 -13.01
C GLU A 393 -8.68 -4.36 -14.46
N LEU A 394 -7.44 -4.16 -14.90
CA LEU A 394 -7.09 -4.13 -16.32
C LEU A 394 -6.15 -5.25 -16.71
N ILE A 395 -5.18 -5.57 -15.87
CA ILE A 395 -4.33 -6.75 -16.01
C ILE A 395 -4.24 -7.40 -14.63
N PRO A 396 -4.20 -8.73 -14.55
CA PRO A 396 -4.07 -9.37 -13.24
C PRO A 396 -2.74 -9.08 -12.56
N GLU A 397 -2.57 -9.59 -11.34
CA GLU A 397 -1.45 -9.20 -10.50
C GLU A 397 -0.10 -9.60 -11.11
N TYR A 398 0.00 -10.80 -11.66
CA TYR A 398 1.31 -11.31 -12.03
C TYR A 398 1.85 -10.67 -13.30
N LEU A 399 0.98 -10.10 -14.14
CA LEU A 399 1.42 -9.37 -15.32
C LEU A 399 1.59 -7.91 -14.93
N ASN A 400 2.74 -7.59 -14.36
CA ASN A 400 3.07 -6.24 -13.93
C ASN A 400 4.13 -5.57 -14.79
N PHE A 401 5.04 -6.34 -15.38
CA PHE A 401 6.11 -5.76 -16.18
C PHE A 401 5.60 -5.19 -17.49
N ILE A 402 4.43 -5.65 -17.97
CA ILE A 402 3.90 -5.20 -19.24
C ILE A 402 3.54 -3.72 -19.15
N ARG A 403 4.04 -2.93 -20.10
CA ARG A 403 3.74 -1.51 -20.14
C ARG A 403 3.39 -1.10 -21.57
N GLY A 404 2.44 -0.19 -21.70
CA GLY A 404 1.98 0.23 -23.01
C GLY A 404 0.74 1.10 -22.91
N VAL A 405 0.00 1.14 -24.00
CA VAL A 405 -1.17 2.01 -24.12
C VAL A 405 -2.37 1.24 -24.63
N VAL A 406 -3.56 1.76 -24.30
CA VAL A 406 -4.84 1.20 -24.72
C VAL A 406 -5.75 2.34 -25.16
N ASP A 407 -6.13 2.37 -26.44
CA ASP A 407 -6.97 3.42 -26.98
C ASP A 407 -8.35 2.87 -27.32
N SER A 408 -9.37 3.66 -27.03
CA SER A 408 -10.76 3.28 -27.28
C SER A 408 -11.42 4.37 -28.11
N GLU A 409 -12.73 4.22 -28.31
CA GLU A 409 -13.47 5.23 -29.06
C GLU A 409 -14.75 5.65 -28.35
N ASP A 410 -15.31 4.77 -27.54
CA ASP A 410 -16.52 5.10 -26.78
C ASP A 410 -16.55 4.31 -25.49
N LEU A 411 -16.90 4.99 -24.40
CA LEU A 411 -16.94 4.42 -23.06
C LEU A 411 -17.91 5.25 -22.22
N PRO A 412 -18.49 4.68 -21.17
CA PRO A 412 -19.32 5.48 -20.26
C PRO A 412 -18.45 6.32 -19.34
N LEU A 413 -18.56 7.63 -19.44
CA LEU A 413 -17.67 8.55 -18.75
C LEU A 413 -18.45 9.49 -17.86
N ASN A 414 -17.77 10.02 -16.86
CA ASN A 414 -18.36 10.91 -15.87
C ASN A 414 -18.49 12.32 -16.43
N ILE A 415 -18.80 13.28 -15.57
CA ILE A 415 -18.83 14.68 -15.96
C ILE A 415 -17.47 15.36 -15.83
N SER A 416 -16.55 14.78 -15.08
CA SER A 416 -15.21 15.34 -14.91
C SER A 416 -14.17 14.69 -15.82
N ARG A 417 -14.53 13.64 -16.54
CA ARG A 417 -13.62 12.95 -17.46
C ARG A 417 -12.36 12.47 -16.74
N GLU A 418 -12.54 11.95 -15.53
CA GLU A 418 -11.42 11.36 -14.79
C GLU A 418 -11.77 9.99 -14.23
N MET A 419 -12.99 9.51 -14.44
CA MET A 419 -13.44 8.31 -13.76
C MET A 419 -14.39 7.56 -14.66
N LEU A 420 -14.38 6.24 -14.54
CA LEU A 420 -15.20 5.37 -15.35
C LEU A 420 -16.49 5.02 -14.62
N GLN A 421 -17.49 4.60 -15.40
CA GLN A 421 -18.84 4.38 -14.88
C GLN A 421 -19.17 2.90 -15.01
N GLN A 422 -19.59 2.30 -13.89
CA GLN A 422 -20.25 0.99 -13.77
C GLN A 422 -19.36 -0.19 -14.16
N SER A 423 -18.17 0.08 -14.70
CA SER A 423 -17.04 -0.86 -14.76
C SER A 423 -17.47 -2.27 -15.18
N LYS A 424 -17.93 -2.38 -16.43
CA LYS A 424 -18.28 -3.68 -17.01
C LYS A 424 -17.42 -4.05 -18.21
N ILE A 425 -17.10 -3.08 -19.08
CA ILE A 425 -16.28 -3.33 -20.27
C ILE A 425 -14.87 -3.74 -19.89
N LEU A 426 -14.42 -3.33 -18.70
CA LEU A 426 -13.06 -3.64 -18.27
C LEU A 426 -12.82 -5.15 -18.24
N LYS A 427 -13.85 -5.93 -17.96
CA LYS A 427 -13.71 -7.38 -17.96
C LYS A 427 -13.34 -7.90 -19.35
N VAL A 428 -14.03 -7.42 -20.37
CA VAL A 428 -13.74 -7.84 -21.73
C VAL A 428 -12.33 -7.43 -22.12
N ILE A 429 -11.95 -6.20 -21.79
CA ILE A 429 -10.61 -5.73 -22.15
C ILE A 429 -9.55 -6.60 -21.47
N ARG A 430 -9.75 -6.91 -20.19
CA ARG A 430 -8.76 -7.70 -19.45
C ARG A 430 -8.62 -9.10 -20.03
N LYS A 431 -9.75 -9.73 -20.37
CA LYS A 431 -9.69 -11.07 -20.96
C LYS A 431 -8.90 -11.06 -22.27
N ASN A 432 -9.20 -10.11 -23.14
CA ASN A 432 -8.51 -10.05 -24.43
C ASN A 432 -7.02 -9.80 -24.25
N ILE A 433 -6.66 -8.89 -23.33
CA ILE A 433 -5.25 -8.58 -23.12
C ILE A 433 -4.50 -9.81 -22.60
N VAL A 434 -5.10 -10.55 -21.66
CA VAL A 434 -4.45 -11.74 -21.12
C VAL A 434 -4.20 -12.74 -22.23
N LYS A 435 -5.21 -12.97 -23.07
CA LYS A 435 -5.06 -13.95 -24.15
C LYS A 435 -3.92 -13.56 -25.09
N LYS A 436 -3.88 -12.29 -25.52
CA LYS A 436 -2.86 -11.91 -26.49
C LYS A 436 -1.46 -11.88 -25.87
N CYS A 437 -1.35 -11.53 -24.59
CA CYS A 437 -0.05 -11.55 -23.93
C CYS A 437 0.50 -12.97 -23.84
N LEU A 438 -0.38 -13.94 -23.51
CA LEU A 438 0.07 -15.34 -23.50
C LEU A 438 0.48 -15.79 -24.89
N GLU A 439 -0.25 -15.35 -25.92
CA GLU A 439 0.13 -15.67 -27.29
C GLU A 439 1.54 -15.17 -27.59
N LEU A 440 1.84 -13.94 -27.18
CA LEU A 440 3.19 -13.40 -27.39
C LEU A 440 4.23 -14.22 -26.64
N PHE A 441 3.94 -14.60 -25.40
CA PHE A 441 4.90 -15.40 -24.64
C PHE A 441 5.22 -16.70 -25.36
N SER A 442 4.20 -17.36 -25.90
CA SER A 442 4.46 -18.60 -26.65
C SER A 442 5.23 -18.33 -27.93
N GLU A 443 4.95 -17.22 -28.60
CA GLU A 443 5.66 -16.90 -29.84
C GLU A 443 7.14 -16.67 -29.58
N LEU A 444 7.49 -16.01 -28.48
CA LEU A 444 8.89 -15.71 -28.19
C LEU A 444 9.70 -16.95 -27.86
N ALA A 445 9.04 -18.09 -27.59
CA ALA A 445 9.73 -19.28 -27.13
C ALA A 445 10.28 -20.14 -28.26
N GLU A 446 10.46 -19.57 -29.45
CA GLU A 446 11.01 -20.33 -30.57
C GLU A 446 12.53 -20.16 -30.66
N ASP A 447 13.01 -18.93 -30.66
CA ASP A 447 14.45 -18.71 -30.60
C ASP A 447 14.98 -19.06 -29.21
N LYS A 448 16.25 -19.44 -29.16
CA LYS A 448 16.85 -19.92 -27.92
C LYS A 448 17.95 -18.97 -27.43
N GLU A 449 17.83 -17.69 -27.76
CA GLU A 449 18.78 -16.68 -27.30
C GLU A 449 18.11 -15.57 -26.52
N ASN A 450 16.92 -15.14 -26.94
CA ASN A 450 16.17 -14.12 -26.20
C ASN A 450 15.39 -14.73 -25.05
N TYR A 451 14.96 -15.99 -25.18
CA TYR A 451 14.17 -16.59 -24.11
C TYR A 451 14.99 -16.75 -22.83
N LYS A 452 16.29 -16.99 -22.96
CA LYS A 452 17.14 -17.07 -21.79
C LYS A 452 17.14 -15.74 -21.03
N LYS A 453 17.25 -14.64 -21.76
CA LYS A 453 17.24 -13.31 -21.12
C LYS A 453 15.88 -13.01 -20.51
N PHE A 454 14.80 -13.39 -21.19
CA PHE A 454 13.48 -13.15 -20.64
C PHE A 454 13.24 -13.97 -19.37
N TYR A 455 13.64 -15.24 -19.38
CA TYR A 455 13.40 -16.12 -18.25
C TYR A 455 14.33 -15.85 -17.08
N GLU A 456 15.50 -15.29 -17.32
CA GLU A 456 16.41 -15.00 -16.23
C GLU A 456 15.91 -13.88 -15.34
N ALA A 457 15.00 -13.04 -15.83
CA ALA A 457 14.52 -11.89 -15.08
C ALA A 457 13.07 -11.96 -14.65
N PHE A 458 12.18 -12.54 -15.46
CA PHE A 458 10.76 -12.58 -15.16
C PHE A 458 10.27 -14.00 -14.92
N SER A 459 11.10 -14.84 -14.29
CA SER A 459 10.69 -16.21 -14.01
C SER A 459 9.69 -16.26 -12.87
N LYS A 460 9.84 -15.41 -11.87
CA LYS A 460 9.00 -15.46 -10.69
C LYS A 460 7.55 -15.17 -11.01
N ASN A 461 7.27 -14.33 -12.01
CA ASN A 461 5.90 -13.94 -12.29
C ASN A 461 5.08 -15.02 -12.96
N LEU A 462 5.73 -16.01 -13.59
CA LEU A 462 5.00 -17.15 -14.14
C LEU A 462 4.58 -18.12 -13.06
N LYS A 463 5.39 -18.30 -12.02
CA LYS A 463 5.10 -19.20 -10.92
C LYS A 463 4.09 -18.61 -9.93
N LEU A 464 3.55 -17.45 -10.23
CA LEU A 464 2.36 -16.96 -9.55
C LEU A 464 1.08 -17.26 -10.32
N GLY A 465 1.16 -17.40 -11.64
CA GLY A 465 -0.04 -17.71 -12.40
C GLY A 465 -0.57 -19.10 -12.12
N ILE A 466 0.33 -20.06 -11.91
CA ILE A 466 -0.09 -21.41 -11.55
C ILE A 466 -0.78 -21.41 -10.20
N HIS A 467 -0.42 -20.48 -9.34
CA HIS A 467 -1.01 -20.41 -8.01
C HIS A 467 -2.37 -19.73 -8.03
N GLU A 468 -2.44 -18.51 -8.57
CA GLU A 468 -3.68 -17.75 -8.52
C GLU A 468 -4.64 -18.15 -9.64
N ASP A 469 -4.21 -17.97 -10.89
CA ASP A 469 -5.07 -18.28 -12.02
C ASP A 469 -5.36 -19.78 -12.09
N SER A 470 -6.56 -20.13 -12.54
CA SER A 470 -7.02 -21.51 -12.52
C SER A 470 -7.62 -21.97 -13.84
N THR A 471 -7.78 -21.07 -14.82
CA THR A 471 -8.25 -21.45 -16.14
C THR A 471 -7.17 -21.40 -17.19
N ASN A 472 -5.98 -20.89 -16.85
CA ASN A 472 -4.85 -20.84 -17.76
C ASN A 472 -3.66 -21.62 -17.22
N ARG A 473 -3.91 -22.53 -16.28
CA ARG A 473 -2.84 -23.33 -15.70
C ARG A 473 -2.22 -24.27 -16.73
N ARG A 474 -3.05 -24.82 -17.62
CA ARG A 474 -2.59 -25.86 -18.52
C ARG A 474 -1.52 -25.35 -19.48
N ARG A 475 -1.74 -24.18 -20.07
CA ARG A 475 -0.84 -23.65 -21.08
C ARG A 475 0.19 -22.68 -20.51
N LEU A 476 0.16 -22.44 -19.20
CA LEU A 476 1.19 -21.66 -18.53
C LEU A 476 2.31 -22.51 -17.98
N SER A 477 2.14 -23.84 -17.96
CA SER A 477 3.12 -24.76 -17.41
C SER A 477 4.12 -25.25 -18.43
N GLU A 478 3.95 -24.94 -19.71
CA GLU A 478 4.95 -25.31 -20.69
C GLU A 478 6.16 -24.38 -20.66
N LEU A 479 5.95 -23.11 -20.30
CA LEU A 479 7.03 -22.13 -20.30
C LEU A 479 7.90 -22.20 -19.06
N LEU A 480 7.84 -23.29 -18.31
CA LEU A 480 8.68 -23.50 -17.14
C LEU A 480 9.86 -24.36 -17.56
N ARG A 481 11.07 -23.95 -17.17
CA ARG A 481 12.29 -24.62 -17.61
C ARG A 481 13.20 -24.84 -16.42
N TYR A 482 13.32 -26.09 -16.00
CA TYR A 482 14.06 -26.48 -14.81
C TYR A 482 15.42 -27.07 -15.18
N HIS A 483 16.24 -27.31 -14.16
CA HIS A 483 17.48 -28.08 -14.32
C HIS A 483 17.10 -29.56 -14.31
N THR A 484 18.11 -30.43 -14.35
CA THR A 484 17.87 -31.87 -14.35
C THR A 484 19.19 -32.57 -14.03
N SER A 485 19.12 -33.90 -13.97
CA SER A 485 20.27 -34.72 -13.59
C SER A 485 21.07 -35.21 -14.77
N GLN A 486 20.74 -34.78 -15.99
CA GLN A 486 21.48 -35.18 -17.18
C GLN A 486 22.01 -33.98 -17.97
N SER A 487 21.55 -32.76 -17.69
CA SER A 487 21.96 -31.56 -18.39
C SER A 487 22.89 -30.77 -17.49
N GLY A 488 24.15 -30.61 -17.91
CA GLY A 488 25.16 -29.97 -17.09
C GLY A 488 24.85 -28.53 -16.75
N ASP A 489 24.93 -27.63 -17.73
CA ASP A 489 24.45 -26.25 -17.58
C ASP A 489 23.54 -25.96 -18.76
N GLU A 490 22.31 -26.43 -18.67
CA GLU A 490 21.31 -26.27 -19.73
C GLU A 490 19.95 -26.55 -19.11
N MET A 491 19.05 -25.58 -19.17
CA MET A 491 17.73 -25.76 -18.60
C MET A 491 16.83 -26.48 -19.60
N THR A 492 16.33 -27.65 -19.21
CA THR A 492 15.42 -28.41 -20.03
C THR A 492 13.98 -28.08 -19.65
N SER A 493 13.04 -28.77 -20.26
CA SER A 493 11.63 -28.54 -20.03
C SER A 493 10.94 -29.83 -19.64
N LEU A 494 9.71 -29.70 -19.14
CA LEU A 494 8.95 -30.85 -18.70
C LEU A 494 8.57 -31.74 -19.88
N SER A 495 8.17 -31.14 -21.01
CA SER A 495 7.78 -31.91 -22.18
C SER A 495 8.97 -32.65 -22.77
N GLU A 496 10.14 -32.01 -22.77
CA GLU A 496 11.36 -32.69 -23.22
C GLU A 496 11.69 -33.87 -22.32
N TYR A 497 11.49 -33.70 -21.01
CA TYR A 497 11.80 -34.77 -20.05
C TYR A 497 10.82 -35.92 -20.16
N VAL A 498 9.56 -35.65 -20.53
CA VAL A 498 8.59 -36.71 -20.70
C VAL A 498 8.97 -37.63 -21.85
N SER A 499 9.57 -37.07 -22.91
CA SER A 499 9.98 -37.85 -24.06
C SER A 499 11.36 -38.47 -23.90
N ARG A 500 11.81 -38.66 -22.65
CA ARG A 500 13.08 -39.31 -22.40
C ARG A 500 12.96 -40.39 -21.33
N MET A 501 11.76 -40.62 -20.79
CA MET A 501 11.57 -41.61 -19.74
C MET A 501 11.41 -42.99 -20.33
N LYS A 502 11.90 -43.99 -19.60
CA LYS A 502 11.79 -45.37 -20.03
C LYS A 502 10.36 -45.86 -19.87
N GLU A 503 10.07 -47.00 -20.50
CA GLU A 503 8.69 -47.47 -20.62
C GLU A 503 8.06 -47.74 -19.27
N THR A 504 8.81 -48.37 -18.35
CA THR A 504 8.23 -48.81 -17.09
C THR A 504 7.81 -47.64 -16.20
N GLN A 505 8.47 -46.49 -16.32
CA GLN A 505 8.21 -45.38 -15.41
C GLN A 505 6.79 -44.84 -15.59
N LYS A 506 6.19 -44.40 -14.48
CA LYS A 506 4.82 -43.90 -14.50
C LYS A 506 4.65 -42.56 -13.77
N SER A 507 5.72 -41.88 -13.39
CA SER A 507 5.60 -40.65 -12.63
C SER A 507 6.87 -39.82 -12.76
N ILE A 508 6.76 -38.54 -12.40
CA ILE A 508 7.88 -37.60 -12.43
C ILE A 508 8.43 -37.46 -11.01
N TYR A 509 9.76 -37.41 -10.89
CA TYR A 509 10.44 -37.32 -9.62
C TYR A 509 11.13 -35.97 -9.49
N TYR A 510 10.86 -35.26 -8.40
CA TYR A 510 11.44 -33.94 -8.17
C TYR A 510 12.00 -33.85 -6.76
N ILE A 511 12.92 -32.92 -6.57
CA ILE A 511 13.44 -32.67 -5.23
C ILE A 511 13.50 -31.17 -4.96
N THR A 512 12.98 -30.76 -3.79
CA THR A 512 12.93 -29.36 -3.40
C THR A 512 13.95 -29.12 -2.29
N GLY A 513 14.95 -28.29 -2.57
CA GLY A 513 16.01 -28.04 -1.61
C GLY A 513 16.32 -26.58 -1.38
N GLU A 514 17.56 -26.28 -0.99
CA GLU A 514 18.00 -24.93 -0.71
C GLU A 514 18.98 -24.39 -1.76
N SER A 515 19.92 -25.22 -2.22
CA SER A 515 20.86 -24.81 -3.26
C SER A 515 21.00 -25.97 -4.23
N LYS A 516 21.87 -25.80 -5.23
CA LYS A 516 22.07 -26.83 -6.24
C LYS A 516 23.18 -27.80 -5.89
N GLU A 517 24.19 -27.35 -5.13
CA GLU A 517 25.20 -28.28 -4.61
C GLU A 517 24.64 -29.09 -3.46
N GLN A 518 23.88 -28.46 -2.56
CA GLN A 518 23.28 -29.16 -1.44
C GLN A 518 22.31 -30.25 -1.92
N VAL A 519 21.73 -30.07 -3.10
CA VAL A 519 20.74 -31.00 -3.62
C VAL A 519 21.34 -32.01 -4.59
N ALA A 520 22.57 -31.81 -5.03
CA ALA A 520 23.13 -32.66 -6.09
C ALA A 520 23.52 -34.04 -5.57
N ASN A 521 24.07 -34.11 -4.36
CA ASN A 521 24.64 -35.35 -3.84
C ASN A 521 24.03 -35.71 -2.48
N SER A 522 22.73 -35.51 -2.33
CA SER A 522 22.05 -35.81 -1.09
C SER A 522 21.86 -37.33 -0.98
N ALA A 523 21.13 -37.76 0.04
CA ALA A 523 20.96 -39.19 0.29
C ALA A 523 19.67 -39.74 -0.27
N PHE A 524 18.65 -38.90 -0.46
CA PHE A 524 17.38 -39.38 -0.98
C PHE A 524 17.51 -39.88 -2.42
N VAL A 525 18.17 -39.10 -3.28
CA VAL A 525 18.37 -39.50 -4.68
C VAL A 525 19.69 -40.25 -4.75
N GLU A 526 19.63 -41.51 -4.37
CA GLU A 526 20.79 -42.39 -4.45
C GLU A 526 20.46 -43.73 -5.08
N ARG A 527 19.25 -44.23 -4.86
CA ARG A 527 18.78 -45.43 -5.54
C ARG A 527 18.16 -45.12 -6.88
N VAL A 528 17.43 -44.00 -6.98
CA VAL A 528 16.78 -43.62 -8.23
C VAL A 528 17.76 -43.14 -9.29
N ARG A 529 18.96 -42.75 -8.89
CA ARG A 529 19.98 -42.34 -9.84
C ARG A 529 20.96 -43.47 -10.17
N LYS A 530 20.77 -44.64 -9.55
CA LYS A 530 21.54 -45.84 -9.87
C LYS A 530 20.84 -46.73 -10.89
N ARG A 531 19.51 -46.84 -10.79
CA ARG A 531 18.76 -47.50 -11.84
C ARG A 531 18.91 -46.78 -13.18
N GLY A 532 18.85 -45.44 -13.16
CA GLY A 532 19.00 -44.67 -14.37
C GLY A 532 17.84 -43.73 -14.64
N PHE A 533 17.06 -43.43 -13.61
CA PHE A 533 15.92 -42.54 -13.77
C PHE A 533 16.39 -41.09 -13.77
N GLU A 534 15.44 -40.17 -13.93
CA GLU A 534 15.74 -38.74 -14.02
C GLU A 534 14.93 -37.98 -12.98
N VAL A 535 15.61 -37.12 -12.22
CA VAL A 535 14.97 -36.28 -11.22
C VAL A 535 15.15 -34.82 -11.65
N VAL A 536 14.18 -33.98 -11.29
CA VAL A 536 14.22 -32.57 -11.61
C VAL A 536 14.46 -31.77 -10.33
N TYR A 537 15.40 -30.83 -10.40
CA TYR A 537 15.76 -30.01 -9.26
C TYR A 537 14.87 -28.78 -9.17
N MET A 538 14.64 -28.33 -7.94
CA MET A 538 13.76 -27.20 -7.68
C MET A 538 14.31 -26.49 -6.45
N THR A 539 15.08 -25.42 -6.66
CA THR A 539 15.77 -24.73 -5.57
C THR A 539 15.39 -23.26 -5.56
N GLU A 540 14.24 -22.94 -4.94
CA GLU A 540 13.74 -21.60 -4.66
C GLU A 540 12.40 -21.71 -3.93
N PRO A 541 12.02 -20.72 -3.12
CA PRO A 541 10.75 -20.84 -2.37
C PRO A 541 9.51 -20.85 -3.23
N ILE A 542 9.51 -20.02 -4.28
CA ILE A 542 8.34 -19.92 -5.13
C ILE A 542 8.08 -21.25 -5.85
N ASP A 543 9.10 -22.11 -5.94
CA ASP A 543 8.87 -23.45 -6.47
C ASP A 543 7.95 -24.25 -5.56
N GLU A 544 8.14 -24.16 -4.24
CA GLU A 544 7.19 -24.81 -3.34
C GLU A 544 5.81 -24.21 -3.52
N TYR A 545 5.75 -22.88 -3.56
CA TYR A 545 4.44 -22.23 -3.66
C TYR A 545 3.70 -22.62 -4.93
N CYS A 546 4.43 -22.98 -6.00
CA CYS A 546 3.75 -23.39 -7.23
C CYS A 546 3.45 -24.89 -7.25
N VAL A 547 4.43 -25.72 -6.89
CA VAL A 547 4.27 -27.18 -6.92
C VAL A 547 3.15 -27.60 -6.00
N GLN A 548 2.88 -26.83 -4.96
CA GLN A 548 1.76 -27.14 -4.07
C GLN A 548 0.43 -27.16 -4.81
N GLN A 549 0.33 -26.51 -5.98
CA GLN A 549 -0.91 -26.48 -6.76
C GLN A 549 -0.83 -27.29 -8.06
N LEU A 550 0.29 -27.25 -8.78
CA LEU A 550 0.44 -28.04 -9.99
C LEU A 550 0.61 -29.51 -9.62
N LYS A 551 -0.40 -30.33 -9.93
CA LYS A 551 -0.40 -31.73 -9.51
C LYS A 551 -0.50 -32.72 -10.65
N GLU A 552 -0.42 -32.29 -11.91
CA GLU A 552 -0.55 -33.19 -13.04
C GLU A 552 0.25 -32.64 -14.21
N PHE A 553 0.59 -33.53 -15.14
CA PHE A 553 1.17 -33.13 -16.42
C PHE A 553 0.98 -34.25 -17.41
N ASP A 554 0.24 -34.00 -18.49
CA ASP A 554 -0.10 -35.01 -19.49
C ASP A 554 -0.73 -36.25 -18.84
N GLY A 555 -1.58 -36.01 -17.84
CA GLY A 555 -2.17 -37.11 -17.10
C GLY A 555 -1.17 -37.94 -16.33
N LYS A 556 -0.07 -37.33 -15.91
CA LYS A 556 0.91 -38.00 -15.07
C LYS A 556 1.12 -37.19 -13.79
N SER A 557 1.39 -37.89 -12.70
CA SER A 557 1.45 -37.29 -11.38
C SER A 557 2.90 -37.09 -10.94
N LEU A 558 3.14 -36.00 -10.22
CA LEU A 558 4.45 -35.69 -9.66
C LEU A 558 4.53 -36.24 -8.25
N VAL A 559 5.59 -37.00 -7.97
CA VAL A 559 5.83 -37.57 -6.65
C VAL A 559 7.24 -37.18 -6.20
N SER A 560 7.35 -36.69 -4.97
CA SER A 560 8.62 -36.21 -4.44
C SER A 560 9.42 -37.36 -3.85
N VAL A 561 10.72 -37.13 -3.73
CA VAL A 561 11.64 -38.12 -3.20
C VAL A 561 12.02 -37.83 -1.75
N THR A 562 11.23 -37.02 -1.06
CA THR A 562 11.43 -36.73 0.36
C THR A 562 10.10 -36.82 1.11
N LYS A 563 9.29 -37.81 0.77
CA LYS A 563 8.01 -38.03 1.41
C LYS A 563 7.84 -39.52 1.65
N GLU A 564 6.76 -39.87 2.36
CA GLU A 564 6.57 -41.22 2.86
C GLU A 564 5.88 -42.10 1.84
N GLY A 565 6.41 -43.31 1.65
CA GLY A 565 5.80 -44.26 0.75
C GLY A 565 6.06 -43.99 -0.72
N LEU A 566 7.31 -44.01 -1.12
CA LEU A 566 7.70 -43.83 -2.51
C LEU A 566 8.13 -45.19 -3.06
N GLU A 567 7.44 -45.65 -4.11
CA GLU A 567 7.60 -46.99 -4.63
C GLU A 567 8.26 -46.94 -6.00
N LEU A 568 9.34 -47.71 -6.16
CA LEU A 568 9.98 -47.86 -7.45
C LEU A 568 9.54 -49.19 -8.05
N PRO A 569 8.90 -49.22 -9.21
CA PRO A 569 8.48 -50.50 -9.79
C PRO A 569 9.68 -51.38 -10.11
N GLU A 570 9.73 -52.55 -9.49
CA GLU A 570 10.87 -53.44 -9.67
C GLU A 570 10.42 -54.88 -9.45
N ASP A 571 11.31 -55.80 -9.81
CA ASP A 571 11.02 -57.23 -9.76
C ASP A 571 10.77 -57.68 -8.33
N GLU A 572 9.94 -58.71 -8.19
CA GLU A 572 9.52 -59.17 -6.87
C GLU A 572 10.49 -60.14 -6.23
N GLU A 573 11.59 -60.51 -6.90
CA GLU A 573 12.62 -61.29 -6.23
C GLU A 573 13.32 -60.45 -5.16
N GLU A 574 13.75 -59.24 -5.53
CA GLU A 574 14.31 -58.34 -4.53
C GLU A 574 13.26 -57.90 -3.53
N LYS A 575 12.00 -57.85 -3.93
CA LYS A 575 10.94 -57.53 -2.98
C LYS A 575 10.75 -58.64 -1.95
N LYS A 576 10.85 -59.89 -2.40
CA LYS A 576 10.83 -61.02 -1.46
C LYS A 576 12.06 -61.00 -0.55
N LYS A 577 13.21 -60.61 -1.10
CA LYS A 577 14.41 -60.46 -0.26
C LYS A 577 14.19 -59.39 0.81
N MET A 578 13.59 -58.27 0.44
CA MET A 578 13.28 -57.23 1.41
C MET A 578 12.30 -57.74 2.47
N GLU A 579 11.30 -58.51 2.05
CA GLU A 579 10.36 -59.08 3.01
C GLU A 579 11.06 -60.02 3.99
N GLU A 580 12.00 -60.83 3.48
CA GLU A 580 12.76 -61.71 4.37
C GLU A 580 13.61 -60.90 5.35
N SER A 581 14.17 -59.77 4.88
CA SER A 581 14.98 -58.93 5.75
C SER A 581 14.15 -58.13 6.75
N LYS A 582 12.85 -57.94 6.50
CA LYS A 582 11.97 -57.18 7.37
C LYS A 582 11.59 -57.93 8.65
N ALA A 583 12.17 -59.11 8.88
CA ALA A 583 11.85 -59.88 10.07
C ALA A 583 12.97 -59.95 11.09
N LYS A 584 14.23 -59.86 10.65
CA LYS A 584 15.37 -59.87 11.55
C LYS A 584 15.74 -58.50 12.08
N PHE A 585 15.11 -57.44 11.56
CA PHE A 585 15.31 -56.08 12.03
C PHE A 585 14.05 -55.56 12.70
N GLU A 586 13.39 -56.42 13.47
CA GLU A 586 12.09 -56.07 14.06
C GLU A 586 12.20 -55.55 15.48
N ASN A 587 12.97 -56.21 16.34
CA ASN A 587 13.10 -55.76 17.72
C ASN A 587 13.75 -54.39 17.79
N LEU A 588 14.69 -54.13 16.87
CA LEU A 588 15.40 -52.86 16.85
C LEU A 588 14.45 -51.70 16.61
N CYS A 589 13.42 -51.91 15.78
CA CYS A 589 12.41 -50.89 15.55
C CYS A 589 11.78 -50.42 16.86
N LYS A 590 11.30 -51.36 17.67
CA LYS A 590 10.60 -50.94 18.88
C LYS A 590 11.56 -50.46 19.95
N LEU A 591 12.78 -50.99 20.00
CA LEU A 591 13.78 -50.43 20.91
C LEU A 591 14.05 -48.97 20.57
N MET A 592 14.23 -48.66 19.28
CA MET A 592 14.51 -47.29 18.88
C MET A 592 13.32 -46.38 19.14
N LYS A 593 12.11 -46.85 18.86
CA LYS A 593 10.94 -46.02 19.12
C LYS A 593 10.81 -45.74 20.62
N GLU A 594 11.10 -46.73 21.46
CA GLU A 594 11.06 -46.50 22.91
C GLU A 594 12.12 -45.50 23.35
N ILE A 595 13.34 -45.61 22.83
CA ILE A 595 14.42 -44.78 23.36
C ILE A 595 14.26 -43.34 22.90
N LEU A 596 13.80 -43.12 21.66
CA LEU A 596 13.64 -41.75 21.18
C LEU A 596 12.49 -41.01 21.86
N ASP A 597 11.52 -41.74 22.43
CA ASP A 597 10.54 -41.18 23.37
C ASP A 597 9.72 -40.05 22.74
N LYS A 598 8.88 -40.44 21.78
CA LYS A 598 7.82 -39.58 21.24
C LYS A 598 8.37 -38.38 20.49
N LYS A 599 9.58 -38.51 19.94
CA LYS A 599 10.12 -37.54 19.00
C LYS A 599 9.93 -38.00 17.56
N VAL A 600 9.84 -39.30 17.33
CA VAL A 600 9.53 -39.89 16.05
C VAL A 600 8.30 -40.76 16.21
N GLU A 601 7.39 -40.70 15.23
CA GLU A 601 6.14 -41.44 15.29
C GLU A 601 6.21 -42.82 14.64
N LYS A 602 7.18 -43.09 13.78
CA LYS A 602 7.45 -44.44 13.31
C LYS A 602 8.95 -44.58 13.08
N VAL A 603 9.44 -45.81 13.17
CA VAL A 603 10.81 -46.15 12.77
C VAL A 603 10.71 -47.40 11.91
N THR A 604 10.62 -47.22 10.60
CA THR A 604 10.45 -48.32 9.65
C THR A 604 11.72 -48.52 8.86
N ILE A 605 11.74 -49.57 8.07
CA ILE A 605 12.84 -49.87 7.17
C ILE A 605 12.35 -49.78 5.73
N SER A 606 13.14 -49.13 4.88
CA SER A 606 12.65 -48.77 3.56
C SER A 606 13.82 -48.75 2.57
N ASN A 607 13.48 -48.61 1.30
CA ASN A 607 14.40 -48.74 0.18
C ASN A 607 14.53 -47.42 -0.58
N ARG A 608 15.38 -46.54 -0.06
CA ARG A 608 15.69 -45.30 -0.74
C ARG A 608 17.15 -44.90 -0.64
N LEU A 609 18.00 -45.71 0.01
CA LEU A 609 19.38 -45.35 0.31
C LEU A 609 20.29 -46.51 -0.05
N VAL A 610 21.55 -46.19 -0.36
CA VAL A 610 22.52 -47.22 -0.68
C VAL A 610 23.76 -47.10 0.20
N SER A 611 24.09 -45.87 0.63
CA SER A 611 25.34 -45.62 1.34
C SER A 611 25.14 -44.59 2.46
N SER A 612 24.06 -44.71 3.21
CA SER A 612 23.80 -43.76 4.29
C SER A 612 22.95 -44.41 5.38
N PRO A 613 23.44 -44.46 6.62
CA PRO A 613 22.74 -45.23 7.66
C PRO A 613 21.34 -44.74 7.97
N CYS A 614 21.08 -43.45 7.86
CA CYS A 614 19.78 -42.92 8.26
C CYS A 614 19.39 -41.77 7.34
N CYS A 615 18.08 -41.54 7.27
CA CYS A 615 17.50 -40.36 6.64
C CYS A 615 16.09 -40.19 7.16
N ILE A 616 15.65 -38.94 7.26
CA ILE A 616 14.37 -38.60 7.86
C ILE A 616 13.43 -38.09 6.78
N VAL A 617 12.23 -38.66 6.73
CA VAL A 617 11.21 -38.29 5.77
C VAL A 617 9.98 -37.84 6.55
N THR A 618 9.15 -37.03 5.89
CA THR A 618 7.98 -36.46 6.54
C THR A 618 6.73 -37.25 6.14
N SER A 619 5.57 -36.78 6.59
CA SER A 619 4.31 -37.47 6.35
C SER A 619 3.73 -37.05 5.01
N THR A 620 2.75 -37.82 4.55
CA THR A 620 2.18 -37.58 3.22
C THR A 620 1.29 -36.35 3.21
N TYR A 621 0.73 -35.98 4.36
CA TYR A 621 -0.10 -34.79 4.48
C TYR A 621 0.50 -33.90 5.55
N GLY A 622 1.11 -32.80 5.13
CA GLY A 622 1.79 -31.90 6.04
C GLY A 622 2.97 -31.24 5.35
N TRP A 623 3.43 -30.15 5.97
CA TRP A 623 4.52 -29.39 5.39
C TRP A 623 5.80 -30.22 5.35
N THR A 624 6.55 -30.08 4.27
CA THR A 624 7.88 -30.66 4.20
C THR A 624 8.84 -29.84 5.04
N ALA A 625 10.11 -30.26 5.06
CA ALA A 625 11.09 -29.58 5.89
C ALA A 625 11.36 -28.16 5.39
N ASN A 626 11.63 -28.01 4.11
CA ASN A 626 12.02 -26.71 3.57
C ASN A 626 10.86 -25.73 3.59
N MET A 627 9.64 -26.21 3.34
CA MET A 627 8.47 -25.34 3.44
C MET A 627 8.29 -24.83 4.86
N GLU A 628 8.52 -25.70 5.86
CA GLU A 628 8.42 -25.27 7.25
C GLU A 628 9.48 -24.23 7.58
N ARG A 629 10.70 -24.43 7.08
CA ARG A 629 11.75 -23.44 7.30
C ARG A 629 11.34 -22.08 6.74
N ILE A 630 10.78 -22.06 5.54
CA ILE A 630 10.37 -20.81 4.92
C ILE A 630 9.20 -20.19 5.68
N MET A 631 8.26 -21.01 6.15
CA MET A 631 7.14 -20.48 6.93
C MET A 631 7.62 -19.85 8.23
N LYS A 632 8.56 -20.48 8.91
CA LYS A 632 9.04 -19.95 10.18
C LYS A 632 9.86 -18.68 9.98
N ALA A 633 10.67 -18.62 8.93
CA ALA A 633 11.62 -17.52 8.81
C ALA A 633 10.91 -16.19 8.52
N GLN A 634 9.74 -16.24 7.89
CA GLN A 634 9.12 -15.01 7.40
C GLN A 634 8.43 -14.25 8.53
N ALA A 635 8.29 -12.94 8.33
CA ALA A 635 7.75 -12.03 9.33
C ALA A 635 6.23 -11.95 9.19
N LEU A 636 5.57 -11.38 10.19
CA LEU A 636 4.14 -11.15 10.18
C LEU A 636 3.39 -12.48 10.21
N ARG A 637 3.98 -13.48 10.86
CA ARG A 637 3.49 -14.85 10.76
C ARG A 637 2.06 -15.00 11.29
N ASP A 638 1.78 -14.40 12.45
CA ASP A 638 0.63 -14.79 13.27
C ASP A 638 0.74 -16.27 13.67
N ASN A 639 1.77 -16.55 14.47
CA ASN A 639 2.25 -17.90 14.75
C ASN A 639 1.48 -18.61 15.85
N SER A 640 0.30 -18.12 16.23
CA SER A 640 -0.48 -18.82 17.25
C SER A 640 -1.05 -20.13 16.71
N THR A 641 -1.48 -20.13 15.44
CA THR A 641 -2.19 -21.28 14.89
C THR A 641 -1.24 -22.28 14.24
N MET A 642 -0.27 -21.78 13.48
CA MET A 642 0.52 -22.67 12.63
C MET A 642 1.39 -23.62 13.45
N GLY A 643 1.85 -23.18 14.61
CA GLY A 643 2.83 -23.98 15.35
C GLY A 643 2.31 -25.33 15.75
N TYR A 644 1.10 -25.37 16.30
CA TYR A 644 0.51 -26.61 16.79
C TYR A 644 -0.39 -27.27 15.73
N MET A 645 0.08 -27.39 14.48
CA MET A 645 -0.68 -28.26 13.60
C MET A 645 0.19 -29.06 12.62
N MET A 646 1.43 -28.61 12.35
CA MET A 646 2.28 -29.20 11.30
C MET A 646 3.44 -30.04 11.81
N ALA A 647 4.36 -30.38 10.88
CA ALA A 647 5.68 -30.95 11.14
C ALA A 647 5.72 -32.40 11.60
N LYS A 648 5.01 -33.29 10.92
CA LYS A 648 5.10 -34.71 11.23
C LYS A 648 6.33 -35.31 10.54
N LYS A 649 6.94 -36.31 11.17
CA LYS A 649 8.18 -36.88 10.63
C LYS A 649 8.31 -38.34 11.03
N HIS A 650 9.13 -39.07 10.28
CA HIS A 650 9.42 -40.49 10.44
C HIS A 650 10.93 -40.69 10.52
N LEU A 651 11.36 -41.95 10.45
CA LEU A 651 12.77 -42.27 10.35
C LEU A 651 12.90 -43.64 9.71
N GLU A 652 13.95 -43.80 8.89
CA GLU A 652 14.14 -45.04 8.16
C GLU A 652 15.63 -45.32 8.04
N ILE A 653 15.99 -46.60 8.11
CA ILE A 653 17.38 -47.04 8.13
C ILE A 653 17.59 -48.11 7.07
N ASN A 654 18.88 -48.41 6.77
CA ASN A 654 19.19 -49.34 5.70
C ASN A 654 19.89 -50.59 6.24
N PRO A 655 19.57 -51.77 5.70
CA PRO A 655 20.17 -53.00 6.23
C PRO A 655 21.44 -53.42 5.51
N ASP A 656 22.36 -52.51 5.26
CA ASP A 656 23.59 -52.91 4.58
C ASP A 656 24.82 -52.32 5.27
N HIS A 657 24.65 -51.17 5.91
CA HIS A 657 25.79 -50.44 6.44
C HIS A 657 26.37 -51.19 7.63
N PRO A 658 27.71 -51.24 7.79
CA PRO A 658 28.28 -51.89 8.97
C PRO A 658 27.78 -51.32 10.30
N ILE A 659 27.52 -50.02 10.38
CA ILE A 659 27.13 -49.42 11.66
C ILE A 659 25.83 -50.04 12.16
N VAL A 660 24.84 -50.16 11.28
CA VAL A 660 23.53 -50.64 11.71
C VAL A 660 23.59 -52.13 12.04
N GLU A 661 24.35 -52.91 11.26
CA GLU A 661 24.48 -54.33 11.54
C GLU A 661 25.16 -54.55 12.88
N THR A 662 26.23 -53.81 13.16
CA THR A 662 26.90 -53.91 14.44
C THR A 662 25.98 -53.49 15.58
N LEU A 663 25.17 -52.45 15.35
CA LEU A 663 24.24 -52.02 16.38
C LEU A 663 23.22 -53.10 16.69
N ARG A 664 22.70 -53.76 15.66
CA ARG A 664 21.74 -54.84 15.88
C ARG A 664 22.39 -55.98 16.65
N GLN A 665 23.60 -56.37 16.25
CA GLN A 665 24.30 -57.45 16.95
C GLN A 665 24.52 -57.10 18.41
N LYS A 666 24.91 -55.85 18.68
CA LYS A 666 25.18 -55.44 20.05
C LYS A 666 23.91 -55.40 20.89
N ALA A 667 22.85 -54.77 20.38
CA ALA A 667 21.60 -54.67 21.11
C ALA A 667 20.89 -56.02 21.23
N GLU A 668 21.33 -57.03 20.48
CA GLU A 668 20.73 -58.35 20.62
C GLU A 668 20.91 -58.90 22.03
N ALA A 669 22.07 -58.67 22.64
CA ALA A 669 22.37 -59.28 23.93
C ALA A 669 21.75 -58.50 25.09
N ASP A 670 22.16 -57.23 25.27
CA ASP A 670 21.78 -56.45 26.43
C ASP A 670 20.84 -55.33 26.02
N LYS A 671 19.66 -55.30 26.65
CA LYS A 671 18.61 -54.34 26.32
C LYS A 671 18.54 -53.18 27.30
N ASN A 672 19.54 -53.03 28.16
CA ASN A 672 19.61 -51.90 29.07
C ASN A 672 21.03 -51.34 29.17
N ASP A 673 21.79 -51.41 28.09
CA ASP A 673 23.17 -50.96 28.09
C ASP A 673 23.22 -49.44 27.98
N LYS A 674 24.42 -48.87 27.91
CA LYS A 674 24.61 -47.44 27.91
C LYS A 674 25.13 -46.90 26.58
N ALA A 675 26.09 -47.59 25.96
CA ALA A 675 26.69 -47.08 24.73
C ALA A 675 25.65 -46.97 23.61
N VAL A 676 24.68 -47.87 23.59
CA VAL A 676 23.69 -47.87 22.52
C VAL A 676 22.84 -46.60 22.57
N LYS A 677 22.55 -46.10 23.77
CA LYS A 677 21.76 -44.88 23.89
C LYS A 677 22.49 -43.69 23.31
N ASP A 678 23.78 -43.53 23.66
CA ASP A 678 24.57 -42.45 23.11
C ASP A 678 24.65 -42.56 21.60
N LEU A 679 24.86 -43.78 21.10
CA LEU A 679 25.03 -43.96 19.65
C LEU A 679 23.75 -43.63 18.91
N VAL A 680 22.59 -44.07 19.42
CA VAL A 680 21.35 -43.80 18.70
C VAL A 680 21.02 -42.30 18.74
N VAL A 681 21.30 -41.64 19.87
CA VAL A 681 21.06 -40.20 19.92
C VAL A 681 21.93 -39.48 18.90
N LEU A 682 23.21 -39.85 18.82
CA LEU A 682 24.10 -39.21 17.85
C LEU A 682 23.62 -39.44 16.42
N LEU A 683 23.21 -40.67 16.11
CA LEU A 683 22.75 -40.96 14.75
C LEU A 683 21.51 -40.14 14.40
N PHE A 684 20.53 -40.09 15.29
CA PHE A 684 19.32 -39.33 15.02
C PHE A 684 19.63 -37.86 14.83
N GLU A 685 20.49 -37.30 15.67
CA GLU A 685 20.80 -35.88 15.58
C GLU A 685 21.53 -35.55 14.28
N THR A 686 22.50 -36.38 13.88
CA THR A 686 23.19 -36.12 12.62
C THR A 686 22.24 -36.25 11.43
N ALA A 687 21.37 -37.26 11.44
CA ALA A 687 20.40 -37.42 10.36
C ALA A 687 19.46 -36.23 10.30
N LEU A 688 19.05 -35.71 11.46
CA LEU A 688 18.24 -34.50 11.49
C LEU A 688 18.99 -33.34 10.87
N LEU A 689 20.28 -33.22 11.17
CA LEU A 689 21.07 -32.10 10.65
C LEU A 689 21.16 -32.16 9.13
N SER A 690 21.52 -33.31 8.58
CA SER A 690 21.72 -33.40 7.13
C SER A 690 20.46 -33.89 6.41
N SER A 691 19.31 -33.29 6.72
CA SER A 691 18.09 -33.59 5.97
C SER A 691 17.20 -32.37 5.77
N GLY A 692 17.62 -31.17 6.20
CA GLY A 692 16.87 -29.95 6.01
C GLY A 692 16.34 -29.34 7.30
N PHE A 693 16.21 -30.14 8.36
CA PHE A 693 15.66 -29.64 9.61
C PHE A 693 16.73 -28.83 10.37
N SER A 694 16.27 -28.12 11.39
CA SER A 694 17.12 -27.29 12.23
C SER A 694 17.09 -27.81 13.66
N LEU A 695 18.26 -27.85 14.29
CA LEU A 695 18.38 -28.42 15.62
C LEU A 695 17.63 -27.57 16.64
N GLU A 696 17.07 -28.24 17.65
CA GLU A 696 16.30 -27.54 18.68
C GLU A 696 17.19 -26.80 19.68
N ASP A 697 18.35 -27.36 20.01
CA ASP A 697 19.30 -26.73 20.93
C ASP A 697 20.71 -27.09 20.47
N PRO A 698 21.38 -26.20 19.75
CA PRO A 698 22.63 -26.59 19.08
C PRO A 698 23.81 -26.80 20.01
N GLN A 699 23.68 -26.52 21.30
CA GLN A 699 24.85 -26.61 22.18
C GLN A 699 25.19 -28.06 22.54
N THR A 700 24.16 -28.89 22.73
CA THR A 700 24.40 -30.27 23.15
C THR A 700 25.22 -31.04 22.11
N HIS A 701 24.87 -30.88 20.84
CA HIS A 701 25.58 -31.57 19.76
C HIS A 701 27.05 -31.14 19.71
N SER A 702 27.28 -29.83 19.82
CA SER A 702 28.64 -29.32 19.80
C SER A 702 29.45 -29.86 20.97
N ASN A 703 28.84 -29.90 22.16
CA ASN A 703 29.54 -30.43 23.32
C ASN A 703 29.87 -31.90 23.16
N ARG A 704 28.95 -32.68 22.58
CA ARG A 704 29.24 -34.09 22.30
C ARG A 704 30.43 -34.25 21.37
N ILE A 705 30.47 -33.45 20.30
CA ILE A 705 31.58 -33.54 19.37
C ILE A 705 32.89 -33.17 20.05
N TYR A 706 32.87 -32.12 20.87
CA TYR A 706 34.09 -31.72 21.59
C TYR A 706 34.55 -32.82 22.52
N ARG A 707 33.62 -33.48 23.20
CA ARG A 707 33.99 -34.55 24.13
C ARG A 707 34.65 -35.70 23.39
N MET A 708 34.12 -36.06 22.22
CA MET A 708 34.75 -37.15 21.46
C MET A 708 36.13 -36.74 20.95
N ILE A 709 36.30 -35.48 20.54
CA ILE A 709 37.62 -35.01 20.15
C ILE A 709 38.59 -35.12 21.31
N LYS A 710 38.15 -34.72 22.51
CA LYS A 710 39.02 -34.76 23.68
C LYS A 710 39.40 -36.20 24.03
N LEU A 711 38.44 -37.12 23.96
CA LEU A 711 38.72 -38.50 24.34
C LEU A 711 39.58 -39.22 23.30
N GLY A 712 39.51 -38.81 22.03
CA GLY A 712 40.32 -39.46 21.02
C GLY A 712 41.74 -38.92 20.94
N LEU A 713 42.09 -38.01 21.86
CA LEU A 713 43.40 -37.39 21.87
C LEU A 713 44.10 -37.55 23.21
N GLY A 714 43.43 -38.10 24.22
CA GLY A 714 44.05 -38.31 25.50
C GLY A 714 44.21 -37.06 26.33
N ILE A 715 43.08 -36.48 26.74
CA ILE A 715 43.07 -35.36 27.67
C ILE A 715 42.47 -35.85 28.98
N ASP A 716 41.52 -36.80 28.85
CA ASP A 716 40.87 -37.45 29.98
C ASP A 716 40.19 -36.47 30.93
N GLU A 717 39.86 -36.95 32.13
CA GLU A 717 39.04 -36.23 33.11
C GLU A 717 37.87 -35.49 32.47
N GLU B 35 -18.89 50.82 -30.35
CA GLU B 35 -19.70 51.90 -29.80
C GLU B 35 -21.15 51.47 -29.67
N GLU B 36 -21.39 50.16 -29.82
CA GLU B 36 -22.71 49.56 -29.71
C GLU B 36 -22.60 48.30 -28.87
N VAL B 37 -22.05 48.46 -27.66
CA VAL B 37 -22.08 47.39 -26.68
C VAL B 37 -23.52 47.10 -26.30
N GLU B 38 -23.89 45.82 -26.30
CA GLU B 38 -25.24 45.42 -25.91
C GLU B 38 -25.16 44.19 -25.03
N THR B 39 -25.86 44.23 -23.90
CA THR B 39 -25.83 43.16 -22.92
C THR B 39 -26.90 42.10 -23.23
N PHE B 40 -26.83 41.00 -22.50
CA PHE B 40 -27.72 39.87 -22.69
C PHE B 40 -27.94 39.21 -21.34
N ALA B 41 -28.48 38.00 -21.34
CA ALA B 41 -28.66 37.23 -20.13
C ALA B 41 -28.39 35.75 -20.43
N PHE B 42 -27.91 35.03 -19.41
CA PHE B 42 -27.59 33.63 -19.59
C PHE B 42 -28.86 32.79 -19.67
N GLN B 43 -28.90 31.91 -20.66
CA GLN B 43 -30.04 31.04 -20.90
C GLN B 43 -29.74 29.62 -20.40
N ALA B 44 -30.64 28.69 -20.71
CA ALA B 44 -30.44 27.29 -20.34
C ALA B 44 -31.26 26.41 -21.26
N GLU B 45 -30.69 25.28 -21.65
CA GLU B 45 -31.35 24.27 -22.47
C GLU B 45 -31.76 23.12 -21.56
N ILE B 46 -33.00 22.65 -21.71
CA ILE B 46 -33.61 21.82 -20.68
C ILE B 46 -33.42 20.33 -20.97
N ALA B 47 -33.66 19.92 -22.22
CA ALA B 47 -33.65 18.49 -22.53
C ALA B 47 -32.27 17.88 -22.30
N GLN B 48 -31.24 18.49 -22.90
CA GLN B 48 -29.88 18.05 -22.67
C GLN B 48 -29.52 18.11 -21.20
N LEU B 49 -30.05 19.11 -20.49
CA LEU B 49 -29.75 19.25 -19.07
C LEU B 49 -30.26 18.06 -18.28
N MET B 50 -31.52 17.67 -18.49
CA MET B 50 -32.08 16.54 -17.77
C MET B 50 -31.37 15.25 -18.12
N SER B 51 -31.13 15.02 -19.41
CA SER B 51 -30.43 13.80 -19.81
C SER B 51 -29.05 13.74 -19.18
N LEU B 52 -28.33 14.86 -19.20
CA LEU B 52 -27.00 14.91 -18.62
C LEU B 52 -27.04 14.61 -17.14
N ILE B 53 -27.97 15.23 -16.41
CA ILE B 53 -28.10 14.98 -14.97
C ILE B 53 -28.25 13.48 -14.72
N ILE B 54 -29.34 12.92 -15.24
CA ILE B 54 -29.79 11.62 -14.77
C ILE B 54 -29.01 10.49 -15.44
N ASN B 55 -28.17 10.78 -16.43
CA ASN B 55 -27.35 9.74 -17.02
C ASN B 55 -25.86 9.95 -16.81
N THR B 56 -25.44 11.02 -16.12
CA THR B 56 -24.01 11.25 -16.00
C THR B 56 -23.57 11.45 -14.55
N PHE B 57 -24.42 12.06 -13.71
CA PHE B 57 -23.90 12.55 -12.44
C PHE B 57 -23.37 11.43 -11.55
N TYR B 58 -24.11 10.33 -11.44
CA TYR B 58 -23.82 9.30 -10.45
C TYR B 58 -23.22 8.06 -11.10
N SER B 59 -22.58 7.23 -10.26
CA SER B 59 -21.94 6.00 -10.71
C SER B 59 -22.86 4.78 -10.57
N ASN B 60 -23.28 4.47 -9.35
CA ASN B 60 -24.13 3.31 -9.12
C ASN B 60 -25.59 3.64 -9.45
N LYS B 61 -26.44 2.63 -9.31
CA LYS B 61 -27.88 2.77 -9.56
C LYS B 61 -28.69 2.44 -8.32
N GLU B 62 -28.06 2.53 -7.14
CA GLU B 62 -28.70 2.14 -5.89
C GLU B 62 -28.86 3.28 -4.90
N ILE B 63 -28.54 4.52 -5.28
CA ILE B 63 -28.58 5.64 -4.35
C ILE B 63 -29.91 6.38 -4.37
N PHE B 64 -30.83 6.01 -5.25
CA PHE B 64 -32.12 6.67 -5.30
C PHE B 64 -32.88 6.47 -3.99
N LEU B 65 -32.73 5.28 -3.38
CA LEU B 65 -33.35 5.03 -2.09
C LEU B 65 -32.79 5.97 -1.02
N ARG B 66 -31.47 6.20 -1.06
CA ARG B 66 -30.86 7.13 -0.12
C ARG B 66 -31.43 8.53 -0.30
N GLU B 67 -31.55 9.00 -1.55
CA GLU B 67 -32.08 10.33 -1.79
C GLU B 67 -33.51 10.46 -1.28
N LEU B 68 -34.35 9.46 -1.56
CA LEU B 68 -35.75 9.53 -1.15
C LEU B 68 -35.87 9.52 0.38
N ILE B 69 -35.07 8.68 1.04
CA ILE B 69 -35.11 8.62 2.51
C ILE B 69 -34.65 9.94 3.11
N SER B 70 -33.64 10.57 2.52
CA SER B 70 -33.20 11.87 3.01
C SER B 70 -34.30 12.91 2.89
N ASN B 71 -35.02 12.93 1.76
CA ASN B 71 -36.12 13.89 1.62
C ASN B 71 -37.20 13.65 2.67
N ALA B 72 -37.56 12.38 2.90
CA ALA B 72 -38.59 12.10 3.90
C ALA B 72 -38.15 12.52 5.29
N SER B 73 -36.88 12.26 5.64
CA SER B 73 -36.37 12.68 6.94
C SER B 73 -36.44 14.19 7.10
N ASP B 74 -36.11 14.94 6.05
CA ASP B 74 -36.20 16.40 6.13
C ASP B 74 -37.63 16.86 6.37
N ALA B 75 -38.60 16.26 5.66
CA ALA B 75 -39.99 16.67 5.86
C ALA B 75 -40.43 16.43 7.29
N LEU B 76 -40.08 15.27 7.85
CA LEU B 76 -40.43 14.97 9.23
C LEU B 76 -39.76 15.95 10.19
N ASP B 77 -38.50 16.31 9.92
CA ASP B 77 -37.82 17.31 10.74
C ASP B 77 -38.57 18.63 10.72
N LYS B 78 -39.03 19.05 9.54
CA LYS B 78 -39.78 20.30 9.41
C LYS B 78 -41.02 20.29 10.28
N ILE B 79 -41.83 19.23 10.17
CA ILE B 79 -43.08 19.21 10.92
C ILE B 79 -42.81 19.13 12.42
N ARG B 80 -41.78 18.38 12.82
CA ARG B 80 -41.45 18.30 14.24
C ARG B 80 -41.05 19.66 14.80
N TYR B 81 -40.20 20.40 14.06
CA TYR B 81 -39.82 21.73 14.53
C TYR B 81 -41.01 22.65 14.60
N GLU B 82 -41.88 22.62 13.59
CA GLU B 82 -43.02 23.52 13.57
C GLU B 82 -44.01 23.21 14.69
N SER B 83 -44.03 21.96 15.17
CA SER B 83 -45.00 21.59 16.19
C SER B 83 -44.76 22.29 17.51
N LEU B 84 -43.49 22.43 17.94
CA LEU B 84 -43.22 22.89 19.31
C LEU B 84 -43.31 24.41 19.47
N THR B 85 -44.37 24.98 18.92
CA THR B 85 -44.85 26.32 19.28
C THR B 85 -46.36 26.36 19.42
N ASP B 86 -47.09 25.52 18.71
CA ASP B 86 -48.54 25.37 18.81
C ASP B 86 -48.92 23.94 18.46
N PRO B 87 -49.56 23.20 19.38
CA PRO B 87 -49.91 21.80 19.11
C PRO B 87 -51.11 21.62 18.21
N SER B 88 -51.54 22.67 17.50
CA SER B 88 -52.68 22.59 16.59
C SER B 88 -52.29 22.10 15.20
N LYS B 89 -51.02 21.73 15.00
CA LYS B 89 -50.55 21.24 13.72
C LYS B 89 -50.35 19.72 13.69
N LEU B 90 -50.81 19.01 14.71
CA LEU B 90 -50.64 17.56 14.80
C LEU B 90 -51.95 16.85 15.10
N ASP B 91 -53.07 17.46 14.73
CA ASP B 91 -54.38 16.86 14.93
C ASP B 91 -54.75 15.88 13.82
N SER B 92 -53.91 15.73 12.80
CA SER B 92 -54.13 14.76 11.72
C SER B 92 -52.82 13.96 11.59
N GLY B 93 -52.70 12.91 12.40
CA GLY B 93 -51.49 12.12 12.44
C GLY B 93 -50.56 12.56 13.54
N LYS B 94 -50.37 11.71 14.55
CA LYS B 94 -49.54 12.05 15.70
C LYS B 94 -48.14 11.45 15.63
N GLU B 95 -47.95 10.35 14.91
CA GLU B 95 -46.67 9.68 14.85
C GLU B 95 -45.92 10.06 13.59
N LEU B 96 -44.60 9.84 13.61
CA LEU B 96 -43.73 10.08 12.48
C LEU B 96 -42.99 8.80 12.14
N LYS B 97 -43.15 8.32 10.91
CA LYS B 97 -42.62 7.02 10.50
C LYS B 97 -42.30 7.03 9.02
N ILE B 98 -41.71 5.93 8.54
CA ILE B 98 -41.36 5.75 7.14
C ILE B 98 -41.61 4.28 6.78
N ASP B 99 -42.26 4.05 5.64
CA ASP B 99 -42.58 2.69 5.19
C ASP B 99 -41.95 2.43 3.83
N ILE B 100 -41.72 1.14 3.56
CA ILE B 100 -41.30 0.68 2.24
C ILE B 100 -42.21 -0.49 1.87
N ILE B 101 -42.92 -0.37 0.76
CA ILE B 101 -43.86 -1.39 0.32
C ILE B 101 -43.49 -1.81 -1.10
N PRO B 102 -42.85 -2.97 -1.28
CA PRO B 102 -42.67 -3.52 -2.61
C PRO B 102 -43.91 -4.27 -3.07
N ASN B 103 -44.03 -4.44 -4.39
CA ASN B 103 -45.15 -5.20 -4.93
C ASN B 103 -44.77 -5.83 -6.28
N PRO B 104 -44.40 -7.11 -6.30
CA PRO B 104 -43.95 -7.75 -7.54
C PRO B 104 -45.06 -8.39 -8.37
N GLN B 105 -46.12 -7.63 -8.62
CA GLN B 105 -47.17 -8.11 -9.51
C GLN B 105 -47.44 -6.95 -10.47
N GLU B 106 -47.30 -5.73 -9.94
CA GLU B 106 -47.45 -4.49 -10.69
C GLU B 106 -46.16 -3.71 -10.87
N ARG B 107 -45.05 -4.16 -10.27
CA ARG B 107 -43.76 -3.49 -10.35
C ARG B 107 -43.79 -2.09 -9.74
N THR B 108 -44.07 -2.03 -8.44
CA THR B 108 -44.09 -0.79 -7.69
C THR B 108 -43.28 -0.92 -6.39
N LEU B 109 -42.76 0.21 -5.94
CA LEU B 109 -41.87 0.31 -4.78
C LEU B 109 -42.26 1.48 -3.88
N THR B 110 -43.51 1.52 -3.45
CA THR B 110 -44.04 2.68 -2.74
C THR B 110 -43.26 2.97 -1.47
N LEU B 111 -43.15 4.27 -1.11
CA LEU B 111 -42.31 4.74 -0.01
C LEU B 111 -43.07 5.77 0.83
N VAL B 112 -44.25 5.40 1.32
CA VAL B 112 -45.12 6.24 2.15
C VAL B 112 -44.38 6.88 3.33
N ASP B 113 -44.70 8.13 3.65
CA ASP B 113 -44.24 8.77 4.89
C ASP B 113 -45.33 9.70 5.41
N THR B 114 -45.04 10.41 6.50
CA THR B 114 -46.03 11.22 7.21
C THR B 114 -45.44 12.58 7.57
N GLY B 115 -44.82 13.25 6.60
CA GLY B 115 -44.11 14.49 6.87
C GLY B 115 -44.96 15.76 6.88
N ILE B 116 -44.47 16.80 6.20
CA ILE B 116 -45.15 18.09 6.18
C ILE B 116 -46.07 18.27 4.98
N GLY B 117 -45.78 17.64 3.85
CA GLY B 117 -46.58 17.83 2.67
C GLY B 117 -46.14 19.01 1.84
N MET B 118 -46.71 19.10 0.64
CA MET B 118 -46.41 20.19 -0.28
C MET B 118 -47.72 20.73 -0.85
N THR B 119 -47.79 22.04 -0.99
CA THR B 119 -48.92 22.72 -1.62
C THR B 119 -48.70 22.83 -3.12
N LYS B 120 -49.78 23.19 -3.82
CA LYS B 120 -49.74 23.23 -5.29
C LYS B 120 -48.66 24.16 -5.81
N ALA B 121 -48.64 25.40 -5.33
CA ALA B 121 -47.65 26.36 -5.79
C ALA B 121 -46.24 25.87 -5.46
N ASP B 122 -46.04 25.37 -4.24
CA ASP B 122 -44.73 24.88 -3.86
C ASP B 122 -44.38 23.62 -4.64
N LEU B 123 -45.39 22.79 -4.95
CA LEU B 123 -45.16 21.58 -5.72
C LEU B 123 -44.65 21.90 -7.12
N ILE B 124 -45.23 22.92 -7.76
CA ILE B 124 -44.74 23.31 -9.07
C ILE B 124 -43.37 23.97 -8.97
N ASN B 125 -43.18 24.83 -7.97
CA ASN B 125 -42.00 25.69 -7.93
C ASN B 125 -40.74 25.02 -7.40
N ASN B 126 -40.84 23.89 -6.69
CA ASN B 126 -39.64 23.19 -6.25
C ASN B 126 -39.42 21.85 -6.93
N LEU B 127 -40.48 21.10 -7.20
CA LEU B 127 -40.35 19.78 -7.80
C LEU B 127 -40.30 19.84 -9.32
N GLY B 128 -40.42 21.02 -9.90
CA GLY B 128 -40.38 21.18 -11.34
C GLY B 128 -39.49 22.33 -11.78
N THR B 129 -38.43 22.58 -11.02
CA THR B 129 -37.49 23.65 -11.35
C THR B 129 -36.11 23.18 -10.92
N ILE B 130 -35.26 22.87 -11.90
CA ILE B 130 -33.94 22.32 -11.62
C ILE B 130 -33.08 23.34 -10.89
N ALA B 131 -32.27 22.85 -9.95
CA ALA B 131 -31.33 23.67 -9.19
C ALA B 131 -32.02 24.72 -8.34
N LYS B 132 -33.17 24.39 -7.75
CA LYS B 132 -33.82 25.23 -6.75
C LYS B 132 -34.29 24.33 -5.62
N SER B 133 -33.93 24.69 -4.39
CA SER B 133 -34.19 23.88 -3.21
C SER B 133 -35.09 24.63 -2.24
N GLY B 134 -36.08 23.93 -1.69
CA GLY B 134 -36.99 24.51 -0.75
C GLY B 134 -36.52 24.44 0.69
N THR B 135 -35.47 23.66 0.94
CA THR B 135 -34.92 23.56 2.29
C THR B 135 -34.12 24.81 2.64
N LYS B 136 -33.38 25.36 1.69
CA LYS B 136 -32.55 26.53 1.97
C LYS B 136 -33.40 27.74 2.34
N ALA B 137 -34.54 27.92 1.67
CA ALA B 137 -35.43 29.02 2.01
C ALA B 137 -35.98 28.87 3.43
N PHE B 138 -36.37 27.64 3.79
CA PHE B 138 -36.87 27.40 5.14
C PHE B 138 -35.79 27.65 6.18
N MET B 139 -34.55 27.29 5.87
CA MET B 139 -33.46 27.54 6.81
C MET B 139 -33.12 29.01 6.92
N GLU B 140 -33.20 29.76 5.82
CA GLU B 140 -32.84 31.18 5.85
C GLU B 140 -33.91 32.01 6.55
N ALA B 141 -35.18 31.74 6.27
CA ALA B 141 -36.25 32.50 6.93
C ALA B 141 -36.33 32.18 8.42
N LEU B 142 -35.80 31.02 8.82
CA LEU B 142 -35.91 30.57 10.21
C LEU B 142 -34.96 31.36 11.10
N GLN B 143 -35.54 32.18 11.98
CA GLN B 143 -34.87 32.95 13.03
C GLN B 143 -33.37 33.17 12.85
N ALA B 144 -32.61 32.91 13.91
CA ALA B 144 -31.15 32.95 13.83
C ALA B 144 -30.63 31.98 14.90
N GLY B 145 -30.35 30.75 14.48
CA GLY B 145 -29.88 29.73 15.39
C GLY B 145 -31.01 28.91 15.99
N ALA B 146 -31.07 27.63 15.64
CA ALA B 146 -32.10 26.74 16.16
C ALA B 146 -31.54 25.33 16.23
N ASP B 147 -32.31 24.42 16.82
CA ASP B 147 -31.92 23.02 16.96
C ASP B 147 -32.29 22.22 15.71
N ILE B 148 -31.87 22.71 14.54
CA ILE B 148 -32.23 22.12 13.27
C ILE B 148 -30.95 21.87 12.48
N SER B 149 -30.90 20.75 11.76
CA SER B 149 -29.74 20.41 10.94
C SER B 149 -30.23 19.44 9.86
N MET B 150 -30.40 19.95 8.65
CA MET B 150 -31.04 19.22 7.58
C MET B 150 -30.07 18.95 6.45
N ILE B 151 -30.43 18.00 5.59
CA ILE B 151 -29.57 17.50 4.53
C ILE B 151 -30.09 17.99 3.20
N GLY B 152 -29.22 18.64 2.42
CA GLY B 152 -29.62 19.01 1.08
C GLY B 152 -29.62 20.49 0.79
N GLN B 153 -28.75 20.91 -0.11
CA GLN B 153 -28.72 22.31 -0.55
C GLN B 153 -28.51 22.46 -2.04
N PHE B 154 -28.32 21.37 -2.80
CA PHE B 154 -27.97 21.49 -4.20
C PHE B 154 -29.20 21.71 -5.08
N GLY B 155 -30.09 20.72 -5.12
CA GLY B 155 -31.30 20.84 -5.91
C GLY B 155 -31.58 19.69 -6.84
N VAL B 156 -30.53 19.12 -7.44
CA VAL B 156 -30.70 18.00 -8.38
C VAL B 156 -30.54 16.71 -7.58
N GLY B 157 -31.62 16.33 -6.88
CA GLY B 157 -31.58 15.10 -6.12
C GLY B 157 -32.70 14.11 -6.36
N PHE B 158 -33.88 14.63 -6.71
CA PHE B 158 -35.06 13.78 -6.88
C PHE B 158 -35.15 13.21 -8.28
N TYR B 159 -34.48 13.83 -9.26
CA TYR B 159 -34.42 13.34 -10.62
C TYR B 159 -33.52 12.12 -10.76
N SER B 160 -32.83 11.72 -9.70
CA SER B 160 -32.06 10.49 -9.70
C SER B 160 -32.93 9.24 -9.63
N ALA B 161 -34.25 9.40 -9.41
CA ALA B 161 -35.15 8.25 -9.46
C ALA B 161 -35.27 7.69 -10.86
N TYR B 162 -35.00 8.49 -11.88
CA TYR B 162 -35.13 8.06 -13.27
C TYR B 162 -33.96 7.22 -13.74
N LEU B 163 -32.96 7.00 -12.89
CA LEU B 163 -31.94 6.01 -13.20
C LEU B 163 -32.56 4.63 -13.35
N VAL B 164 -33.41 4.24 -12.41
CA VAL B 164 -34.20 3.01 -12.50
C VAL B 164 -35.66 3.39 -12.27
N ALA B 165 -36.36 3.72 -13.36
CA ALA B 165 -37.77 4.10 -13.34
C ALA B 165 -38.18 4.46 -14.76
N GLU B 166 -39.49 4.49 -14.99
CA GLU B 166 -40.05 4.83 -16.29
C GLU B 166 -41.16 5.86 -16.12
N LYS B 167 -41.81 5.87 -14.97
CA LYS B 167 -42.90 6.80 -14.70
C LYS B 167 -43.06 6.91 -13.18
N VAL B 168 -42.91 8.11 -12.65
CA VAL B 168 -43.01 8.35 -11.21
C VAL B 168 -44.29 9.12 -10.91
N VAL B 169 -44.94 8.79 -9.81
CA VAL B 169 -46.17 9.45 -9.39
C VAL B 169 -46.00 9.93 -7.96
N VAL B 170 -46.47 11.14 -7.67
CA VAL B 170 -46.39 11.71 -6.32
C VAL B 170 -47.79 12.11 -5.89
N ILE B 171 -48.20 11.68 -4.69
CA ILE B 171 -49.48 12.06 -4.12
C ILE B 171 -49.22 12.80 -2.82
N THR B 172 -49.83 13.98 -2.66
CA THR B 172 -49.46 14.81 -1.52
C THR B 172 -50.68 15.54 -0.96
N LYS B 173 -50.59 15.91 0.33
CA LYS B 173 -51.59 16.72 1.00
C LYS B 173 -50.94 17.52 2.12
N HIS B 174 -51.28 18.81 2.19
CA HIS B 174 -50.83 19.74 3.22
C HIS B 174 -51.97 20.03 4.19
N ASN B 175 -51.66 20.81 5.23
CA ASN B 175 -52.68 21.14 6.22
C ASN B 175 -53.73 22.09 5.68
N ASP B 176 -53.32 23.06 4.85
CA ASP B 176 -54.20 24.12 4.41
C ASP B 176 -54.42 24.10 2.90
N ASP B 177 -54.44 22.91 2.32
CA ASP B 177 -54.80 22.73 0.91
C ASP B 177 -55.62 21.44 0.79
N GLU B 178 -55.76 20.96 -0.44
CA GLU B 178 -56.41 19.71 -0.78
C GLU B 178 -55.33 18.73 -1.26
N GLN B 179 -55.78 17.56 -1.74
CA GLN B 179 -54.87 16.49 -2.12
C GLN B 179 -54.59 16.55 -3.62
N TYR B 180 -53.32 16.42 -4.00
CA TYR B 180 -52.90 16.63 -5.37
C TYR B 180 -52.03 15.47 -5.86
N ALA B 181 -52.03 15.28 -7.18
CA ALA B 181 -51.31 14.20 -7.84
C ALA B 181 -50.43 14.78 -8.94
N TRP B 182 -49.16 14.37 -8.94
CA TRP B 182 -48.13 14.85 -9.84
C TRP B 182 -47.59 13.68 -10.65
N GLU B 183 -47.53 13.85 -11.97
CA GLU B 183 -47.14 12.73 -12.83
C GLU B 183 -46.28 13.22 -13.98
N SER B 184 -45.18 12.52 -14.24
CA SER B 184 -44.24 12.89 -15.29
C SER B 184 -43.50 11.64 -15.74
N SER B 185 -42.73 11.78 -16.82
CA SER B 185 -41.99 10.65 -17.37
C SER B 185 -40.58 11.06 -17.83
N ALA B 186 -40.02 12.11 -17.22
CA ALA B 186 -38.67 12.58 -17.55
C ALA B 186 -38.54 12.95 -19.02
N GLY B 187 -39.60 13.52 -19.58
CA GLY B 187 -39.58 14.01 -20.94
C GLY B 187 -39.41 15.50 -20.97
N GLY B 188 -40.50 16.22 -21.17
CA GLY B 188 -40.46 17.67 -21.13
C GLY B 188 -41.67 18.32 -20.49
N SER B 189 -42.52 17.51 -19.85
CA SER B 189 -43.75 18.04 -19.29
C SER B 189 -44.19 17.19 -18.11
N PHE B 190 -44.95 17.80 -17.21
CA PHE B 190 -45.57 17.10 -16.10
C PHE B 190 -47.00 17.58 -15.93
N THR B 191 -47.87 16.69 -15.45
CA THR B 191 -49.27 17.01 -15.23
C THR B 191 -49.58 17.01 -13.74
N VAL B 192 -50.35 18.00 -13.30
CA VAL B 192 -50.72 18.19 -11.91
C VAL B 192 -52.22 18.28 -11.84
N ARG B 193 -52.86 17.38 -11.07
CA ARG B 193 -54.31 17.38 -11.03
C ARG B 193 -54.80 17.06 -9.62
N ALA B 194 -56.00 17.57 -9.32
CA ALA B 194 -56.69 17.18 -8.10
C ALA B 194 -57.34 15.83 -8.29
N ASP B 195 -57.36 15.03 -7.23
CA ASP B 195 -57.90 13.68 -7.32
C ASP B 195 -58.72 13.36 -6.07
N HIS B 196 -59.55 12.33 -6.21
CA HIS B 196 -60.25 11.72 -5.10
C HIS B 196 -59.88 10.25 -5.05
N GLY B 197 -59.65 9.74 -3.86
CA GLY B 197 -59.15 8.39 -3.70
C GLY B 197 -59.06 7.99 -2.24
N GLU B 198 -57.92 7.45 -1.83
CA GLU B 198 -57.73 7.13 -0.43
C GLU B 198 -57.13 8.34 0.30
N PRO B 199 -57.80 8.86 1.33
CA PRO B 199 -57.21 9.93 2.11
C PRO B 199 -55.89 9.53 2.73
N ILE B 200 -54.96 10.47 2.78
CA ILE B 200 -53.81 10.38 3.64
C ILE B 200 -53.98 11.44 4.73
N GLY B 201 -53.23 11.30 5.81
CA GLY B 201 -53.33 12.30 6.85
C GLY B 201 -52.71 13.61 6.42
N ARG B 202 -51.37 13.66 6.36
CA ARG B 202 -50.72 14.86 5.83
C ARG B 202 -49.42 14.57 5.08
N GLY B 203 -49.16 13.32 4.69
CA GLY B 203 -47.86 12.93 4.16
C GLY B 203 -47.75 13.01 2.65
N THR B 204 -46.79 12.23 2.13
CA THR B 204 -46.53 12.15 0.69
C THR B 204 -46.26 10.70 0.30
N LYS B 205 -46.83 10.27 -0.82
CA LYS B 205 -46.56 8.98 -1.43
C LYS B 205 -45.74 9.16 -2.70
N VAL B 206 -44.75 8.29 -2.87
CA VAL B 206 -43.90 8.25 -4.07
C VAL B 206 -44.05 6.87 -4.67
N ILE B 207 -44.79 6.75 -5.77
CA ILE B 207 -44.98 5.49 -6.46
C ILE B 207 -44.03 5.41 -7.64
N LEU B 208 -43.31 4.30 -7.73
CA LEU B 208 -42.23 4.10 -8.70
C LEU B 208 -42.59 2.89 -9.57
N HIS B 209 -42.86 3.13 -10.84
CA HIS B 209 -43.05 2.04 -11.80
C HIS B 209 -41.69 1.65 -12.35
N LEU B 210 -41.22 0.46 -11.96
CA LEU B 210 -39.85 0.07 -12.27
C LEU B 210 -39.74 -0.41 -13.71
N LYS B 211 -38.49 -0.62 -14.13
CA LYS B 211 -38.18 -0.96 -15.50
C LYS B 211 -38.36 -2.46 -15.73
N GLU B 212 -37.90 -2.94 -16.89
CA GLU B 212 -38.00 -4.36 -17.21
C GLU B 212 -36.75 -5.14 -16.78
N ASP B 213 -35.57 -4.57 -16.98
CA ASP B 213 -34.33 -5.24 -16.62
C ASP B 213 -33.81 -4.86 -15.25
N GLN B 214 -34.52 -4.02 -14.50
CA GLN B 214 -34.11 -3.63 -13.15
C GLN B 214 -35.06 -4.17 -12.09
N THR B 215 -35.76 -5.26 -12.38
CA THR B 215 -36.73 -5.81 -11.43
C THR B 215 -36.06 -6.72 -10.41
N GLU B 216 -34.96 -6.24 -9.82
CA GLU B 216 -34.29 -6.93 -8.74
C GLU B 216 -34.25 -6.11 -7.46
N TYR B 217 -34.94 -4.96 -7.45
CA TYR B 217 -35.07 -4.15 -6.25
C TYR B 217 -36.39 -4.40 -5.54
N LEU B 218 -37.17 -5.35 -6.01
CA LEU B 218 -38.31 -5.88 -5.27
C LEU B 218 -37.97 -7.15 -4.52
N GLU B 219 -36.70 -7.57 -4.55
CA GLU B 219 -36.21 -8.66 -3.73
C GLU B 219 -35.69 -8.08 -2.43
N GLU B 220 -35.97 -8.76 -1.32
CA GLU B 220 -35.83 -8.11 -0.02
C GLU B 220 -34.40 -8.14 0.50
N ARG B 221 -33.61 -9.15 0.16
CA ARG B 221 -32.22 -9.13 0.58
C ARG B 221 -31.48 -7.92 0.01
N ARG B 222 -31.80 -7.56 -1.24
CA ARG B 222 -31.15 -6.42 -1.88
C ARG B 222 -31.56 -5.10 -1.21
N VAL B 223 -32.86 -4.94 -0.94
CA VAL B 223 -33.34 -3.73 -0.27
C VAL B 223 -32.72 -3.61 1.10
N LYS B 224 -32.66 -4.70 1.84
CA LYS B 224 -32.06 -4.67 3.17
C LYS B 224 -30.59 -4.30 3.11
N GLU B 225 -29.86 -4.86 2.15
CA GLU B 225 -28.43 -4.55 2.04
C GLU B 225 -28.23 -3.06 1.74
N VAL B 226 -29.00 -2.53 0.79
CA VAL B 226 -28.83 -1.12 0.42
C VAL B 226 -29.15 -0.22 1.60
N VAL B 227 -30.30 -0.46 2.26
CA VAL B 227 -30.72 0.42 3.34
C VAL B 227 -29.74 0.35 4.51
N LYS B 228 -29.29 -0.85 4.86
CA LYS B 228 -28.35 -0.99 5.96
C LYS B 228 -27.00 -0.36 5.66
N LYS B 229 -26.52 -0.45 4.42
CA LYS B 229 -25.22 0.14 4.10
C LYS B 229 -25.28 1.66 4.05
N HIS B 230 -26.36 2.24 3.50
CA HIS B 230 -26.34 3.66 3.23
C HIS B 230 -27.00 4.49 4.33
N SER B 231 -28.26 4.20 4.67
CA SER B 231 -29.02 5.01 5.61
C SER B 231 -29.50 4.14 6.76
N GLN B 232 -28.68 4.00 7.81
CA GLN B 232 -29.05 3.21 8.97
C GLN B 232 -29.04 3.99 10.28
N PHE B 233 -28.54 5.22 10.29
CA PHE B 233 -28.53 6.04 11.50
C PHE B 233 -29.54 7.18 11.42
N ILE B 234 -30.50 7.09 10.51
CA ILE B 234 -31.58 8.05 10.44
C ILE B 234 -32.42 7.95 11.71
N GLY B 235 -32.86 9.10 12.22
CA GLY B 235 -33.51 9.13 13.52
C GLY B 235 -34.92 8.58 13.55
N TYR B 236 -35.44 8.12 12.41
CA TYR B 236 -36.84 7.73 12.37
C TYR B 236 -37.01 6.26 11.98
N PRO B 237 -38.14 5.64 12.36
CA PRO B 237 -38.30 4.18 12.22
C PRO B 237 -38.70 3.67 10.84
N ILE B 238 -37.73 3.38 9.97
CA ILE B 238 -38.04 2.75 8.69
C ILE B 238 -38.59 1.35 8.93
N THR B 239 -39.68 1.01 8.24
CA THR B 239 -40.28 -0.32 8.33
C THR B 239 -40.53 -0.89 6.94
N LEU B 240 -40.61 -2.22 6.88
CA LEU B 240 -40.93 -2.96 5.67
C LEU B 240 -42.32 -3.59 5.78
N TYR B 241 -42.84 -4.04 4.64
CA TYR B 241 -44.22 -4.53 4.55
C TYR B 241 -44.28 -5.81 3.72
N LEU B 242 -43.45 -6.78 4.06
CA LEU B 242 -43.34 -8.04 3.31
C LEU B 242 -44.60 -8.89 3.45
N GLU B 243 -44.58 -10.08 2.82
CA GLU B 243 -45.70 -11.01 2.78
C GLU B 243 -45.18 -12.44 2.97
N LYS B 244 -45.19 -12.92 4.21
CA LYS B 244 -44.69 -14.26 4.51
C LYS B 244 -45.77 -15.19 5.02
N GLU B 245 -45.41 -16.39 5.46
CA GLU B 245 -46.40 -17.37 5.89
C GLU B 245 -45.83 -18.35 6.90
N LYS B 298 -54.04 -18.63 4.96
CA LYS B 298 -53.66 -17.28 5.34
C LYS B 298 -52.22 -16.98 4.94
N GLU B 299 -51.95 -15.71 4.62
CA GLU B 299 -50.61 -15.31 4.20
C GLU B 299 -50.10 -14.06 4.94
N LYS B 300 -50.82 -13.61 5.98
CA LYS B 300 -50.40 -12.57 6.92
C LYS B 300 -49.89 -11.29 6.26
N TYR B 301 -49.43 -10.36 7.10
CA TYR B 301 -48.91 -9.06 6.64
C TYR B 301 -47.81 -8.67 7.64
N ILE B 302 -46.55 -8.98 7.31
CA ILE B 302 -45.50 -8.78 8.28
C ILE B 302 -45.07 -7.31 8.30
N ASP B 303 -44.56 -6.88 9.45
CA ASP B 303 -44.22 -5.49 9.74
C ASP B 303 -42.81 -5.38 10.31
N GLN B 304 -41.83 -5.97 9.63
CA GLN B 304 -40.46 -6.01 10.14
C GLN B 304 -39.92 -4.58 10.24
N GLU B 305 -39.75 -4.11 11.47
CA GLU B 305 -39.20 -2.79 11.75
C GLU B 305 -37.69 -2.81 11.89
N GLU B 306 -37.08 -3.98 11.81
CA GLU B 306 -35.68 -4.16 12.18
C GLU B 306 -34.71 -3.59 11.17
N LEU B 307 -35.19 -2.75 10.25
CA LEU B 307 -34.28 -2.13 9.28
C LEU B 307 -33.27 -1.24 9.99
N ASN B 308 -33.71 -0.48 11.00
CA ASN B 308 -32.77 0.22 11.86
C ASN B 308 -33.32 0.21 13.29
N LYS B 309 -32.59 -0.43 14.20
CA LYS B 309 -32.95 -0.43 15.61
C LYS B 309 -31.71 -0.30 16.48
N THR B 310 -30.73 0.48 16.03
CA THR B 310 -29.51 0.76 16.79
C THR B 310 -29.24 2.25 16.70
N LYS B 311 -29.68 2.99 17.72
CA LYS B 311 -29.56 4.44 17.69
C LYS B 311 -28.11 4.88 17.78
N PRO B 312 -27.74 5.99 17.15
CA PRO B 312 -26.38 6.52 17.32
C PRO B 312 -26.14 6.91 18.77
N ILE B 313 -24.90 6.72 19.22
CA ILE B 313 -24.55 6.96 20.61
C ILE B 313 -23.48 8.03 20.77
N TRP B 314 -22.83 8.47 19.69
CA TRP B 314 -21.80 9.49 19.81
C TRP B 314 -22.38 10.89 19.94
N THR B 315 -23.67 11.08 19.67
CA THR B 315 -24.24 12.42 19.69
C THR B 315 -24.47 12.91 21.13
N ARG B 316 -24.80 11.99 22.04
CA ARG B 316 -25.20 12.39 23.38
C ARG B 316 -23.99 12.61 24.28
N ASN B 317 -24.27 13.06 25.50
CA ASN B 317 -23.23 13.51 26.42
C ASN B 317 -22.38 12.33 26.88
N PRO B 318 -21.08 12.53 27.11
CA PRO B 318 -20.22 11.43 27.54
C PRO B 318 -20.32 11.08 29.02
N ASP B 319 -21.06 11.85 29.81
CA ASP B 319 -21.21 11.57 31.23
C ASP B 319 -22.43 10.73 31.54
N ASP B 320 -23.19 10.34 30.52
CA ASP B 320 -24.40 9.55 30.71
C ASP B 320 -24.32 8.15 30.10
N ILE B 321 -23.25 7.80 29.41
CA ILE B 321 -23.10 6.47 28.84
C ILE B 321 -22.37 5.57 29.83
N THR B 322 -22.93 4.39 30.09
CA THR B 322 -22.46 3.51 31.17
C THR B 322 -21.96 2.19 30.59
N GLN B 323 -20.67 2.16 30.21
CA GLN B 323 -19.98 0.93 29.86
C GLN B 323 -20.75 -0.01 28.92
N GLU B 324 -21.73 -0.72 29.48
CA GLU B 324 -22.50 -1.71 28.75
C GLU B 324 -23.13 -1.13 27.49
N GLU B 325 -23.64 0.10 27.58
CA GLU B 325 -24.23 0.75 26.41
C GLU B 325 -23.25 0.83 25.26
N TYR B 326 -21.96 1.08 25.58
CA TYR B 326 -20.93 1.04 24.55
C TYR B 326 -20.84 -0.34 23.92
N GLY B 327 -20.77 -1.38 24.75
CA GLY B 327 -20.52 -2.72 24.25
C GLY B 327 -21.53 -3.19 23.23
N GLU B 328 -22.82 -2.97 23.51
CA GLU B 328 -23.85 -3.32 22.56
C GLU B 328 -23.64 -2.62 21.23
N PHE B 329 -23.34 -1.31 21.27
CA PHE B 329 -23.08 -0.57 20.04
C PHE B 329 -21.89 -1.15 19.29
N TYR B 330 -20.94 -1.76 20.03
CA TYR B 330 -19.82 -2.41 19.36
C TYR B 330 -20.24 -3.71 18.71
N LYS B 331 -21.13 -4.46 19.36
CA LYS B 331 -21.55 -5.75 18.81
C LYS B 331 -22.35 -5.55 17.53
N SER B 332 -23.21 -4.54 17.50
CA SER B 332 -24.09 -4.29 16.36
C SER B 332 -23.44 -3.41 15.30
N LEU B 333 -22.18 -3.04 15.48
CA LEU B 333 -21.43 -2.31 14.47
C LEU B 333 -20.61 -3.26 13.61
N THR B 334 -19.79 -4.12 14.23
CA THR B 334 -19.07 -5.15 13.49
C THR B 334 -19.30 -6.50 14.17
N ASN B 335 -20.49 -7.09 13.95
CA ASN B 335 -20.75 -8.52 13.88
C ASN B 335 -19.85 -9.37 14.75
N ASP B 336 -19.79 -9.09 16.05
CA ASP B 336 -18.93 -9.84 16.96
C ASP B 336 -19.78 -10.57 18.00
N TRP B 337 -19.16 -11.58 18.62
CA TRP B 337 -19.76 -12.30 19.72
C TRP B 337 -19.18 -11.89 21.07
N GLU B 338 -18.24 -10.94 21.08
CA GLU B 338 -17.62 -10.47 22.31
C GLU B 338 -17.72 -8.95 22.42
N ASP B 339 -17.03 -8.37 23.39
CA ASP B 339 -17.03 -6.93 23.59
C ASP B 339 -15.63 -6.38 23.43
N HIS B 340 -15.47 -5.10 23.76
CA HIS B 340 -14.26 -4.34 23.48
C HIS B 340 -13.25 -4.48 24.62
N LEU B 341 -12.21 -3.65 24.57
CA LEU B 341 -11.22 -3.56 25.63
C LEU B 341 -10.84 -2.12 25.99
N ALA B 342 -11.20 -1.13 25.19
CA ALA B 342 -10.96 0.28 25.48
C ALA B 342 -11.81 1.10 24.53
N VAL B 343 -11.95 2.40 24.83
CA VAL B 343 -12.83 3.27 24.05
C VAL B 343 -12.42 4.73 24.27
N LYS B 344 -12.46 5.51 23.19
CA LYS B 344 -12.22 6.95 23.23
C LYS B 344 -13.40 7.70 22.62
N HIS B 345 -13.72 8.86 23.18
CA HIS B 345 -14.92 9.61 22.81
C HIS B 345 -14.63 11.11 22.67
N PHE B 346 -13.60 11.47 21.92
CA PHE B 346 -13.19 12.87 21.85
C PHE B 346 -13.90 13.62 20.72
N SER B 347 -13.72 14.95 20.72
CA SER B 347 -14.38 15.83 19.76
C SER B 347 -13.64 17.15 19.71
N VAL B 348 -13.29 17.60 18.50
CA VAL B 348 -12.59 18.87 18.33
C VAL B 348 -13.56 19.94 17.83
N GLU B 349 -13.16 21.22 17.97
CA GLU B 349 -14.00 22.35 17.62
C GLU B 349 -13.16 23.39 16.89
N GLY B 350 -13.83 24.40 16.36
CA GLY B 350 -13.18 25.42 15.56
C GLY B 350 -13.84 25.58 14.22
N GLN B 351 -13.05 25.57 13.14
CA GLN B 351 -13.63 25.55 11.80
C GLN B 351 -13.98 24.14 11.35
N LEU B 352 -13.09 23.18 11.61
CA LEU B 352 -13.30 21.78 11.26
C LEU B 352 -13.62 21.02 12.53
N GLU B 353 -14.86 20.57 12.67
CA GLU B 353 -15.31 19.91 13.88
C GLU B 353 -15.90 18.54 13.58
N PHE B 354 -15.62 17.58 14.44
CA PHE B 354 -16.18 16.24 14.32
C PHE B 354 -16.26 15.61 15.71
N ARG B 355 -16.73 14.36 15.75
CA ARG B 355 -16.87 13.59 16.99
C ARG B 355 -16.56 12.14 16.67
N ALA B 356 -15.60 11.55 17.38
CA ALA B 356 -15.11 10.21 17.07
C ALA B 356 -15.40 9.23 18.21
N LEU B 357 -15.45 7.94 17.86
CA LEU B 357 -15.77 6.87 18.79
C LEU B 357 -14.87 5.64 18.59
N LEU B 358 -13.55 5.85 18.58
CA LEU B 358 -12.59 4.78 18.34
C LEU B 358 -12.76 3.62 19.35
N PHE B 359 -12.22 2.46 18.97
CA PHE B 359 -12.38 1.22 19.73
C PHE B 359 -11.14 0.35 19.57
N ILE B 360 -10.98 -0.59 20.49
CA ILE B 360 -9.92 -1.60 20.44
C ILE B 360 -10.56 -2.97 20.64
N PRO B 361 -10.29 -3.95 19.78
CA PRO B 361 -10.92 -5.26 19.95
C PRO B 361 -10.16 -6.11 20.96
N ARG B 362 -10.70 -7.30 21.22
CA ARG B 362 -10.13 -8.16 22.25
C ARG B 362 -9.06 -9.07 21.69
N ARG B 363 -9.36 -9.79 20.60
CA ARG B 363 -8.40 -10.70 19.98
C ARG B 363 -8.27 -10.37 18.50
N ALA B 364 -7.06 -10.54 17.98
CA ALA B 364 -6.77 -10.11 16.62
C ALA B 364 -7.48 -11.01 15.62
N PRO B 365 -8.10 -10.44 14.58
CA PRO B 365 -8.67 -11.28 13.53
C PRO B 365 -7.57 -12.03 12.80
N PHE B 366 -7.91 -13.24 12.34
CA PHE B 366 -6.90 -14.13 11.80
C PHE B 366 -6.56 -13.85 10.35
N ASP B 367 -7.23 -12.91 9.71
CA ASP B 367 -6.96 -12.51 8.33
C ASP B 367 -6.63 -11.03 8.27
N LEU B 368 -5.92 -10.53 9.28
CA LEU B 368 -5.66 -9.10 9.39
C LEU B 368 -4.75 -8.61 8.28
N PHE B 369 -3.74 -9.39 7.92
CA PHE B 369 -2.77 -9.01 6.90
C PHE B 369 -3.08 -9.63 5.54
N GLU B 370 -4.30 -10.11 5.34
CA GLU B 370 -4.72 -10.65 4.05
C GLU B 370 -5.05 -9.55 3.05
N ASN B 371 -5.19 -8.30 3.51
CA ASN B 371 -5.58 -7.14 2.71
C ASN B 371 -6.64 -7.48 1.66
N LYS B 372 -6.34 -7.20 0.39
CA LYS B 372 -7.25 -7.49 -0.72
C LYS B 372 -8.59 -6.79 -0.56
N LYS B 373 -9.43 -7.29 0.35
CA LYS B 373 -10.75 -6.71 0.56
C LYS B 373 -10.63 -5.25 1.01
N LYS B 374 -11.52 -4.41 0.48
CA LYS B 374 -11.53 -3.00 0.84
C LYS B 374 -11.72 -2.83 2.34
N LYS B 375 -10.88 -1.98 2.94
CA LYS B 375 -10.92 -1.79 4.38
C LYS B 375 -12.09 -0.91 4.77
N ASN B 376 -12.86 -1.35 5.76
CA ASN B 376 -14.08 -0.65 6.18
C ASN B 376 -14.14 -0.57 7.70
N ASN B 377 -13.00 -0.32 8.34
CA ASN B 377 -12.96 -0.23 9.80
C ASN B 377 -13.26 1.16 10.33
N ILE B 378 -12.93 2.22 9.57
CA ILE B 378 -13.31 3.57 9.93
C ILE B 378 -14.16 4.14 8.80
N LYS B 379 -15.35 4.61 9.15
CA LYS B 379 -16.26 5.23 8.20
C LYS B 379 -16.20 6.75 8.37
N LEU B 380 -16.92 7.46 7.51
CA LEU B 380 -16.99 8.92 7.61
C LEU B 380 -18.40 9.36 7.27
N TYR B 381 -19.05 10.05 8.21
CA TYR B 381 -20.42 10.47 8.07
C TYR B 381 -20.51 11.99 8.06
N VAL B 382 -21.50 12.50 7.33
CA VAL B 382 -21.84 13.92 7.32
C VAL B 382 -23.33 14.03 7.57
N ARG B 383 -23.71 14.56 8.73
CA ARG B 383 -25.12 14.65 9.14
C ARG B 383 -25.79 13.29 9.13
N ARG B 384 -25.07 12.27 9.60
CA ARG B 384 -25.61 10.92 9.79
C ARG B 384 -26.04 10.28 8.47
N VAL B 385 -25.24 10.49 7.43
CA VAL B 385 -25.41 9.83 6.14
C VAL B 385 -24.03 9.45 5.63
N PHE B 386 -23.89 8.22 5.14
CA PHE B 386 -22.59 7.71 4.72
C PHE B 386 -22.05 8.51 3.55
N ILE B 387 -20.74 8.78 3.57
CA ILE B 387 -20.10 9.52 2.50
C ILE B 387 -19.08 8.61 1.81
N MET B 388 -18.10 8.12 2.56
CA MET B 388 -17.09 7.23 2.01
C MET B 388 -16.39 6.52 3.16
N ASP B 389 -15.93 5.30 2.91
CA ASP B 389 -15.12 4.57 3.88
C ASP B 389 -13.71 4.37 3.37
N SER B 390 -12.76 4.42 4.30
CA SER B 390 -11.34 4.27 3.95
C SER B 390 -10.52 4.20 5.22
N CYS B 391 -9.42 3.46 5.15
CA CYS B 391 -8.41 3.46 6.20
C CYS B 391 -7.01 3.44 5.60
N ASP B 392 -6.89 3.67 4.31
CA ASP B 392 -5.62 3.91 3.66
C ASP B 392 -5.20 5.37 3.72
N GLU B 393 -6.13 6.29 3.96
CA GLU B 393 -5.82 7.70 4.10
C GLU B 393 -6.37 8.35 5.36
N LEU B 394 -7.11 7.62 6.19
CA LEU B 394 -7.57 8.17 7.46
C LEU B 394 -6.74 7.69 8.64
N ILE B 395 -6.29 6.43 8.63
CA ILE B 395 -5.31 5.97 9.60
C ILE B 395 -4.18 5.29 8.85
N PRO B 396 -2.98 5.24 9.43
CA PRO B 396 -1.87 4.56 8.77
C PRO B 396 -2.07 3.05 8.66
N GLU B 397 -1.12 2.37 8.01
CA GLU B 397 -1.28 0.96 7.71
C GLU B 397 -0.99 0.05 8.90
N TYR B 398 -0.29 0.54 9.93
CA TYR B 398 0.01 -0.26 11.10
C TYR B 398 -1.01 -0.07 12.22
N LEU B 399 -2.10 0.65 11.96
CA LEU B 399 -3.17 0.82 12.94
C LEU B 399 -4.50 0.41 12.32
N ASN B 400 -4.50 -0.71 11.60
CA ASN B 400 -5.69 -1.17 10.88
C ASN B 400 -6.62 -2.01 11.75
N PHE B 401 -6.29 -2.22 13.03
CA PHE B 401 -7.13 -3.01 13.91
C PHE B 401 -8.13 -2.17 14.70
N ILE B 402 -8.20 -0.87 14.46
CA ILE B 402 -9.03 0.04 15.24
C ILE B 402 -10.30 0.35 14.46
N ARG B 403 -11.45 0.20 15.12
CA ARG B 403 -12.74 0.50 14.53
C ARG B 403 -13.34 1.75 15.19
N GLY B 404 -14.15 2.47 14.44
CA GLY B 404 -14.70 3.70 14.96
C GLY B 404 -15.62 4.39 13.98
N VAL B 405 -15.90 5.66 14.29
CA VAL B 405 -16.84 6.49 13.55
C VAL B 405 -16.36 7.95 13.64
N VAL B 406 -16.41 8.66 12.52
CA VAL B 406 -15.78 9.99 12.41
C VAL B 406 -16.78 11.06 12.01
N ASP B 407 -18.02 10.99 12.51
CA ASP B 407 -19.08 11.91 12.12
C ASP B 407 -18.67 13.37 12.22
N SER B 408 -19.05 14.15 11.20
CA SER B 408 -18.78 15.59 11.14
C SER B 408 -20.05 16.37 10.79
N GLU B 409 -19.93 17.68 10.59
CA GLU B 409 -21.10 18.53 10.42
C GLU B 409 -21.17 19.25 9.08
N ASP B 410 -20.08 19.84 8.61
CA ASP B 410 -20.07 20.44 7.27
C ASP B 410 -18.70 20.27 6.63
N LEU B 411 -18.69 19.99 5.34
CA LEU B 411 -17.48 19.69 4.58
C LEU B 411 -17.72 19.99 3.11
N PRO B 412 -16.66 20.21 2.32
CA PRO B 412 -16.81 20.45 0.88
C PRO B 412 -17.06 19.18 0.07
N LEU B 413 -18.32 18.77 -0.05
CA LEU B 413 -18.68 17.54 -0.73
C LEU B 413 -18.74 17.75 -2.26
N ASN B 414 -18.97 16.65 -2.97
CA ASN B 414 -19.07 16.63 -4.42
C ASN B 414 -20.53 16.75 -4.85
N ILE B 415 -20.77 16.68 -6.17
CA ILE B 415 -22.14 16.74 -6.67
C ILE B 415 -22.87 15.44 -6.38
N SER B 416 -22.20 14.31 -6.51
CA SER B 416 -22.62 13.06 -5.88
C SER B 416 -21.90 12.97 -4.56
N ARG B 417 -22.64 12.98 -3.45
CA ARG B 417 -22.04 13.08 -2.13
C ARG B 417 -21.36 11.74 -1.83
N GLU B 418 -20.25 11.52 -2.53
CA GLU B 418 -19.51 10.28 -2.43
C GLU B 418 -18.00 10.49 -2.43
N MET B 419 -17.54 11.73 -2.34
CA MET B 419 -16.13 12.06 -2.43
C MET B 419 -15.95 13.46 -1.88
N LEU B 420 -14.72 13.80 -1.54
CA LEU B 420 -14.42 15.05 -0.87
C LEU B 420 -13.42 15.84 -1.71
N GLN B 421 -13.79 17.06 -2.08
CA GLN B 421 -12.81 17.98 -2.64
C GLN B 421 -11.86 18.44 -1.55
N GLN B 422 -10.66 18.84 -1.95
CA GLN B 422 -9.58 19.20 -1.02
C GLN B 422 -9.24 18.03 -0.10
N SER B 423 -8.65 17.01 -0.73
CA SER B 423 -8.23 15.79 -0.03
C SER B 423 -7.33 16.05 1.16
N LYS B 424 -6.81 17.27 1.35
CA LYS B 424 -5.93 17.54 2.49
C LYS B 424 -6.66 17.50 3.82
N ILE B 425 -7.99 17.65 3.81
CA ILE B 425 -8.76 17.58 5.06
C ILE B 425 -8.59 16.22 5.71
N LEU B 426 -8.52 15.17 4.89
CA LEU B 426 -8.35 13.82 5.39
C LEU B 426 -7.02 13.67 6.12
N LYS B 427 -5.95 14.20 5.53
CA LYS B 427 -4.65 14.16 6.17
C LYS B 427 -4.60 15.02 7.42
N VAL B 428 -5.42 16.06 7.50
CA VAL B 428 -5.51 16.83 8.75
C VAL B 428 -6.20 15.99 9.83
N ILE B 429 -7.24 15.24 9.46
CA ILE B 429 -7.97 14.40 10.42
C ILE B 429 -7.06 13.30 10.97
N ARG B 430 -6.22 12.74 10.09
CA ARG B 430 -5.37 11.60 10.47
C ARG B 430 -4.46 11.94 11.64
N LYS B 431 -3.93 13.18 11.68
CA LYS B 431 -3.03 13.56 12.77
C LYS B 431 -3.71 13.45 14.12
N ASN B 432 -4.90 14.02 14.25
CA ASN B 432 -5.62 13.98 15.52
C ASN B 432 -5.97 12.55 15.91
N ILE B 433 -6.39 11.74 14.93
CA ILE B 433 -6.72 10.35 15.26
C ILE B 433 -5.49 9.62 15.81
N VAL B 434 -4.33 9.80 15.17
CA VAL B 434 -3.12 9.12 15.62
C VAL B 434 -2.72 9.58 17.02
N LYS B 435 -2.78 10.89 17.26
CA LYS B 435 -2.40 11.42 18.57
C LYS B 435 -3.28 10.84 19.68
N LYS B 436 -4.59 10.82 19.46
CA LYS B 436 -5.48 10.28 20.48
C LYS B 436 -5.27 8.79 20.69
N CYS B 437 -4.99 8.04 19.63
CA CYS B 437 -4.74 6.61 19.79
C CYS B 437 -3.49 6.35 20.64
N LEU B 438 -2.42 7.11 20.39
CA LEU B 438 -1.22 6.94 21.19
C LEU B 438 -1.45 7.30 22.65
N GLU B 439 -2.22 8.37 22.90
CA GLU B 439 -2.55 8.70 24.29
C GLU B 439 -3.34 7.56 24.95
N LEU B 440 -4.27 6.94 24.22
CA LEU B 440 -5.01 5.81 24.77
C LEU B 440 -4.09 4.66 25.13
N PHE B 441 -3.13 4.33 24.26
CA PHE B 441 -2.19 3.26 24.59
C PHE B 441 -1.40 3.57 25.85
N SER B 442 -0.91 4.80 25.96
CA SER B 442 -0.12 5.17 27.13
C SER B 442 -0.96 5.07 28.40
N GLU B 443 -2.22 5.49 28.34
CA GLU B 443 -3.07 5.38 29.52
C GLU B 443 -3.34 3.91 29.87
N LEU B 444 -3.58 3.07 28.86
CA LEU B 444 -3.86 1.67 29.11
C LEU B 444 -2.66 0.92 29.68
N ALA B 445 -1.44 1.37 29.39
CA ALA B 445 -0.24 0.71 29.90
C ALA B 445 0.03 1.01 31.37
N GLU B 446 -0.93 1.58 32.11
CA GLU B 446 -0.68 1.89 33.51
C GLU B 446 -0.84 0.66 34.39
N ASP B 447 -2.02 0.05 34.38
CA ASP B 447 -2.22 -1.17 35.14
C ASP B 447 -1.57 -2.35 34.41
N LYS B 448 -0.73 -3.09 35.12
CA LYS B 448 0.02 -4.18 34.52
C LYS B 448 -0.71 -5.51 34.66
N GLU B 449 -1.99 -5.52 34.30
CA GLU B 449 -2.76 -6.75 34.25
C GLU B 449 -3.57 -6.90 32.98
N ASN B 450 -4.00 -5.80 32.36
CA ASN B 450 -4.68 -5.86 31.07
C ASN B 450 -3.76 -5.50 29.92
N TYR B 451 -2.57 -4.98 30.21
CA TYR B 451 -1.60 -4.68 29.16
C TYR B 451 -1.06 -5.95 28.51
N LYS B 452 -0.97 -7.04 29.26
CA LYS B 452 -0.44 -8.28 28.70
C LYS B 452 -1.35 -8.82 27.60
N LYS B 453 -2.67 -8.75 27.82
CA LYS B 453 -3.61 -9.24 26.82
C LYS B 453 -3.53 -8.42 25.54
N PHE B 454 -3.33 -7.11 25.66
CA PHE B 454 -3.20 -6.26 24.48
C PHE B 454 -1.86 -6.46 23.78
N TYR B 455 -0.80 -6.69 24.56
CA TYR B 455 0.54 -6.80 23.98
C TYR B 455 0.78 -8.14 23.30
N GLU B 456 0.23 -9.23 23.83
CA GLU B 456 0.49 -10.53 23.25
C GLU B 456 -0.29 -10.78 21.97
N ALA B 457 -1.16 -9.85 21.56
CA ALA B 457 -1.92 -10.00 20.34
C ALA B 457 -1.74 -8.86 19.35
N PHE B 458 -1.08 -7.77 19.74
CA PHE B 458 -0.93 -6.60 18.86
C PHE B 458 0.47 -6.04 18.95
N SER B 459 1.49 -6.90 19.02
CA SER B 459 2.86 -6.44 19.20
C SER B 459 3.60 -6.24 17.88
N LYS B 460 3.18 -6.94 16.82
CA LYS B 460 3.84 -6.77 15.53
C LYS B 460 3.60 -5.39 14.96
N ASN B 461 2.42 -4.82 15.22
CA ASN B 461 2.07 -3.53 14.65
C ASN B 461 2.95 -2.41 15.20
N LEU B 462 3.31 -2.49 16.48
CA LEU B 462 4.18 -1.47 17.07
C LEU B 462 5.56 -1.48 16.42
N LYS B 463 6.12 -2.67 16.20
CA LYS B 463 7.44 -2.74 15.57
C LYS B 463 7.36 -2.41 14.09
N LEU B 464 6.21 -2.65 13.46
CA LEU B 464 6.02 -2.16 12.09
C LEU B 464 6.00 -0.65 12.07
N GLY B 465 5.38 -0.03 13.08
CA GLY B 465 5.34 1.42 13.15
C GLY B 465 6.69 2.05 13.42
N ILE B 466 7.52 1.41 14.24
CA ILE B 466 8.84 1.96 14.52
C ILE B 466 9.67 2.03 13.23
N HIS B 467 9.47 1.07 12.32
CA HIS B 467 10.28 1.03 11.11
C HIS B 467 9.97 2.21 10.19
N GLU B 468 8.69 2.49 9.95
CA GLU B 468 8.31 3.65 9.12
C GLU B 468 7.35 4.57 9.88
N ASP B 469 7.93 5.35 10.79
CA ASP B 469 7.26 6.54 11.32
C ASP B 469 8.36 7.38 11.98
N SER B 470 8.80 8.43 11.28
CA SER B 470 9.83 9.29 11.85
C SER B 470 9.28 10.31 12.84
N THR B 471 8.01 10.70 12.69
CA THR B 471 7.46 11.76 13.53
C THR B 471 7.32 11.31 14.97
N ASN B 472 6.75 10.13 15.19
CA ASN B 472 6.50 9.60 16.53
C ASN B 472 7.14 8.22 16.62
N ARG B 473 8.42 8.21 17.00
CA ARG B 473 9.18 6.97 17.20
C ARG B 473 9.73 6.94 18.62
N ARG B 474 9.73 8.08 19.29
CA ARG B 474 10.09 8.15 20.70
C ARG B 474 8.93 7.82 21.63
N ARG B 475 7.70 8.18 21.27
CA ARG B 475 6.55 7.75 22.06
C ARG B 475 6.17 6.31 21.80
N LEU B 476 6.58 5.74 20.67
CA LEU B 476 6.28 4.36 20.32
C LEU B 476 7.41 3.41 20.70
N SER B 477 8.50 3.93 21.27
CA SER B 477 9.61 3.13 21.74
C SER B 477 9.61 2.97 23.26
N GLU B 478 8.51 3.35 23.91
CA GLU B 478 8.35 3.15 25.34
C GLU B 478 7.28 2.13 25.67
N LEU B 479 6.52 1.66 24.68
CA LEU B 479 5.58 0.56 24.84
C LEU B 479 6.18 -0.77 24.44
N LEU B 480 7.49 -0.93 24.57
CA LEU B 480 8.19 -2.15 24.20
C LEU B 480 8.54 -2.94 25.45
N ARG B 481 8.17 -4.21 25.47
CA ARG B 481 8.46 -5.11 26.56
C ARG B 481 9.32 -6.25 26.05
N TYR B 482 10.39 -6.57 26.78
CA TYR B 482 11.37 -7.55 26.35
C TYR B 482 11.69 -8.51 27.50
N HIS B 483 11.95 -9.76 27.16
CA HIS B 483 12.52 -10.69 28.12
C HIS B 483 13.96 -10.33 28.39
N THR B 484 14.41 -10.55 29.63
CA THR B 484 15.74 -10.13 30.03
C THR B 484 16.31 -11.17 30.98
N SER B 485 17.65 -11.24 31.05
CA SER B 485 18.29 -12.24 31.89
C SER B 485 18.59 -11.71 33.28
N GLN B 486 17.60 -11.03 33.88
CA GLN B 486 17.50 -10.84 35.31
C GLN B 486 16.04 -10.86 35.76
N SER B 487 15.14 -11.27 34.86
CA SER B 487 13.73 -11.43 35.17
C SER B 487 13.28 -12.75 34.56
N GLY B 488 12.91 -13.70 35.40
CA GLY B 488 12.69 -15.07 34.96
C GLY B 488 11.69 -15.27 33.85
N ASP B 489 10.42 -15.05 34.14
CA ASP B 489 9.35 -15.29 33.17
C ASP B 489 8.38 -14.13 33.13
N GLU B 490 8.90 -12.92 33.35
CA GLU B 490 8.11 -11.71 33.28
C GLU B 490 8.84 -10.70 32.42
N MET B 491 8.13 -10.14 31.44
CA MET B 491 8.73 -9.15 30.55
C MET B 491 8.99 -7.85 31.30
N THR B 492 10.10 -7.20 30.98
CA THR B 492 10.46 -5.92 31.58
C THR B 492 10.43 -4.82 30.53
N SER B 493 10.47 -3.58 31.00
CA SER B 493 10.41 -2.40 30.14
C SER B 493 11.81 -1.85 29.93
N LEU B 494 11.94 -1.02 28.88
CA LEU B 494 13.27 -0.53 28.51
C LEU B 494 13.75 0.55 29.48
N SER B 495 12.85 1.41 29.95
CA SER B 495 13.26 2.44 30.91
C SER B 495 13.60 1.84 32.26
N GLU B 496 12.90 0.78 32.65
CA GLU B 496 13.24 0.06 33.87
C GLU B 496 14.65 -0.52 33.81
N TYR B 497 15.10 -0.88 32.60
CA TYR B 497 16.46 -1.40 32.44
C TYR B 497 17.50 -0.37 32.84
N VAL B 498 17.35 0.86 32.35
CA VAL B 498 18.38 1.88 32.54
C VAL B 498 18.53 2.23 34.01
N SER B 499 17.53 1.93 34.84
CA SER B 499 17.65 2.19 36.27
C SER B 499 18.71 1.31 36.92
N ARG B 500 18.63 0.00 36.70
CA ARG B 500 19.48 -0.95 37.42
C ARG B 500 20.76 -1.26 36.63
N MET B 501 21.40 -0.20 36.16
CA MET B 501 22.71 -0.34 35.54
C MET B 501 23.80 -0.12 36.59
N LYS B 502 25.04 -0.28 36.18
CA LYS B 502 26.17 -0.13 37.10
C LYS B 502 26.81 1.24 36.89
N GLU B 503 27.89 1.51 37.63
CA GLU B 503 28.48 2.85 37.62
C GLU B 503 29.17 3.17 36.30
N THR B 504 30.02 2.26 35.82
CA THR B 504 30.84 2.50 34.64
C THR B 504 30.19 1.96 33.37
N GLN B 505 29.00 1.38 33.47
CA GLN B 505 28.36 0.80 32.30
C GLN B 505 27.94 1.87 31.31
N LYS B 506 28.26 1.65 30.05
CA LYS B 506 27.71 2.43 28.95
C LYS B 506 27.10 1.46 27.95
N SER B 507 26.05 1.91 27.26
CA SER B 507 25.40 1.17 26.18
C SER B 507 24.61 -0.04 26.66
N ILE B 508 23.61 -0.43 25.88
CA ILE B 508 22.72 -1.56 26.19
C ILE B 508 23.11 -2.74 25.32
N TYR B 509 23.15 -3.94 25.91
CA TYR B 509 23.53 -5.14 25.21
C TYR B 509 22.30 -5.94 24.80
N TYR B 510 22.34 -6.50 23.59
CA TYR B 510 21.22 -7.27 23.08
C TYR B 510 21.72 -8.41 22.20
N ILE B 511 20.84 -9.39 21.98
CA ILE B 511 21.17 -10.55 21.15
C ILE B 511 19.90 -11.00 20.45
N THR B 512 20.04 -11.39 19.18
CA THR B 512 18.92 -11.82 18.35
C THR B 512 19.13 -13.27 17.92
N GLY B 513 18.12 -14.11 18.12
CA GLY B 513 18.22 -15.51 17.81
C GLY B 513 16.96 -16.09 17.21
N GLU B 514 16.75 -17.41 17.37
CA GLU B 514 15.59 -18.07 16.80
C GLU B 514 14.66 -18.68 17.84
N SER B 515 15.13 -18.93 19.06
CA SER B 515 14.27 -19.44 20.12
C SER B 515 14.83 -18.95 21.46
N LYS B 516 13.97 -18.99 22.49
CA LYS B 516 14.33 -18.43 23.77
C LYS B 516 15.36 -19.26 24.52
N GLU B 517 15.49 -20.55 24.19
CA GLU B 517 16.50 -21.39 24.81
C GLU B 517 17.74 -21.58 23.95
N GLN B 518 17.65 -21.35 22.65
CA GLN B 518 18.85 -21.38 21.82
C GLN B 518 19.78 -20.23 22.15
N VAL B 519 19.25 -19.13 22.64
CA VAL B 519 20.04 -17.92 22.89
C VAL B 519 20.39 -17.75 24.35
N ALA B 520 19.68 -18.43 25.27
CA ALA B 520 19.98 -18.29 26.69
C ALA B 520 21.37 -18.80 27.03
N ASN B 521 21.76 -19.94 26.46
CA ASN B 521 23.08 -20.53 26.71
C ASN B 521 23.83 -20.61 25.39
N SER B 522 24.52 -19.53 25.04
CA SER B 522 25.33 -19.47 23.84
C SER B 522 26.74 -19.11 24.22
N ALA B 523 27.62 -19.04 23.22
CA ALA B 523 29.03 -18.78 23.50
C ALA B 523 29.26 -17.31 23.85
N PHE B 524 28.59 -16.40 23.14
CA PHE B 524 28.85 -14.98 23.33
C PHE B 524 28.43 -14.51 24.72
N VAL B 525 27.26 -14.93 25.17
CA VAL B 525 26.70 -14.43 26.42
C VAL B 525 27.52 -14.86 27.63
N GLU B 526 28.23 -15.99 27.53
CA GLU B 526 28.82 -16.66 28.68
C GLU B 526 29.91 -15.86 29.40
N ARG B 527 30.24 -14.65 28.96
CA ARG B 527 31.22 -13.82 29.64
C ARG B 527 30.61 -12.57 30.27
N VAL B 528 29.79 -11.82 29.51
CA VAL B 528 29.15 -10.63 30.06
C VAL B 528 28.07 -10.97 31.09
N ARG B 529 27.61 -12.21 31.12
CA ARG B 529 26.60 -12.66 32.08
C ARG B 529 27.23 -13.15 33.37
N LYS B 530 28.56 -13.19 33.45
CA LYS B 530 29.29 -13.60 34.64
C LYS B 530 29.80 -12.39 35.43
N ARG B 531 29.69 -11.19 34.86
CA ARG B 531 30.10 -9.97 35.53
C ARG B 531 28.92 -9.12 35.98
N GLY B 532 27.73 -9.69 36.08
CA GLY B 532 26.58 -8.98 36.61
C GLY B 532 25.90 -8.04 35.65
N PHE B 533 26.27 -8.07 34.36
CA PHE B 533 25.62 -7.20 33.38
C PHE B 533 24.30 -7.81 32.94
N GLU B 534 23.63 -7.13 32.02
CA GLU B 534 22.33 -7.55 31.52
C GLU B 534 22.36 -7.66 30.00
N VAL B 535 21.64 -8.65 29.48
CA VAL B 535 21.40 -8.79 28.05
C VAL B 535 19.91 -8.97 27.83
N VAL B 536 19.39 -8.39 26.77
CA VAL B 536 17.99 -8.55 26.41
C VAL B 536 17.87 -9.57 25.29
N TYR B 537 16.74 -10.26 25.25
CA TYR B 537 16.50 -11.37 24.33
C TYR B 537 15.49 -10.92 23.28
N MET B 538 15.98 -10.69 22.06
CA MET B 538 15.11 -10.34 20.93
C MET B 538 15.00 -11.58 20.05
N THR B 539 13.97 -12.39 20.29
CA THR B 539 13.80 -13.67 19.61
C THR B 539 12.52 -13.63 18.78
N GLU B 540 12.62 -13.10 17.57
CA GLU B 540 11.50 -12.98 16.65
C GLU B 540 12.02 -12.44 15.32
N PRO B 541 11.27 -12.62 14.23
CA PRO B 541 11.78 -12.16 12.92
C PRO B 541 11.74 -10.65 12.74
N ILE B 542 10.69 -9.98 13.22
CA ILE B 542 10.56 -8.54 13.00
C ILE B 542 11.43 -7.72 13.93
N ASP B 543 12.02 -8.36 14.95
CA ASP B 543 12.88 -7.65 15.88
C ASP B 543 14.09 -7.05 15.19
N GLU B 544 14.60 -7.72 14.15
CA GLU B 544 15.72 -7.17 13.42
C GLU B 544 15.32 -5.90 12.66
N TYR B 545 14.15 -5.94 12.01
CA TYR B 545 13.62 -4.76 11.33
C TYR B 545 13.47 -3.60 12.31
N CYS B 546 13.06 -3.89 13.54
CA CYS B 546 12.96 -2.81 14.53
C CYS B 546 14.33 -2.29 14.93
N VAL B 547 15.23 -3.18 15.36
CA VAL B 547 16.49 -2.77 15.96
C VAL B 547 17.46 -2.20 14.94
N GLN B 548 17.20 -2.37 13.65
CA GLN B 548 18.01 -1.73 12.62
C GLN B 548 17.75 -0.22 12.54
N GLN B 549 16.53 0.22 12.89
CA GLN B 549 16.13 1.62 12.79
C GLN B 549 16.31 2.37 14.10
N LEU B 550 15.83 1.81 15.21
CA LEU B 550 16.02 2.42 16.53
C LEU B 550 17.48 2.20 16.93
N LYS B 551 18.26 3.28 16.97
CA LYS B 551 19.70 3.17 17.16
C LYS B 551 20.17 3.64 18.52
N GLU B 552 19.36 4.40 19.26
CA GLU B 552 19.75 4.87 20.58
C GLU B 552 18.49 5.08 21.42
N PHE B 553 18.64 4.90 22.72
CA PHE B 553 17.53 5.10 23.65
C PHE B 553 18.04 5.88 24.85
N ASP B 554 17.45 7.05 25.09
CA ASP B 554 17.76 7.89 26.26
C ASP B 554 19.25 8.19 26.34
N GLY B 555 19.85 8.50 25.19
CA GLY B 555 21.25 8.80 25.15
C GLY B 555 22.17 7.61 25.30
N LYS B 556 21.63 6.40 25.28
CA LYS B 556 22.41 5.17 25.34
C LYS B 556 22.36 4.44 24.01
N SER B 557 23.44 3.75 23.69
CA SER B 557 23.61 3.09 22.40
C SER B 557 23.30 1.61 22.54
N LEU B 558 22.67 1.04 21.51
CA LEU B 558 22.34 -0.38 21.49
C LEU B 558 23.47 -1.11 20.78
N VAL B 559 24.27 -1.85 21.54
CA VAL B 559 25.43 -2.57 21.03
C VAL B 559 25.15 -4.06 21.11
N SER B 560 25.49 -4.79 20.05
CA SER B 560 25.25 -6.21 20.00
C SER B 560 26.45 -6.98 20.55
N VAL B 561 26.22 -8.25 20.88
CA VAL B 561 27.25 -9.09 21.48
C VAL B 561 27.97 -9.96 20.45
N THR B 562 27.68 -9.78 19.16
CA THR B 562 28.20 -10.65 18.11
C THR B 562 28.73 -9.84 16.94
N LYS B 563 29.49 -8.76 17.20
CA LYS B 563 29.97 -7.92 16.10
C LYS B 563 31.38 -7.37 16.38
N GLU B 564 32.38 -8.15 15.97
CA GLU B 564 33.77 -7.73 15.75
C GLU B 564 34.29 -6.77 16.84
N GLY B 565 34.34 -7.29 18.05
CA GLY B 565 35.13 -6.62 19.06
C GLY B 565 34.39 -5.62 19.94
N LEU B 566 33.30 -6.07 20.57
CA LEU B 566 32.70 -5.27 21.62
C LEU B 566 33.70 -5.09 22.75
N GLU B 567 33.71 -3.90 23.34
CA GLU B 567 34.57 -3.60 24.47
C GLU B 567 33.71 -3.31 25.69
N LEU B 568 34.04 -3.95 26.80
CA LEU B 568 33.33 -3.76 28.04
C LEU B 568 34.28 -3.28 29.14
N PRO B 569 33.80 -2.49 30.10
CA PRO B 569 34.70 -1.96 31.13
C PRO B 569 35.39 -3.07 31.90
N GLU B 570 36.66 -2.85 32.20
CA GLU B 570 37.52 -3.93 32.70
C GLU B 570 38.66 -3.34 33.51
N ASP B 571 39.43 -4.24 34.13
CA ASP B 571 40.58 -3.86 34.92
C ASP B 571 41.83 -3.78 34.04
N GLU B 572 42.80 -2.98 34.50
CA GLU B 572 44.06 -2.83 33.75
C GLU B 572 44.88 -4.11 33.77
N GLU B 573 44.92 -4.80 34.91
CA GLU B 573 45.74 -6.01 35.03
C GLU B 573 45.29 -7.08 34.05
N GLU B 574 43.98 -7.24 33.89
CA GLU B 574 43.46 -8.15 32.86
C GLU B 574 43.93 -7.72 31.48
N LYS B 575 43.99 -6.41 31.24
CA LYS B 575 44.44 -5.91 29.94
C LYS B 575 45.89 -6.28 29.69
N LYS B 576 46.75 -6.13 30.71
CA LYS B 576 48.15 -6.51 30.56
C LYS B 576 48.31 -8.00 30.31
N LYS B 577 47.58 -8.82 31.07
CA LYS B 577 47.66 -10.26 30.87
C LYS B 577 47.21 -10.66 29.47
N MET B 578 46.11 -10.07 28.99
CA MET B 578 45.64 -10.34 27.65
C MET B 578 46.65 -9.89 26.60
N GLU B 579 47.31 -8.76 26.83
CA GLU B 579 48.34 -8.31 25.90
C GLU B 579 49.49 -9.31 25.82
N GLU B 580 49.89 -9.87 26.98
CA GLU B 580 50.93 -10.90 26.96
C GLU B 580 50.46 -12.13 26.20
N SER B 581 49.23 -12.59 26.45
CA SER B 581 48.73 -13.79 25.78
C SER B 581 48.62 -13.58 24.26
N LYS B 582 48.35 -12.34 23.84
CA LYS B 582 48.29 -12.05 22.41
C LYS B 582 49.63 -12.35 21.73
N ALA B 583 50.73 -11.95 22.35
CA ALA B 583 52.04 -12.32 21.81
C ALA B 583 52.29 -13.81 21.98
N LYS B 584 51.74 -14.42 23.03
CA LYS B 584 51.96 -15.85 23.26
C LYS B 584 51.40 -16.69 22.12
N PHE B 585 50.20 -16.36 21.63
CA PHE B 585 49.55 -17.14 20.57
C PHE B 585 49.66 -16.48 19.20
N GLU B 586 50.78 -15.85 18.89
CA GLU B 586 50.90 -15.06 17.67
C GLU B 586 51.30 -15.87 16.45
N ASN B 587 51.59 -17.16 16.60
CA ASN B 587 52.11 -17.96 15.50
C ASN B 587 51.07 -18.91 14.91
N LEU B 588 50.43 -19.71 15.76
CA LEU B 588 49.36 -20.60 15.28
C LEU B 588 48.24 -19.80 14.63
N CYS B 589 48.06 -18.56 15.05
CA CYS B 589 47.00 -17.71 14.53
C CYS B 589 47.18 -17.47 13.04
N LYS B 590 48.44 -17.33 12.59
CA LYS B 590 48.70 -17.15 11.16
C LYS B 590 48.57 -18.45 10.40
N LEU B 591 48.99 -19.56 11.02
CA LEU B 591 48.92 -20.87 10.37
C LEU B 591 47.48 -21.28 10.08
N MET B 592 46.56 -21.02 11.01
CA MET B 592 45.15 -21.29 10.73
C MET B 592 44.66 -20.45 9.56
N LYS B 593 45.13 -19.21 9.43
CA LYS B 593 44.76 -18.41 8.27
C LYS B 593 45.32 -19.01 6.99
N GLU B 594 46.46 -19.70 7.08
CA GLU B 594 47.00 -20.38 5.91
C GLU B 594 46.11 -21.53 5.46
N ILE B 595 45.74 -22.42 6.39
CA ILE B 595 44.91 -23.56 5.99
C ILE B 595 43.54 -23.10 5.50
N LEU B 596 42.91 -22.19 6.22
CA LEU B 596 41.57 -21.72 5.87
C LEU B 596 41.72 -20.58 4.87
N ASP B 597 41.41 -20.87 3.61
CA ASP B 597 41.47 -19.91 2.51
C ASP B 597 40.24 -19.01 2.56
N LYS B 598 39.94 -18.35 1.45
CA LYS B 598 38.78 -17.47 1.37
C LYS B 598 37.56 -18.13 2.01
N LYS B 599 37.12 -17.54 3.12
CA LYS B 599 36.14 -18.12 4.05
C LYS B 599 36.12 -17.20 5.27
N VAL B 600 37.00 -17.49 6.22
CA VAL B 600 37.34 -16.49 7.24
C VAL B 600 38.12 -15.37 6.57
N GLU B 601 38.22 -14.23 7.26
CA GLU B 601 39.02 -13.12 6.76
C GLU B 601 40.14 -12.70 7.70
N LYS B 602 39.98 -12.91 9.00
CA LYS B 602 41.07 -12.64 9.95
C LYS B 602 40.78 -13.41 11.24
N VAL B 603 41.82 -14.02 11.81
CA VAL B 603 41.69 -14.86 12.99
C VAL B 603 42.39 -14.16 14.14
N THR B 604 41.72 -14.09 15.30
CA THR B 604 42.20 -13.29 16.42
C THR B 604 41.81 -13.93 17.75
N ILE B 605 42.52 -13.50 18.80
CA ILE B 605 42.20 -13.85 20.18
C ILE B 605 41.06 -12.97 20.67
N SER B 606 40.18 -13.52 21.50
CA SER B 606 38.98 -12.82 21.92
C SER B 606 38.77 -12.92 23.41
N ASN B 607 38.02 -11.96 23.95
CA ASN B 607 37.55 -11.98 25.34
C ASN B 607 36.03 -11.85 25.32
N ARG B 608 35.37 -12.97 25.02
CA ARG B 608 33.93 -13.08 25.17
C ARG B 608 33.55 -14.50 25.59
N LEU B 609 34.54 -15.38 25.77
CA LEU B 609 34.33 -16.80 26.00
C LEU B 609 35.01 -17.22 27.29
N VAL B 610 34.43 -18.17 28.01
CA VAL B 610 35.06 -18.66 29.23
C VAL B 610 35.14 -20.19 29.24
N SER B 611 34.25 -20.87 28.50
CA SER B 611 34.21 -22.32 28.57
C SER B 611 33.91 -22.97 27.22
N SER B 612 34.29 -22.34 26.11
CA SER B 612 34.09 -22.94 24.80
C SER B 612 35.31 -22.68 23.93
N PRO B 613 35.64 -23.60 23.02
CA PRO B 613 36.90 -23.44 22.25
C PRO B 613 36.88 -22.25 21.29
N CYS B 614 35.86 -22.10 20.45
CA CYS B 614 35.89 -21.09 19.41
C CYS B 614 34.49 -20.71 18.97
N CYS B 615 34.38 -19.54 18.35
CA CYS B 615 33.10 -18.97 17.91
C CYS B 615 33.35 -18.04 16.73
N ILE B 616 32.25 -17.65 16.06
CA ILE B 616 32.29 -16.86 14.84
C ILE B 616 31.54 -15.55 15.05
N VAL B 617 32.15 -14.45 14.62
CA VAL B 617 31.55 -13.12 14.68
C VAL B 617 31.64 -12.48 13.31
N THR B 618 30.76 -11.51 13.05
CA THR B 618 30.69 -10.81 11.78
C THR B 618 31.28 -9.40 11.92
N SER B 619 31.29 -8.67 10.81
CA SER B 619 31.91 -7.36 10.76
C SER B 619 30.88 -6.26 10.98
N THR B 620 31.38 -5.02 11.13
CA THR B 620 30.53 -3.92 11.56
C THR B 620 29.53 -3.53 10.49
N TYR B 621 29.99 -3.34 9.25
CA TYR B 621 29.15 -2.85 8.16
C TYR B 621 28.72 -4.05 7.32
N GLY B 622 27.56 -4.59 7.62
CA GLY B 622 27.06 -5.74 6.90
C GLY B 622 25.99 -6.46 7.72
N TRP B 623 25.40 -7.46 7.07
CA TRP B 623 24.35 -8.23 7.70
C TRP B 623 24.88 -9.07 8.84
N THR B 624 24.00 -9.39 9.78
CA THR B 624 24.29 -10.39 10.79
C THR B 624 23.74 -11.74 10.33
N ALA B 625 24.01 -12.79 11.10
CA ALA B 625 23.62 -14.13 10.68
C ALA B 625 22.10 -14.28 10.58
N ASN B 626 21.38 -13.75 11.57
CA ASN B 626 19.93 -13.88 11.57
C ASN B 626 19.30 -13.16 10.38
N MET B 627 19.81 -11.96 10.06
CA MET B 627 19.26 -11.22 8.93
C MET B 627 19.52 -11.93 7.62
N GLU B 628 20.70 -12.53 7.48
CA GLU B 628 20.99 -13.32 6.28
C GLU B 628 20.06 -14.51 6.17
N ARG B 629 19.81 -15.19 7.30
CA ARG B 629 18.88 -16.32 7.30
C ARG B 629 17.48 -15.88 6.88
N ILE B 630 17.02 -14.73 7.37
CA ILE B 630 15.69 -14.26 6.99
C ILE B 630 15.63 -13.86 5.53
N MET B 631 16.66 -13.15 5.05
CA MET B 631 16.65 -12.67 3.68
C MET B 631 16.70 -13.82 2.67
N LYS B 632 17.44 -14.88 2.99
CA LYS B 632 17.50 -16.00 2.06
C LYS B 632 16.20 -16.78 1.96
N ALA B 633 15.22 -16.50 2.82
CA ALA B 633 13.96 -17.22 2.82
C ALA B 633 12.79 -16.36 2.36
N GLN B 634 13.05 -15.25 1.67
CA GLN B 634 11.98 -14.43 1.13
C GLN B 634 11.57 -14.97 -0.24
N ALA B 635 10.25 -15.05 -0.47
CA ALA B 635 9.75 -15.63 -1.71
C ALA B 635 9.95 -14.66 -2.87
N LEU B 636 9.36 -13.48 -2.79
CA LEU B 636 9.39 -12.49 -3.88
C LEU B 636 10.43 -11.44 -3.56
N ARG B 637 11.67 -11.70 -3.96
CA ARG B 637 12.75 -10.71 -3.84
C ARG B 637 13.88 -11.14 -4.76
N ASP B 638 14.66 -10.18 -5.23
CA ASP B 638 15.70 -10.46 -6.20
C ASP B 638 16.95 -10.99 -5.50
N ASN B 639 17.94 -11.39 -6.30
CA ASN B 639 19.13 -12.05 -5.80
C ASN B 639 20.43 -11.40 -6.28
N SER B 640 20.39 -10.58 -7.32
CA SER B 640 21.60 -9.97 -7.87
C SER B 640 22.24 -8.94 -6.95
N THR B 641 21.68 -8.68 -5.76
CA THR B 641 22.27 -7.75 -4.82
C THR B 641 22.66 -8.42 -3.51
N MET B 642 22.62 -9.76 -3.45
CA MET B 642 22.99 -10.44 -2.22
C MET B 642 24.47 -10.32 -1.91
N GLY B 643 25.32 -10.42 -2.95
CA GLY B 643 26.76 -10.43 -2.71
C GLY B 643 27.29 -9.11 -2.21
N TYR B 644 26.59 -8.01 -2.47
CA TYR B 644 27.07 -6.71 -2.05
C TYR B 644 26.89 -6.47 -0.55
N MET B 645 25.87 -7.10 0.05
CA MET B 645 25.48 -6.76 1.40
C MET B 645 26.06 -7.69 2.47
N MET B 646 26.35 -8.94 2.12
CA MET B 646 26.81 -9.89 3.12
C MET B 646 28.14 -9.46 3.71
N ALA B 647 28.36 -9.80 4.97
CA ALA B 647 29.54 -9.40 5.72
C ALA B 647 30.47 -10.59 5.92
N LYS B 648 31.76 -10.28 6.01
CA LYS B 648 32.77 -11.30 6.26
C LYS B 648 32.66 -11.79 7.70
N LYS B 649 33.43 -12.83 8.03
CA LYS B 649 33.35 -13.41 9.36
C LYS B 649 34.74 -13.68 9.91
N HIS B 650 34.95 -13.35 11.18
CA HIS B 650 36.21 -13.61 11.86
C HIS B 650 36.04 -14.80 12.79
N LEU B 651 37.17 -15.36 13.21
CA LEU B 651 37.19 -16.48 14.13
C LEU B 651 37.86 -16.06 15.43
N GLU B 652 37.35 -16.59 16.54
CA GLU B 652 37.82 -16.24 17.87
C GLU B 652 38.39 -17.49 18.53
N ILE B 653 39.69 -17.47 18.80
CA ILE B 653 40.35 -18.57 19.51
C ILE B 653 40.48 -18.18 20.98
N ASN B 654 39.93 -19.02 21.86
CA ASN B 654 39.93 -18.74 23.30
C ASN B 654 41.14 -19.38 23.96
N PRO B 655 42.04 -18.61 24.57
CA PRO B 655 43.35 -19.13 24.99
C PRO B 655 43.38 -19.75 26.38
N ASP B 656 42.36 -20.52 26.72
CA ASP B 656 42.34 -21.24 27.98
C ASP B 656 41.90 -22.70 27.88
N HIS B 657 41.16 -23.09 26.86
CA HIS B 657 40.68 -24.46 26.75
C HIS B 657 41.86 -25.39 26.49
N PRO B 658 41.85 -26.61 27.06
CA PRO B 658 42.95 -27.54 26.81
C PRO B 658 43.13 -27.89 25.34
N ILE B 659 42.05 -27.97 24.57
CA ILE B 659 42.16 -28.40 23.18
C ILE B 659 43.04 -27.44 22.38
N VAL B 660 42.87 -26.14 22.60
CA VAL B 660 43.71 -25.15 21.93
C VAL B 660 45.15 -25.26 22.43
N GLU B 661 45.32 -25.54 23.72
CA GLU B 661 46.68 -25.67 24.26
C GLU B 661 47.44 -26.81 23.61
N THR B 662 46.78 -27.96 23.41
CA THR B 662 47.43 -29.06 22.72
C THR B 662 47.60 -28.78 21.23
N LEU B 663 46.67 -28.03 20.62
CA LEU B 663 46.85 -27.67 19.22
C LEU B 663 48.10 -26.83 19.02
N ARG B 664 48.37 -25.90 19.95
CA ARG B 664 49.62 -25.15 19.86
C ARG B 664 50.83 -26.07 20.00
N GLN B 665 50.75 -27.06 20.90
CA GLN B 665 51.84 -28.01 21.05
C GLN B 665 52.12 -28.71 19.72
N LYS B 666 51.08 -29.22 19.07
CA LYS B 666 51.27 -29.92 17.80
C LYS B 666 51.82 -28.98 16.73
N ALA B 667 51.26 -27.77 16.64
CA ALA B 667 51.71 -26.84 15.60
C ALA B 667 53.13 -26.36 15.84
N GLU B 668 53.60 -26.41 17.10
CA GLU B 668 54.92 -25.88 17.41
C GLU B 668 56.02 -26.76 16.83
N ALA B 669 55.88 -28.09 16.94
CA ALA B 669 56.91 -28.99 16.44
C ALA B 669 56.76 -29.22 14.95
N ASP B 670 55.63 -29.80 14.54
CA ASP B 670 55.37 -30.11 13.15
C ASP B 670 54.77 -28.91 12.44
N LYS B 671 55.27 -28.63 11.24
CA LYS B 671 54.75 -27.53 10.44
C LYS B 671 53.41 -27.89 9.81
N ASN B 672 53.24 -29.13 9.37
CA ASN B 672 51.99 -29.54 8.72
C ASN B 672 51.81 -31.04 8.88
N ASP B 673 50.75 -31.43 9.59
CA ASP B 673 50.38 -32.83 9.75
C ASP B 673 48.89 -32.98 9.45
N LYS B 674 48.49 -34.18 9.03
CA LYS B 674 47.11 -34.41 8.66
C LYS B 674 46.17 -34.24 9.85
N ALA B 675 46.61 -34.64 11.04
CA ALA B 675 45.75 -34.54 12.22
C ALA B 675 45.43 -33.08 12.54
N VAL B 676 46.42 -32.20 12.45
CA VAL B 676 46.20 -30.78 12.69
C VAL B 676 45.21 -30.21 11.69
N LYS B 677 45.36 -30.58 10.41
CA LYS B 677 44.45 -30.09 9.39
C LYS B 677 43.02 -30.54 9.68
N ASP B 678 42.84 -31.83 10.00
CA ASP B 678 41.51 -32.35 10.27
C ASP B 678 40.89 -31.67 11.48
N LEU B 679 41.68 -31.49 12.55
CA LEU B 679 41.16 -30.84 13.75
C LEU B 679 40.74 -29.40 13.47
N VAL B 680 41.55 -28.65 12.71
CA VAL B 680 41.21 -27.27 12.43
C VAL B 680 39.92 -27.18 11.62
N VAL B 681 39.79 -28.03 10.61
CA VAL B 681 38.59 -27.99 9.78
C VAL B 681 37.36 -28.35 10.61
N LEU B 682 37.44 -29.39 11.44
CA LEU B 682 36.29 -29.78 12.24
C LEU B 682 35.90 -28.70 13.24
N LEU B 683 36.90 -28.05 13.86
CA LEU B 683 36.62 -26.97 14.80
C LEU B 683 35.88 -25.83 14.11
N PHE B 684 36.38 -25.39 12.94
CA PHE B 684 35.69 -24.33 12.21
C PHE B 684 34.27 -24.75 11.87
N GLU B 685 34.09 -26.01 11.47
CA GLU B 685 32.79 -26.45 11.01
C GLU B 685 31.76 -26.46 12.13
N THR B 686 32.16 -26.95 13.32
CA THR B 686 31.24 -26.90 14.46
C THR B 686 30.98 -25.46 14.91
N ALA B 687 32.01 -24.59 14.83
CA ALA B 687 31.79 -23.19 15.16
C ALA B 687 30.76 -22.56 14.23
N LEU B 688 30.83 -22.87 12.94
CA LEU B 688 29.82 -22.39 11.99
C LEU B 688 28.45 -22.95 12.33
N LEU B 689 28.37 -24.21 12.74
CA LEU B 689 27.07 -24.81 13.07
C LEU B 689 26.44 -24.22 14.32
N SER B 690 27.25 -23.79 15.29
CA SER B 690 26.71 -23.31 16.57
C SER B 690 26.47 -21.81 16.62
N SER B 691 26.91 -21.06 15.62
CA SER B 691 26.80 -19.61 15.64
C SER B 691 25.72 -19.07 14.72
N GLY B 692 24.78 -19.91 14.31
CA GLY B 692 23.62 -19.48 13.54
C GLY B 692 23.73 -19.66 12.04
N PHE B 693 24.90 -19.95 11.52
CA PHE B 693 25.06 -20.08 10.09
C PHE B 693 24.63 -21.47 9.61
N SER B 694 24.32 -21.56 8.33
CA SER B 694 23.84 -22.79 7.70
C SER B 694 24.93 -23.37 6.82
N LEU B 695 25.26 -24.64 7.04
CA LEU B 695 26.35 -25.27 6.30
C LEU B 695 25.93 -25.56 4.86
N GLU B 696 26.87 -25.41 3.95
CA GLU B 696 26.59 -25.47 2.51
C GLU B 696 26.70 -26.87 1.92
N ASP B 697 27.14 -27.86 2.70
CA ASP B 697 27.28 -29.22 2.21
C ASP B 697 27.29 -30.21 3.38
N PRO B 698 26.12 -30.51 3.94
CA PRO B 698 26.08 -31.32 5.17
C PRO B 698 26.65 -32.72 5.02
N GLN B 699 26.71 -33.25 3.80
CA GLN B 699 27.15 -34.63 3.61
C GLN B 699 28.60 -34.83 4.02
N THR B 700 29.46 -33.84 3.76
CA THR B 700 30.86 -33.97 4.17
C THR B 700 30.99 -34.04 5.69
N HIS B 701 30.27 -33.18 6.41
CA HIS B 701 30.31 -33.19 7.86
C HIS B 701 29.77 -34.51 8.40
N SER B 702 28.69 -35.02 7.81
CA SER B 702 28.14 -36.29 8.26
C SER B 702 29.14 -37.43 8.03
N ASN B 703 29.81 -37.44 6.88
CA ASN B 703 30.80 -38.48 6.62
C ASN B 703 31.96 -38.39 7.61
N ARG B 704 32.40 -37.18 7.92
CA ARG B 704 33.47 -36.99 8.89
C ARG B 704 33.07 -37.48 10.27
N ILE B 705 31.81 -37.32 10.65
CA ILE B 705 31.35 -37.86 11.93
C ILE B 705 31.28 -39.38 11.88
N TYR B 706 30.80 -39.94 10.77
CA TYR B 706 30.65 -41.39 10.68
C TYR B 706 31.99 -42.11 10.77
N ARG B 707 33.03 -41.53 10.16
CA ARG B 707 34.34 -42.17 10.23
C ARG B 707 34.81 -42.30 11.67
N MET B 708 34.64 -41.24 12.46
CA MET B 708 35.04 -41.28 13.87
C MET B 708 34.18 -42.23 14.68
N ILE B 709 32.88 -42.32 14.37
CA ILE B 709 32.03 -43.30 15.05
C ILE B 709 32.53 -44.71 14.79
N LYS B 710 32.87 -44.99 13.52
CA LYS B 710 33.35 -46.32 13.17
C LYS B 710 34.67 -46.63 13.85
N LEU B 711 35.59 -45.66 13.91
CA LEU B 711 36.92 -45.94 14.41
C LEU B 711 36.91 -46.35 15.87
N GLY B 712 36.05 -45.76 16.68
CA GLY B 712 36.07 -45.99 18.11
C GLY B 712 35.21 -47.12 18.63
N LEU B 713 34.62 -47.93 17.75
CA LEU B 713 33.77 -49.01 18.21
C LEU B 713 34.00 -50.30 17.42
N GLY B 714 35.22 -50.54 16.94
CA GLY B 714 35.43 -51.71 16.13
C GLY B 714 35.71 -51.45 14.66
N ILE B 715 34.67 -51.54 13.83
CA ILE B 715 34.74 -51.90 12.42
C ILE B 715 35.95 -51.31 11.72
N ASP B 716 36.71 -52.19 11.04
CA ASP B 716 37.99 -51.85 10.45
C ASP B 716 37.88 -50.81 9.35
N GLU B 717 36.95 -51.02 8.42
CA GLU B 717 36.83 -50.14 7.26
C GLU B 717 35.38 -49.99 6.83
N MET C 1 -24.75 30.86 -4.76
CA MET C 1 -24.41 30.23 -3.49
C MET C 1 -23.39 29.11 -3.69
N VAL C 2 -23.34 28.19 -2.72
CA VAL C 2 -22.37 27.10 -2.70
C VAL C 2 -20.97 27.66 -2.90
N ASP C 3 -20.48 28.38 -1.89
CA ASP C 3 -19.15 28.99 -1.94
C ASP C 3 -18.19 28.14 -1.11
N TYR C 4 -17.16 27.62 -1.76
CA TYR C 4 -16.14 26.78 -1.13
C TYR C 4 -14.77 27.44 -1.13
N SER C 5 -14.72 28.77 -1.15
CA SER C 5 -13.47 29.48 -1.33
C SER C 5 -12.61 29.53 -0.08
N VAL C 6 -13.11 29.05 1.05
CA VAL C 6 -12.33 29.03 2.29
C VAL C 6 -11.43 27.80 2.35
N TRP C 7 -11.91 26.65 1.88
CA TRP C 7 -11.13 25.42 1.85
C TRP C 7 -10.39 25.31 0.52
N ASP C 8 -9.49 26.27 0.29
CA ASP C 8 -8.68 26.28 -0.92
C ASP C 8 -7.19 26.35 -0.65
N HIS C 9 -6.79 26.60 0.59
CA HIS C 9 -5.42 26.88 0.95
C HIS C 9 -5.07 26.13 2.24
N ILE C 10 -5.15 24.81 2.23
CA ILE C 10 -4.70 24.00 3.36
C ILE C 10 -3.28 23.51 3.06
N GLU C 11 -2.49 23.34 4.13
CA GLU C 11 -1.12 22.87 3.99
C GLU C 11 -0.82 21.77 5.00
N VAL C 12 -0.25 20.67 4.51
CA VAL C 12 0.21 19.58 5.35
C VAL C 12 1.69 19.37 5.10
N SEP C 13 2.45 19.13 6.17
CA SEP C 13 3.89 19.04 6.06
CB SEP C 13 4.55 19.58 7.33
OG SEP C 13 4.18 18.81 8.45
C SEP C 13 4.39 17.62 5.79
O SEP C 13 5.52 17.43 5.32
P SEP C 13 3.52 19.75 9.58
O1P SEP C 13 2.38 20.67 8.90
O2P SEP C 13 4.65 20.69 10.23
O3P SEP C 13 2.87 18.85 10.73
N ASP C 14 3.57 16.63 6.09
CA ASP C 14 3.93 15.24 5.87
C ASP C 14 3.06 14.56 4.81
N ASP C 15 2.76 15.31 3.74
CA ASP C 15 2.01 14.75 2.62
C ASP C 15 2.83 13.70 1.91
N GLU C 16 2.20 12.56 1.63
CA GLU C 16 2.86 11.42 1.02
C GLU C 16 2.52 11.24 -0.45
N ASP C 17 1.70 12.12 -1.03
CA ASP C 17 1.34 12.02 -2.44
C ASP C 17 2.01 13.10 -3.28
N GLU C 18 3.09 13.70 -2.79
CA GLU C 18 3.93 14.58 -3.59
C GLU C 18 5.39 14.36 -3.16
N THR C 19 6.11 13.58 -3.97
CA THR C 19 7.48 13.20 -3.69
C THR C 19 8.21 13.02 -5.00
N HIS C 20 9.54 12.99 -4.91
CA HIS C 20 10.37 12.75 -6.08
C HIS C 20 11.04 11.38 -5.99
N PRO C 21 11.09 10.63 -7.08
CA PRO C 21 11.79 9.34 -7.08
C PRO C 21 13.29 9.43 -6.83
N ASN C 22 13.84 10.61 -6.57
CA ASN C 22 15.25 10.76 -6.23
C ASN C 22 15.48 11.40 -4.87
N ILE C 23 14.43 11.63 -4.08
CA ILE C 23 14.54 12.08 -2.70
C ILE C 23 13.80 11.08 -1.82
N ASP C 24 14.38 10.76 -0.66
CA ASP C 24 14.02 9.60 0.12
C ASP C 24 12.79 9.79 1.00
N THR C 25 11.98 10.82 0.77
CA THR C 25 10.99 11.24 1.75
C THR C 25 11.70 11.40 3.10
N ALA C 26 11.19 10.74 4.14
CA ALA C 26 11.83 10.70 5.45
C ALA C 26 12.40 12.05 5.88
N SER C 27 13.49 12.47 5.24
CA SER C 27 14.13 13.74 5.51
C SER C 27 13.44 14.92 4.84
N LEU C 28 12.60 14.66 3.82
CA LEU C 28 11.85 15.74 3.21
C LEU C 28 10.83 16.34 4.19
N PHE C 29 10.21 15.47 5.00
CA PHE C 29 9.23 15.92 5.98
C PHE C 29 9.86 16.85 6.99
N ARG C 30 11.06 16.51 7.47
CA ARG C 30 11.75 17.35 8.45
C ARG C 30 12.08 18.73 7.86
N TRP C 31 12.54 18.75 6.61
CA TRP C 31 12.83 20.02 5.94
C TRP C 31 11.59 20.88 5.86
N ARG C 32 10.48 20.30 5.41
CA ARG C 32 9.23 21.06 5.28
C ARG C 32 8.77 21.60 6.64
N HIS C 33 8.82 20.75 7.68
CA HIS C 33 8.41 21.19 9.00
C HIS C 33 9.26 22.34 9.51
N GLN C 34 10.58 22.24 9.34
CA GLN C 34 11.47 23.29 9.81
C GLN C 34 11.19 24.61 9.09
N ALA C 35 10.98 24.54 7.77
CA ALA C 35 10.67 25.75 7.03
C ALA C 35 9.37 26.39 7.51
N ARG C 36 8.33 25.58 7.75
CA ARG C 36 7.08 26.13 8.21
C ARG C 36 7.22 26.79 9.57
N VAL C 37 7.93 26.14 10.50
CA VAL C 37 8.10 26.71 11.83
C VAL C 37 8.89 28.00 11.77
N GLU C 38 9.94 28.04 10.95
CA GLU C 38 10.74 29.26 10.84
C GLU C 38 9.92 30.41 10.27
N ARG C 39 9.12 30.15 9.23
CA ARG C 39 8.29 31.20 8.66
C ARG C 39 7.27 31.70 9.68
N MET C 40 6.64 30.76 10.41
CA MET C 40 5.66 31.16 11.40
C MET C 40 6.30 32.02 12.49
N GLU C 41 7.51 31.66 12.93
CA GLU C 41 8.16 32.44 13.97
C GLU C 41 8.59 33.81 13.46
N GLN C 42 9.02 33.91 12.20
CA GLN C 42 9.34 35.23 11.64
C GLN C 42 8.10 36.13 11.59
N PHE C 43 6.98 35.59 11.10
CA PHE C 43 5.76 36.38 11.07
C PHE C 43 5.27 36.72 12.47
N GLN C 44 5.45 35.79 13.42
CA GLN C 44 5.07 36.06 14.81
C GLN C 44 5.93 37.17 15.40
N LYS C 45 7.22 37.17 15.08
CA LYS C 45 8.08 38.26 15.51
C LYS C 45 7.59 39.58 14.95
N GLU C 46 7.24 39.61 13.66
CA GLU C 46 6.74 40.84 13.06
C GLU C 46 5.43 41.30 13.71
N LYS C 47 4.49 40.37 13.89
CA LYS C 47 3.19 40.73 14.44
C LYS C 47 3.30 41.17 15.89
N GLU C 48 4.12 40.48 16.69
CA GLU C 48 4.32 40.88 18.08
C GLU C 48 5.05 42.20 18.16
N GLU C 49 6.00 42.44 17.25
CA GLU C 49 6.67 43.73 17.20
C GLU C 49 5.66 44.84 16.91
N LEU C 50 4.77 44.62 15.95
CA LEU C 50 3.76 45.62 15.64
C LEU C 50 2.81 45.83 16.81
N ASP C 51 2.41 44.73 17.47
CA ASP C 51 1.46 44.83 18.58
C ASP C 51 2.07 45.58 19.76
N ARG C 52 3.30 45.21 20.14
CA ARG C 52 3.95 45.90 21.26
C ARG C 52 4.32 47.33 20.90
N GLY C 53 4.67 47.59 19.63
CA GLY C 53 4.89 48.95 19.21
C GLY C 53 3.63 49.79 19.28
N CYS C 54 2.49 49.22 18.89
CA CYS C 54 1.23 49.92 19.01
C CYS C 54 0.87 50.14 20.48
N ARG C 55 1.15 49.17 21.34
CA ARG C 55 0.84 49.33 22.76
C ARG C 55 1.69 50.43 23.39
N GLU C 56 3.01 50.40 23.14
CA GLU C 56 3.87 51.44 23.69
C GLU C 56 3.60 52.80 23.03
N CYS C 57 3.17 52.80 21.77
CA CYS C 57 2.79 54.05 21.13
C CYS C 57 1.51 54.62 21.72
N LYS C 58 0.55 53.76 22.09
CA LYS C 58 -0.64 54.23 22.77
C LYS C 58 -0.31 54.75 24.16
N ARG C 59 0.62 54.09 24.86
CA ARG C 59 1.06 54.60 26.15
C ARG C 59 1.74 55.96 26.00
N LYS C 60 2.59 56.11 24.98
CA LYS C 60 3.24 57.38 24.73
C LYS C 60 2.24 58.44 24.25
N VAL C 61 1.18 58.02 23.58
CA VAL C 61 0.14 58.97 23.17
C VAL C 61 -0.64 59.47 24.38
N ALA C 62 -0.92 58.57 25.33
CA ALA C 62 -1.53 59.01 26.59
C ALA C 62 -0.59 59.95 27.34
N GLU C 63 0.71 59.64 27.35
CA GLU C 63 1.68 60.51 27.99
C GLU C 63 1.73 61.88 27.31
N CYS C 64 1.65 61.90 25.97
CA CYS C 64 1.65 63.15 25.23
C CYS C 64 0.36 63.94 25.46
N GLN C 65 -0.77 63.25 25.62
CA GLN C 65 -2.01 63.93 25.98
C GLN C 65 -1.89 64.56 27.36
N ARG C 66 -1.27 63.85 28.30
CA ARG C 66 -1.03 64.42 29.62
C ARG C 66 -0.10 65.63 29.52
N LYS C 67 0.92 65.56 28.67
CA LYS C 67 1.83 66.68 28.47
C LYS C 67 1.10 67.87 27.85
N LEU C 68 0.18 67.61 26.92
CA LEU C 68 -0.60 68.68 26.33
C LEU C 68 -1.52 69.32 27.36
N LYS C 69 -2.12 68.50 28.24
CA LYS C 69 -2.93 69.04 29.32
C LYS C 69 -2.10 69.90 30.25
N GLU C 70 -0.87 69.47 30.55
CA GLU C 70 0.03 70.27 31.37
C GLU C 70 0.39 71.59 30.68
N LEU C 71 0.69 71.54 29.39
CA LEU C 71 1.03 72.74 28.63
C LEU C 71 -0.17 73.65 28.44
N GLU C 72 -1.39 73.14 28.60
CA GLU C 72 -2.56 73.99 28.58
C GLU C 72 -2.55 75.00 29.73
N VAL C 73 -1.79 74.73 30.79
CA VAL C 73 -1.67 75.64 31.92
C VAL C 73 -0.32 76.35 31.86
N ALA C 74 0.67 75.68 31.25
CA ALA C 74 2.02 76.20 31.17
C ALA C 74 2.25 76.85 29.80
N GLU C 75 3.50 77.22 29.53
CA GLU C 75 3.86 77.82 28.25
C GLU C 75 5.37 77.70 28.06
N GLY C 76 5.81 77.90 26.82
CA GLY C 76 7.22 77.88 26.51
C GLY C 76 7.65 76.80 25.54
N GLY C 77 7.01 75.64 25.61
CA GLY C 77 7.39 74.52 24.77
C GLY C 77 6.73 74.53 23.41
N LYS C 78 7.47 74.98 22.39
CA LYS C 78 6.99 74.99 21.02
C LYS C 78 7.84 74.14 20.09
N ALA C 79 9.16 74.26 20.15
CA ALA C 79 10.02 73.45 19.30
C ALA C 79 9.87 71.96 19.63
N GLU C 80 9.81 71.63 20.92
CA GLU C 80 9.54 70.25 21.31
C GLU C 80 8.17 69.81 20.83
N LEU C 81 7.17 70.70 20.94
CA LEU C 81 5.82 70.38 20.47
C LEU C 81 5.82 70.13 18.96
N GLU C 82 6.51 70.97 18.20
CA GLU C 82 6.56 70.80 16.75
C GLU C 82 7.28 69.50 16.36
N ARG C 83 8.40 69.21 17.02
CA ARG C 83 9.12 67.97 16.74
C ARG C 83 8.27 66.76 17.08
N LEU C 84 7.59 66.79 18.23
CA LEU C 84 6.71 65.69 18.61
C LEU C 84 5.58 65.53 17.61
N GLN C 85 4.97 66.63 17.17
CA GLN C 85 3.88 66.56 16.22
C GLN C 85 4.34 65.94 14.90
N ALA C 86 5.47 66.41 14.37
CA ALA C 86 5.95 65.89 13.09
C ALA C 86 6.33 64.42 13.20
N GLU C 87 7.10 64.05 14.23
CA GLU C 87 7.52 62.67 14.39
C GLU C 87 6.32 61.76 14.63
N ALA C 88 5.35 62.20 15.43
CA ALA C 88 4.18 61.39 15.72
C ALA C 88 3.31 61.24 14.48
N GLN C 89 3.18 62.28 13.66
CA GLN C 89 2.39 62.16 12.43
C GLN C 89 3.03 61.20 11.45
N GLN C 90 4.36 61.30 11.26
CA GLN C 90 5.04 60.37 10.38
C GLN C 90 4.95 58.95 10.91
N LEU C 91 5.12 58.77 12.23
CA LEU C 91 5.01 57.45 12.83
C LEU C 91 3.59 56.91 12.69
N ARG C 92 2.59 57.77 12.82
CA ARG C 92 1.21 57.30 12.71
C ARG C 92 0.85 56.90 11.28
N LYS C 93 1.35 57.65 10.29
CA LYS C 93 1.08 57.26 8.92
C LYS C 93 1.81 55.97 8.55
N GLU C 94 3.06 55.80 9.02
CA GLU C 94 3.75 54.55 8.76
C GLU C 94 3.13 53.39 9.54
N GLU C 95 2.53 53.68 10.70
CA GLU C 95 1.83 52.65 11.46
C GLU C 95 0.53 52.27 10.77
N ARG C 96 -0.14 53.23 10.13
CA ARG C 96 -1.30 52.91 9.31
C ARG C 96 -0.90 52.03 8.14
N SER C 97 0.25 52.34 7.52
CA SER C 97 0.78 51.49 6.46
C SER C 97 1.06 50.08 6.99
N TRP C 98 1.63 50.00 8.19
CA TRP C 98 1.93 48.70 8.80
C TRP C 98 0.65 47.94 9.12
N GLU C 99 -0.39 48.65 9.57
CA GLU C 99 -1.66 48.01 9.88
C GLU C 99 -2.33 47.48 8.61
N GLN C 100 -2.26 48.23 7.52
CA GLN C 100 -2.75 47.72 6.25
C GLN C 100 -1.93 46.53 5.79
N LYS C 101 -0.62 46.56 6.05
CA LYS C 101 0.23 45.42 5.74
C LYS C 101 -0.20 44.18 6.52
N LEU C 102 -0.56 44.37 7.79
CA LEU C 102 -1.06 43.25 8.59
C LEU C 102 -2.43 42.78 8.09
N GLU C 103 -3.30 43.70 7.69
CA GLU C 103 -4.60 43.31 7.18
C GLU C 103 -4.47 42.48 5.92
N GLU C 104 -3.52 42.84 5.04
CA GLU C 104 -3.19 42.00 3.90
C GLU C 104 -2.43 40.74 4.31
N MET C 105 -1.70 40.79 5.43
CA MET C 105 -0.93 39.64 5.90
C MET C 105 -1.87 38.55 6.39
N ARG C 106 -3.01 38.91 6.95
CA ARG C 106 -4.03 37.91 7.28
C ARG C 106 -4.53 37.23 6.02
N LYS C 107 -4.77 37.99 4.95
CA LYS C 107 -5.19 37.38 3.69
C LYS C 107 -4.08 36.53 3.10
N LYS C 108 -2.82 36.89 3.36
CA LYS C 108 -1.69 36.11 2.87
C LYS C 108 -1.49 34.84 3.68
N GLU C 109 -1.70 34.89 5.00
CA GLU C 109 -1.73 33.72 5.86
C GLU C 109 -3.00 32.91 5.66
N LYS C 110 -3.94 33.43 4.88
CA LYS C 110 -4.94 32.60 4.21
C LYS C 110 -4.39 32.00 2.92
N SER C 111 -3.66 32.79 2.12
CA SER C 111 -3.00 32.25 0.93
C SER C 111 -1.82 31.37 1.31
N MET C 112 -0.99 31.82 2.24
CA MET C 112 -0.06 30.91 2.88
C MET C 112 -0.90 30.12 3.88
N PRO C 113 -1.00 28.85 3.71
CA PRO C 113 -2.22 28.14 4.11
C PRO C 113 -2.46 27.98 5.61
N TRP C 114 -3.65 27.47 5.96
CA TRP C 114 -3.88 26.97 7.31
C TRP C 114 -2.96 25.78 7.58
N ASN C 115 -2.39 25.76 8.76
CA ASN C 115 -1.65 24.58 9.20
C ASN C 115 -2.54 23.71 10.06
N VAL C 116 -1.97 22.69 10.69
CA VAL C 116 -2.78 21.76 11.48
C VAL C 116 -3.32 22.44 12.73
N ASP C 117 -2.52 23.29 13.37
CA ASP C 117 -2.87 23.88 14.66
C ASP C 117 -3.45 25.29 14.53
N THR C 118 -4.19 25.55 13.45
CA THR C 118 -4.93 26.80 13.32
C THR C 118 -6.36 26.47 12.95
N LEU C 119 -6.57 25.29 12.37
CA LEU C 119 -7.90 24.90 11.90
C LEU C 119 -8.82 24.50 13.05
N SER C 120 -8.28 23.89 14.10
CA SER C 120 -9.14 23.33 15.14
C SER C 120 -8.49 23.44 16.50
N LYS C 121 -9.34 23.53 17.54
CA LYS C 121 -8.92 23.55 18.93
C LYS C 121 -9.78 22.56 19.70
N ASP C 122 -9.17 21.79 20.60
CA ASP C 122 -9.81 20.62 21.18
C ASP C 122 -10.91 21.00 22.17
N GLY C 123 -11.81 20.05 22.40
CA GLY C 123 -12.92 20.21 23.31
C GLY C 123 -12.87 19.25 24.49
N PHE C 124 -13.73 18.23 24.49
CA PHE C 124 -13.76 17.24 25.55
C PHE C 124 -13.21 15.91 25.06
N SER C 125 -12.71 15.11 26.00
CA SER C 125 -12.14 13.79 25.68
C SER C 125 -12.19 12.92 26.92
N LYS C 126 -12.68 11.70 26.78
CA LYS C 126 -12.78 10.75 27.88
C LYS C 126 -12.37 9.36 27.39
N SER C 127 -11.91 8.53 28.32
CA SER C 127 -11.36 7.23 27.96
C SER C 127 -11.58 6.23 29.09
N MET C 128 -12.05 5.04 28.75
CA MET C 128 -12.35 3.99 29.71
C MET C 128 -11.63 2.70 29.30
N VAL C 129 -11.59 1.72 30.22
CA VAL C 129 -10.67 0.60 30.09
C VAL C 129 -11.39 -0.75 30.10
N ASN C 130 -12.61 -0.79 30.64
CA ASN C 130 -13.45 -1.98 30.61
C ASN C 130 -12.75 -3.16 31.27
N THR C 131 -12.54 -3.02 32.59
CA THR C 131 -11.97 -4.10 33.39
C THR C 131 -13.09 -5.05 33.82
N LYS C 132 -13.45 -5.92 32.89
CA LYS C 132 -14.49 -6.92 33.04
C LYS C 132 -13.90 -8.27 33.43
N PRO C 133 -14.59 -9.05 34.26
CA PRO C 133 -14.04 -10.36 34.67
C PRO C 133 -14.20 -11.42 33.60
N GLU C 134 -13.24 -11.48 32.67
CA GLU C 134 -13.31 -12.39 31.52
C GLU C 134 -13.04 -13.82 31.98
N LYS C 135 -13.98 -14.33 32.78
CA LYS C 135 -13.96 -15.75 33.17
C LYS C 135 -15.40 -16.12 33.52
N THR C 136 -16.10 -16.75 32.57
CA THR C 136 -17.51 -17.09 32.76
C THR C 136 -17.80 -18.38 32.00
N GLU C 137 -17.90 -19.49 32.72
CA GLU C 137 -18.29 -20.76 32.12
C GLU C 137 -18.94 -21.62 33.20
N GLU C 138 -20.22 -21.92 33.01
CA GLU C 138 -20.99 -22.64 34.02
C GLU C 138 -20.77 -24.15 33.85
N ASP C 139 -21.10 -24.90 34.91
CA ASP C 139 -20.76 -26.32 35.01
C ASP C 139 -21.17 -27.09 33.76
N SER C 140 -20.31 -28.01 33.33
CA SER C 140 -20.46 -28.66 32.03
C SER C 140 -21.73 -29.51 31.98
N GLU C 141 -21.97 -30.32 33.01
CA GLU C 141 -23.14 -31.20 32.97
C GLU C 141 -24.45 -30.43 33.12
N GLU C 142 -24.48 -29.46 34.04
CA GLU C 142 -25.69 -28.67 34.21
C GLU C 142 -26.00 -27.85 32.97
N VAL C 143 -24.99 -27.22 32.37
CA VAL C 143 -25.22 -26.48 31.13
C VAL C 143 -25.64 -27.44 30.02
N ARG C 144 -25.05 -28.64 29.99
CA ARG C 144 -25.45 -29.64 29.02
C ARG C 144 -26.93 -29.94 29.13
N GLU C 145 -27.40 -30.23 30.34
CA GLU C 145 -28.80 -30.61 30.52
C GLU C 145 -29.74 -29.45 30.20
N GLN C 146 -29.48 -28.27 30.75
CA GLN C 146 -30.41 -27.16 30.58
C GLN C 146 -30.42 -26.67 29.13
N LYS C 147 -29.24 -26.55 28.51
CA LYS C 147 -29.17 -26.17 27.10
C LYS C 147 -29.85 -27.23 26.24
N HIS C 148 -29.58 -28.51 26.51
CA HIS C 148 -30.28 -29.60 25.84
C HIS C 148 -31.77 -29.31 25.85
N LYS C 149 -32.38 -29.29 27.03
CA LYS C 149 -33.83 -29.15 27.07
C LYS C 149 -34.26 -27.90 26.32
N THR C 150 -33.93 -26.71 26.84
CA THR C 150 -34.52 -25.49 26.29
C THR C 150 -34.03 -25.22 24.87
N PHE C 151 -32.71 -25.02 24.73
CA PHE C 151 -32.15 -24.62 23.45
C PHE C 151 -32.32 -25.71 22.41
N VAL C 152 -32.09 -26.98 22.78
CA VAL C 152 -32.24 -28.06 21.83
C VAL C 152 -33.67 -28.15 21.34
N GLU C 153 -34.67 -27.97 22.21
CA GLU C 153 -36.05 -28.00 21.70
C GLU C 153 -36.31 -26.85 20.73
N LYS C 154 -35.99 -25.61 21.14
CA LYS C 154 -36.33 -24.46 20.29
C LYS C 154 -35.56 -24.50 18.97
N TYR C 155 -34.24 -24.66 19.04
CA TYR C 155 -33.44 -24.73 17.84
C TYR C 155 -33.52 -26.08 17.16
N GLU C 156 -34.20 -27.06 17.75
CA GLU C 156 -34.59 -28.25 17.01
C GLU C 156 -35.75 -27.94 16.09
N LYS C 157 -36.72 -27.16 16.57
CA LYS C 157 -37.72 -26.61 15.65
C LYS C 157 -37.04 -25.81 14.54
N GLN C 158 -36.06 -24.99 14.92
CA GLN C 158 -35.31 -24.21 13.93
C GLN C 158 -34.59 -25.10 12.93
N ILE C 159 -33.89 -26.13 13.42
CA ILE C 159 -33.11 -27.00 12.55
C ILE C 159 -34.00 -27.92 11.72
N LYS C 160 -35.23 -28.18 12.18
CA LYS C 160 -36.18 -28.91 11.35
C LYS C 160 -36.73 -28.01 10.24
N HIS C 161 -36.91 -26.72 10.53
CA HIS C 161 -37.26 -25.78 9.47
C HIS C 161 -36.13 -25.61 8.47
N PHE C 162 -34.88 -25.70 8.94
CA PHE C 162 -33.72 -25.44 8.09
C PHE C 162 -33.24 -26.68 7.33
N GLY C 163 -33.41 -27.88 7.89
CA GLY C 163 -32.79 -29.06 7.31
C GLY C 163 -33.43 -29.54 6.03
N MET C 164 -34.71 -29.22 5.83
CA MET C 164 -35.38 -29.62 4.60
C MET C 164 -34.87 -28.87 3.38
N LEU C 165 -34.10 -27.80 3.59
CA LEU C 165 -33.45 -27.05 2.53
C LEU C 165 -32.02 -27.55 2.35
N ARG C 166 -31.35 -27.01 1.32
CA ARG C 166 -30.00 -27.45 1.03
C ARG C 166 -29.08 -26.28 0.72
N ARG C 167 -29.61 -25.07 0.68
CA ARG C 167 -28.91 -23.89 0.23
C ARG C 167 -27.71 -23.59 1.13
N TRP C 168 -26.73 -22.87 0.56
CA TRP C 168 -25.50 -22.56 1.26
C TRP C 168 -25.52 -21.20 1.91
N ASP C 169 -25.84 -20.14 1.15
CA ASP C 169 -25.88 -18.80 1.73
C ASP C 169 -26.96 -18.72 2.79
N ASP C 170 -28.11 -19.37 2.54
CA ASP C 170 -29.11 -19.52 3.60
C ASP C 170 -28.54 -20.29 4.78
N SER C 171 -27.79 -21.36 4.51
CA SER C 171 -27.12 -22.08 5.59
C SER C 171 -26.08 -21.18 6.26
N GLN C 172 -25.42 -20.31 5.49
CA GLN C 172 -24.42 -19.43 6.07
C GLN C 172 -25.04 -18.45 7.06
N LYS C 173 -26.15 -17.81 6.67
CA LYS C 173 -26.79 -16.87 7.59
C LYS C 173 -27.46 -17.60 8.76
N TYR C 174 -27.98 -18.81 8.50
CA TYR C 174 -28.56 -19.59 9.59
C TYR C 174 -27.49 -19.98 10.61
N LEU C 175 -26.30 -20.34 10.14
CA LEU C 175 -25.21 -20.59 11.08
C LEU C 175 -24.70 -19.30 11.71
N SER C 176 -24.86 -18.17 11.05
CA SER C 176 -24.49 -16.90 11.68
C SER C 176 -25.36 -16.64 12.91
N ASP C 177 -26.68 -16.68 12.76
CA ASP C 177 -27.46 -16.46 13.97
C ASP C 177 -27.48 -17.70 14.88
N ASN C 178 -27.06 -18.87 14.38
CA ASN C 178 -26.86 -20.02 15.26
C ASN C 178 -25.67 -19.81 16.18
N VAL C 179 -24.52 -19.42 15.64
CA VAL C 179 -23.38 -19.09 16.47
C VAL C 179 -23.68 -17.88 17.34
N HIS C 180 -24.63 -17.04 16.94
CA HIS C 180 -25.21 -16.09 17.88
C HIS C 180 -25.91 -16.82 19.02
N LEU C 181 -26.66 -17.88 18.71
CA LEU C 181 -27.51 -18.55 19.70
C LEU C 181 -27.01 -19.93 20.13
N VAL C 182 -26.82 -20.85 19.18
CA VAL C 182 -26.71 -22.28 19.48
C VAL C 182 -25.35 -22.65 20.05
N CYS C 183 -25.24 -23.88 20.55
CA CYS C 183 -24.02 -24.39 21.18
C CYS C 183 -23.86 -25.86 20.78
N GLU C 184 -23.00 -26.57 21.51
CA GLU C 184 -22.67 -27.96 21.19
C GLU C 184 -23.87 -28.89 21.36
N GLU C 185 -24.78 -28.57 22.28
CA GLU C 185 -25.95 -29.42 22.49
C GLU C 185 -26.81 -29.50 21.24
N THR C 186 -26.96 -28.37 20.54
CA THR C 186 -27.67 -28.38 19.26
C THR C 186 -26.97 -29.29 18.26
N ALA C 187 -25.63 -29.29 18.28
CA ALA C 187 -24.88 -30.17 17.39
C ALA C 187 -25.14 -31.64 17.71
N ASN C 188 -25.15 -31.98 19.00
CA ASN C 188 -25.43 -33.36 19.38
C ASN C 188 -26.84 -33.78 18.98
N TYR C 189 -27.81 -32.88 19.15
CA TYR C 189 -29.16 -33.20 18.74
C TYR C 189 -29.28 -33.31 17.22
N LEU C 190 -28.50 -32.52 16.48
CA LEU C 190 -28.45 -32.70 15.03
C LEU C 190 -27.87 -34.07 14.67
N VAL C 191 -26.87 -34.51 15.43
CA VAL C 191 -26.28 -35.84 15.19
C VAL C 191 -27.32 -36.92 15.41
N ILE C 192 -28.06 -36.85 16.51
CA ILE C 192 -29.07 -37.88 16.77
C ILE C 192 -30.23 -37.76 15.79
N TRP C 193 -30.51 -36.54 15.31
CA TRP C 193 -31.53 -36.36 14.28
C TRP C 193 -31.15 -37.06 12.98
N CYS C 194 -29.88 -36.92 12.58
CA CYS C 194 -29.41 -37.68 11.43
C CYS C 194 -29.46 -39.18 11.70
N ILE C 195 -29.14 -39.58 12.93
CA ILE C 195 -29.13 -41.00 13.28
C ILE C 195 -30.52 -41.59 13.12
N ASP C 196 -31.54 -40.91 13.63
CA ASP C 196 -32.90 -41.44 13.52
C ASP C 196 -33.53 -41.16 12.15
N LEU C 197 -32.95 -40.25 11.36
CA LEU C 197 -33.32 -40.16 9.95
C LEU C 197 -32.79 -41.36 9.17
N GLU C 198 -31.65 -41.92 9.60
CA GLU C 198 -31.15 -43.14 8.99
C GLU C 198 -32.16 -44.28 9.15
N VAL C 199 -32.74 -44.42 10.34
CA VAL C 199 -33.72 -45.48 10.58
C VAL C 199 -34.97 -45.30 9.73
N GLU C 200 -35.33 -44.05 9.42
CA GLU C 200 -36.53 -43.79 8.61
C GLU C 200 -36.31 -44.01 7.13
N GLU C 201 -35.06 -44.17 6.69
CA GLU C 201 -34.73 -44.58 5.31
C GLU C 201 -35.28 -43.60 4.28
N LYS C 202 -34.94 -42.32 4.42
CA LYS C 202 -35.25 -41.31 3.39
C LYS C 202 -33.96 -40.98 2.66
N CYS C 203 -33.75 -41.62 1.51
CA CYS C 203 -32.44 -41.60 0.87
C CYS C 203 -32.05 -40.20 0.41
N ALA C 204 -32.94 -39.51 -0.33
CA ALA C 204 -32.62 -38.17 -0.81
C ALA C 204 -32.56 -37.17 0.34
N LEU C 205 -33.51 -37.27 1.27
CA LEU C 205 -33.45 -36.45 2.47
C LEU C 205 -32.20 -36.77 3.28
N MET C 206 -31.79 -38.04 3.32
CA MET C 206 -30.51 -38.36 3.92
C MET C 206 -29.37 -37.64 3.22
N GLU C 207 -29.39 -37.62 1.89
CA GLU C 207 -28.29 -36.98 1.17
C GLU C 207 -28.20 -35.49 1.53
N GLN C 208 -29.33 -34.79 1.50
CA GLN C 208 -29.32 -33.35 1.78
C GLN C 208 -28.95 -33.07 3.24
N VAL C 209 -29.64 -33.72 4.18
CA VAL C 209 -29.40 -33.47 5.59
C VAL C 209 -28.00 -33.91 5.97
N ALA C 210 -27.49 -34.99 5.36
CA ALA C 210 -26.13 -35.43 5.63
C ALA C 210 -25.11 -34.45 5.08
N HIS C 211 -25.35 -33.88 3.90
CA HIS C 211 -24.50 -32.81 3.41
C HIS C 211 -24.37 -31.72 4.46
N GLN C 212 -25.51 -31.18 4.90
CA GLN C 212 -25.49 -30.08 5.86
C GLN C 212 -24.85 -30.51 7.18
N THR C 213 -25.19 -31.71 7.65
CA THR C 213 -24.74 -32.17 8.96
C THR C 213 -23.25 -32.49 8.97
N ILE C 214 -22.72 -33.06 7.89
CA ILE C 214 -21.28 -33.30 7.85
C ILE C 214 -20.52 -32.00 7.71
N VAL C 215 -21.06 -31.00 7.00
CA VAL C 215 -20.42 -29.69 7.02
C VAL C 215 -20.35 -29.14 8.44
N MET C 216 -21.48 -29.22 9.15
CA MET C 216 -21.53 -28.70 10.51
C MET C 216 -20.60 -29.48 11.44
N GLN C 217 -20.55 -30.80 11.29
CA GLN C 217 -19.69 -31.60 12.13
C GLN C 217 -18.22 -31.42 11.78
N PHE C 218 -17.90 -31.06 10.54
CA PHE C 218 -16.52 -30.71 10.23
C PHE C 218 -16.14 -29.40 10.89
N ILE C 219 -17.07 -28.44 10.93
CA ILE C 219 -16.88 -27.26 11.77
C ILE C 219 -16.61 -27.69 13.21
N LEU C 220 -17.41 -28.63 13.70
CA LEU C 220 -17.26 -29.13 15.06
C LEU C 220 -15.87 -29.70 15.29
N GLU C 221 -15.40 -30.56 14.39
CA GLU C 221 -14.12 -31.23 14.58
C GLU C 221 -12.94 -30.26 14.44
N LEU C 222 -13.05 -29.28 13.55
CA LEU C 222 -12.04 -28.22 13.51
C LEU C 222 -12.04 -27.47 14.83
N ALA C 223 -13.21 -27.24 15.41
CA ALA C 223 -13.29 -26.61 16.73
C ALA C 223 -12.61 -27.47 17.78
N LYS C 224 -12.81 -28.79 17.71
CA LYS C 224 -12.14 -29.68 18.66
C LYS C 224 -10.62 -29.61 18.51
N SER C 225 -10.14 -29.58 17.27
CA SER C 225 -8.70 -29.49 17.03
C SER C 225 -8.14 -28.18 17.58
N LEU C 226 -8.82 -27.06 17.35
CA LEU C 226 -8.34 -25.76 17.79
C LEU C 226 -8.85 -25.36 19.18
N LYS C 227 -9.77 -26.13 19.76
CA LYS C 227 -10.38 -25.81 21.06
C LYS C 227 -11.01 -24.42 21.06
N VAL C 228 -11.46 -23.98 19.90
CA VAL C 228 -12.16 -22.71 19.74
C VAL C 228 -13.61 -23.03 19.39
N ASP C 229 -14.55 -22.45 20.14
CA ASP C 229 -15.94 -22.85 20.07
C ASP C 229 -16.51 -22.61 18.67
N PRO C 230 -17.54 -23.37 18.28
CA PRO C 230 -18.15 -23.18 16.95
C PRO C 230 -18.75 -21.81 16.77
N ARG C 231 -19.00 -21.08 17.85
CA ARG C 231 -19.44 -19.69 17.76
C ARG C 231 -18.38 -18.84 17.05
N ALA C 232 -17.10 -19.12 17.32
CA ALA C 232 -16.01 -18.27 16.86
C ALA C 232 -15.45 -18.67 15.50
N CYS C 233 -15.78 -19.86 14.99
CA CYS C 233 -15.18 -20.37 13.75
C CYS C 233 -16.30 -20.81 12.82
N PHE C 234 -16.84 -19.86 12.07
CA PHE C 234 -17.87 -20.15 11.08
C PHE C 234 -17.56 -19.57 9.72
N ARG C 235 -16.94 -18.38 9.67
CA ARG C 235 -16.80 -17.66 8.41
C ARG C 235 -15.68 -18.22 7.55
N GLN C 236 -14.59 -18.71 8.18
CA GLN C 236 -13.43 -19.13 7.40
C GLN C 236 -13.71 -20.41 6.63
N PHE C 237 -14.31 -21.42 7.29
CA PHE C 237 -14.60 -22.65 6.58
C PHE C 237 -15.70 -22.44 5.55
N PHE C 238 -16.67 -21.58 5.85
CA PHE C 238 -17.70 -21.27 4.86
C PHE C 238 -17.11 -20.60 3.63
N THR C 239 -16.21 -19.63 3.82
CA THR C 239 -15.65 -18.93 2.67
C THR C 239 -14.64 -19.78 1.91
N LYS C 240 -14.03 -20.77 2.57
CA LYS C 240 -13.14 -21.68 1.88
C LYS C 240 -13.87 -22.91 1.32
N ILE C 241 -15.14 -23.10 1.66
CA ILE C 241 -15.90 -24.22 1.13
C ILE C 241 -16.80 -23.76 -0.01
N LYS C 242 -17.18 -22.48 -0.01
CA LYS C 242 -17.89 -21.95 -1.16
C LYS C 242 -16.94 -21.70 -2.33
N THR C 243 -15.67 -21.41 -2.04
CA THR C 243 -14.63 -21.33 -3.05
C THR C 243 -13.70 -22.55 -2.96
N ALA C 244 -14.27 -23.72 -2.66
CA ALA C 244 -13.47 -24.92 -2.47
C ALA C 244 -12.81 -25.33 -3.79
N ASP C 245 -11.55 -25.75 -3.70
CA ASP C 245 -10.82 -26.20 -4.87
C ASP C 245 -11.28 -27.60 -5.29
N ARG C 246 -10.81 -28.03 -6.45
CA ARG C 246 -11.18 -29.35 -6.96
C ARG C 246 -10.72 -30.45 -6.02
N GLN C 247 -9.48 -30.35 -5.53
CA GLN C 247 -8.96 -31.33 -4.59
C GLN C 247 -9.74 -31.31 -3.28
N TYR C 248 -10.02 -30.11 -2.77
CA TYR C 248 -10.84 -30.01 -1.56
C TYR C 248 -12.24 -30.53 -1.81
N MET C 249 -12.79 -30.29 -3.00
CA MET C 249 -14.13 -30.78 -3.33
C MET C 249 -14.17 -32.31 -3.33
N GLU C 250 -13.19 -32.95 -3.96
CA GLU C 250 -13.19 -34.40 -4.00
C GLU C 250 -12.90 -35.01 -2.63
N GLY C 251 -12.04 -34.35 -1.85
CA GLY C 251 -11.84 -34.78 -0.46
C GLY C 251 -13.12 -34.71 0.35
N PHE C 252 -13.87 -33.61 0.20
CA PHE C 252 -15.14 -33.46 0.88
C PHE C 252 -16.13 -34.52 0.44
N ASN C 253 -16.15 -34.83 -0.87
CA ASN C 253 -17.07 -35.85 -1.37
C ASN C 253 -16.73 -37.23 -0.80
N ASP C 254 -15.45 -37.61 -0.80
CA ASP C 254 -15.09 -38.92 -0.29
C ASP C 254 -15.35 -39.02 1.21
N GLU C 255 -15.10 -37.93 1.94
CA GLU C 255 -15.39 -37.94 3.37
C GLU C 255 -16.90 -37.99 3.62
N LEU C 256 -17.70 -37.35 2.77
CA LEU C 256 -19.14 -37.46 2.85
C LEU C 256 -19.59 -38.91 2.67
N GLU C 257 -19.04 -39.58 1.66
CA GLU C 257 -19.40 -40.97 1.42
C GLU C 257 -18.98 -41.86 2.57
N ALA C 258 -17.78 -41.64 3.12
CA ALA C 258 -17.30 -42.43 4.24
C ALA C 258 -18.19 -42.23 5.47
N PHE C 259 -18.57 -40.98 5.76
CA PHE C 259 -19.43 -40.71 6.90
C PHE C 259 -20.81 -41.32 6.70
N LYS C 260 -21.33 -41.27 5.47
CA LYS C 260 -22.63 -41.87 5.18
C LYS C 260 -22.58 -43.38 5.40
N GLU C 261 -21.51 -44.04 4.95
CA GLU C 261 -21.36 -45.47 5.20
C GLU C 261 -21.24 -45.75 6.68
N ARG C 262 -20.49 -44.92 7.41
CA ARG C 262 -20.32 -45.13 8.84
C ARG C 262 -21.64 -45.02 9.58
N VAL C 263 -22.47 -44.03 9.23
CA VAL C 263 -23.77 -43.88 9.88
C VAL C 263 -24.72 -45.00 9.47
N ARG C 264 -24.73 -45.39 8.20
CA ARG C 264 -25.59 -46.48 7.76
C ARG C 264 -25.24 -47.78 8.46
N GLY C 265 -23.95 -48.04 8.68
CA GLY C 265 -23.54 -49.18 9.48
C GLY C 265 -23.69 -48.98 10.97
N ARG C 266 -23.97 -47.77 11.41
CA ARG C 266 -24.15 -47.47 12.83
C ARG C 266 -25.59 -47.72 13.26
N THR D 583 -4.81 -27.64 4.90
CA THR D 583 -5.95 -27.74 4.01
C THR D 583 -6.42 -26.35 3.58
N LYS D 584 -5.71 -25.31 4.01
CA LYS D 584 -6.04 -23.93 3.67
C LYS D 584 -4.78 -23.16 3.26
N PRO D 585 -4.23 -23.46 2.06
CA PRO D 585 -2.87 -23.04 1.65
C PRO D 585 -2.24 -21.77 2.25
N GLN D 586 -1.85 -20.86 1.36
CA GLN D 586 -1.25 -19.58 1.73
C GLN D 586 -1.16 -18.74 0.46
N LEU D 587 -0.48 -17.61 0.56
CA LEU D 587 -0.22 -16.74 -0.58
C LEU D 587 1.09 -16.01 -0.30
N ALA D 588 1.91 -15.86 -1.34
CA ALA D 588 3.18 -15.16 -1.18
C ALA D 588 2.95 -13.73 -0.74
N ILE D 589 3.80 -13.22 0.15
CA ILE D 589 3.63 -11.93 0.79
C ILE D 589 4.79 -11.02 0.41
N VAL D 590 4.47 -9.75 0.14
CA VAL D 590 5.47 -8.81 -0.34
C VAL D 590 6.30 -8.24 0.81
N THR D 591 7.45 -7.65 0.47
CA THR D 591 8.37 -7.07 1.46
C THR D 591 8.15 -5.58 1.60
N GLN D 592 9.01 -4.88 2.34
CA GLN D 592 8.76 -3.45 2.56
C GLN D 592 9.80 -2.55 1.92
N TRP D 593 11.06 -2.62 2.37
CA TRP D 593 12.21 -1.96 1.75
C TRP D 593 13.44 -2.23 2.61
N CYS D 594 14.60 -1.80 2.14
CA CYS D 594 15.84 -1.98 2.89
C CYS D 594 16.81 -0.86 2.52
N GLU D 595 17.74 -0.58 3.43
CA GLU D 595 18.73 0.46 3.20
C GLU D 595 19.84 -0.04 2.30
N GLY D 596 19.82 0.38 1.03
CA GLY D 596 20.85 -0.05 0.10
C GLY D 596 22.20 0.59 0.43
N SER D 597 23.25 0.07 -0.18
CA SER D 597 24.62 0.47 0.12
C SER D 597 24.86 1.94 -0.21
N SER D 598 25.64 2.63 0.63
CA SER D 598 26.00 4.01 0.37
C SER D 598 26.97 4.10 -0.80
N LEU D 599 26.99 5.27 -1.45
CA LEU D 599 27.77 5.45 -2.67
C LEU D 599 29.22 5.81 -2.39
N TYR D 600 29.55 6.22 -1.16
CA TYR D 600 30.93 6.38 -0.77
C TYR D 600 31.61 5.05 -0.48
N HIS D 601 30.82 4.04 -0.07
CA HIS D 601 31.36 2.70 0.06
C HIS D 601 31.75 2.12 -1.29
N HIS D 602 30.97 2.42 -2.33
CA HIS D 602 31.22 1.83 -3.64
C HIS D 602 32.53 2.31 -4.24
N LEU D 603 32.84 3.60 -4.10
CA LEU D 603 33.98 4.18 -4.78
C LEU D 603 35.19 4.46 -3.88
N HIS D 604 35.11 4.16 -2.60
CA HIS D 604 36.27 4.50 -1.78
C HIS D 604 36.79 3.34 -0.93
N ILE D 605 35.90 2.51 -0.41
CA ILE D 605 36.30 1.37 0.43
C ILE D 605 36.26 0.07 -0.38
N ILE D 606 35.61 0.10 -1.54
CA ILE D 606 35.61 -1.01 -2.48
C ILE D 606 36.03 -0.43 -3.82
N GLU D 607 36.28 -1.28 -4.82
CA GLU D 607 36.64 -0.81 -6.15
C GLU D 607 35.41 -0.53 -6.99
N THR D 608 34.60 -1.54 -7.27
CA THR D 608 33.28 -1.40 -7.91
C THR D 608 33.31 -0.43 -9.07
N LYS D 609 34.13 -0.75 -10.08
CA LYS D 609 34.34 0.12 -11.22
C LYS D 609 33.30 -0.17 -12.29
N PHE D 610 32.49 0.83 -12.63
CA PHE D 610 31.49 0.69 -13.68
C PHE D 610 32.04 1.24 -15.01
N GLU D 611 31.24 1.08 -16.06
CA GLU D 611 31.60 1.56 -17.38
C GLU D 611 31.32 3.07 -17.46
N MET D 612 31.60 3.67 -18.61
CA MET D 612 31.42 5.11 -18.75
C MET D 612 29.95 5.50 -18.82
N ILE D 613 29.12 4.66 -19.44
CA ILE D 613 27.72 5.02 -19.63
C ILE D 613 26.99 5.13 -18.29
N LYS D 614 27.24 4.18 -17.38
CA LYS D 614 26.52 4.19 -16.11
C LYS D 614 27.00 5.32 -15.21
N LEU D 615 28.23 5.76 -15.38
CA LEU D 615 28.73 6.91 -14.64
C LEU D 615 28.01 8.18 -15.07
N ILE D 616 27.54 8.20 -16.33
CA ILE D 616 26.72 9.30 -16.82
C ILE D 616 25.35 9.28 -16.17
N ASP D 617 24.73 8.09 -16.08
CA ASP D 617 23.34 8.02 -15.63
C ASP D 617 23.22 8.44 -14.17
N ILE D 618 24.18 8.04 -13.34
CA ILE D 618 24.15 8.44 -11.92
C ILE D 618 24.27 9.95 -11.79
N ALA D 619 25.17 10.56 -12.58
CA ALA D 619 25.36 12.01 -12.52
C ALA D 619 24.10 12.75 -12.92
N ARG D 620 23.31 12.19 -13.83
CA ARG D 620 22.06 12.82 -14.22
C ARG D 620 21.02 12.72 -13.12
N GLN D 621 20.98 11.58 -12.41
CA GLN D 621 19.94 11.36 -11.41
C GLN D 621 20.09 12.29 -10.23
N THR D 622 21.33 12.54 -9.80
CA THR D 622 21.54 13.49 -8.71
C THR D 622 21.25 14.93 -9.14
N ALA D 623 21.41 15.22 -10.44
CA ALA D 623 21.10 16.56 -10.93
C ALA D 623 19.60 16.81 -10.92
N GLN D 624 18.81 15.83 -11.36
CA GLN D 624 17.36 16.01 -11.39
C GLN D 624 16.78 16.17 -10.00
N GLY D 625 17.24 15.36 -9.05
CA GLY D 625 16.67 15.39 -7.72
C GLY D 625 16.92 16.71 -7.00
N MET D 626 18.14 17.25 -7.16
CA MET D 626 18.45 18.52 -6.53
C MET D 626 17.70 19.68 -7.19
N ASP D 627 17.34 19.53 -8.46
CA ASP D 627 16.53 20.55 -9.12
C ASP D 627 15.16 20.67 -8.45
N TYR D 628 14.57 19.53 -8.08
CA TYR D 628 13.24 19.55 -7.47
C TYR D 628 13.27 20.25 -6.12
N LEU D 629 14.30 19.99 -5.31
CA LEU D 629 14.40 20.66 -4.02
C LEU D 629 14.58 22.16 -4.18
N HIS D 630 15.36 22.57 -5.15
CA HIS D 630 15.73 23.96 -5.35
C HIS D 630 14.61 24.79 -5.94
N ALA D 631 13.46 24.19 -6.27
CA ALA D 631 12.34 24.91 -6.82
C ALA D 631 11.26 25.15 -5.78
N LYS D 632 11.52 24.79 -4.52
CA LYS D 632 10.60 25.04 -3.42
C LYS D 632 11.32 25.71 -2.27
N SER D 633 12.44 26.37 -2.57
CA SER D 633 13.20 27.16 -1.61
C SER D 633 13.82 26.30 -0.50
N ILE D 634 13.96 25.00 -0.74
CA ILE D 634 14.61 24.13 0.22
C ILE D 634 16.09 24.02 -0.13
N ILE D 635 16.95 24.24 0.86
CA ILE D 635 18.39 24.10 0.67
C ILE D 635 18.84 22.86 1.43
N HIS D 636 20.10 22.45 1.25
CA HIS D 636 20.57 21.18 1.78
C HIS D 636 21.79 21.31 2.69
N ARG D 637 22.66 22.28 2.46
CA ARG D 637 23.80 22.67 3.29
C ARG D 637 24.97 21.68 3.22
N ASP D 638 24.75 20.50 2.64
CA ASP D 638 25.82 19.52 2.42
C ASP D 638 25.25 18.33 1.68
N LEU D 639 26.06 17.75 0.80
CA LEU D 639 25.71 16.49 0.12
C LEU D 639 26.92 15.57 0.03
N LYS D 640 27.57 15.33 1.17
CA LYS D 640 28.65 14.34 1.30
C LYS D 640 28.34 13.07 0.51
N SER D 641 29.37 12.50 -0.15
CA SER D 641 29.16 11.37 -1.06
C SER D 641 28.55 10.16 -0.37
N ASN D 642 28.68 10.05 0.95
CA ASN D 642 28.00 8.99 1.68
C ASN D 642 26.51 9.26 1.88
N ASN D 643 26.07 10.51 1.71
CA ASN D 643 24.65 10.81 1.78
C ASN D 643 23.90 10.13 0.65
N ILE D 644 24.54 10.06 -0.52
CA ILE D 644 23.98 9.42 -1.71
C ILE D 644 23.88 7.91 -1.47
N PHE D 645 22.70 7.34 -1.74
CA PHE D 645 22.45 5.93 -1.46
C PHE D 645 22.09 5.21 -2.75
N LEU D 646 23.09 4.51 -3.30
CA LEU D 646 22.86 3.72 -4.51
C LEU D 646 21.97 2.53 -4.19
N HIS D 647 20.71 2.62 -4.60
CA HIS D 647 19.71 1.68 -4.13
C HIS D 647 19.81 0.35 -4.87
N GLU D 648 18.81 -0.50 -4.71
CA GLU D 648 18.77 -1.75 -5.46
C GLU D 648 18.62 -1.43 -6.95
N ASP D 649 19.12 -2.35 -7.77
CA ASP D 649 19.29 -2.09 -9.20
C ASP D 649 20.19 -0.87 -9.36
N LEU D 650 19.59 0.26 -9.77
CA LEU D 650 20.33 1.52 -9.90
C LEU D 650 19.34 2.65 -9.70
N THR D 651 19.37 3.27 -8.52
CA THR D 651 18.46 4.37 -8.23
C THR D 651 19.12 5.25 -7.17
N VAL D 652 19.46 6.48 -7.54
CA VAL D 652 20.10 7.42 -6.64
C VAL D 652 19.05 8.16 -5.81
N LYS D 653 19.36 8.38 -4.53
CA LYS D 653 18.42 9.01 -3.60
C LYS D 653 19.20 9.88 -2.61
N ILE D 654 19.16 11.20 -2.82
CA ILE D 654 19.83 12.11 -1.91
C ILE D 654 19.08 12.16 -0.58
N GLY D 655 19.80 12.42 0.48
CA GLY D 655 19.23 12.44 1.83
C GLY D 655 19.92 13.44 2.71
N ASP D 656 19.68 13.32 4.02
CA ASP D 656 20.27 14.23 5.00
C ASP D 656 20.93 13.54 6.20
N PHE D 657 20.51 12.32 6.54
CA PHE D 657 20.94 11.62 7.76
C PHE D 657 22.44 11.72 8.02
N GLY D 658 22.80 12.26 9.18
CA GLY D 658 24.20 12.45 9.53
C GLY D 658 24.39 12.74 11.00
N GLY D 677 36.01 14.33 9.31
CA GLY D 677 35.87 15.67 8.77
C GLY D 677 35.16 15.70 7.43
N SER D 678 34.51 16.83 7.13
CA SER D 678 33.79 17.02 5.88
C SER D 678 34.11 18.41 5.32
N ILE D 679 35.37 18.79 5.39
CA ILE D 679 35.81 20.13 5.00
C ILE D 679 36.18 20.06 3.52
N LEU D 680 35.81 18.94 2.88
CA LEU D 680 36.12 18.71 1.47
C LEU D 680 34.92 18.91 0.56
N TRP D 681 33.71 19.01 1.11
CA TRP D 681 32.54 19.38 0.33
C TRP D 681 32.14 20.84 0.50
N MET D 682 32.87 21.60 1.33
CA MET D 682 32.46 22.96 1.65
C MET D 682 33.04 23.96 0.66
N ALA D 683 32.31 25.06 0.49
CA ALA D 683 32.63 26.13 -0.43
C ALA D 683 33.62 27.11 0.18
N PRO D 684 34.36 27.85 -0.65
CA PRO D 684 35.24 28.90 -0.12
C PRO D 684 34.51 30.07 0.50
N GLU D 685 33.18 30.03 0.57
CA GLU D 685 32.40 31.01 1.30
C GLU D 685 31.88 30.48 2.63
N VAL D 686 31.73 29.15 2.75
CA VAL D 686 31.27 28.56 4.00
C VAL D 686 32.30 28.72 5.10
N ILE D 687 33.59 28.65 4.74
CA ILE D 687 34.66 28.74 5.73
C ILE D 687 34.89 30.16 6.21
N ARG D 688 34.06 31.11 5.77
CA ARG D 688 34.12 32.47 6.27
C ARG D 688 33.38 32.56 7.61
N MET D 689 33.35 33.76 8.19
CA MET D 689 32.83 33.93 9.53
C MET D 689 31.98 35.20 9.69
N GLN D 690 31.25 35.60 8.65
CA GLN D 690 30.50 36.84 8.71
C GLN D 690 29.05 36.63 8.32
N ASP D 691 28.17 37.38 8.98
CA ASP D 691 26.75 37.52 8.63
C ASP D 691 25.95 36.23 8.82
N LYS D 692 26.62 35.15 9.22
CA LYS D 692 26.02 33.88 9.61
C LYS D 692 25.00 33.33 8.61
N ASN D 693 25.05 33.81 7.36
CA ASN D 693 24.15 33.28 6.35
C ASN D 693 24.80 33.26 4.96
N PRO D 694 25.94 32.57 4.80
CA PRO D 694 26.58 32.55 3.47
C PRO D 694 25.95 31.55 2.52
N TYR D 695 24.95 30.80 2.97
CA TYR D 695 24.44 29.67 2.21
C TYR D 695 23.47 30.13 1.13
N SER D 696 23.66 29.59 -0.06
CA SER D 696 22.80 29.88 -1.21
C SER D 696 22.85 28.69 -2.15
N PHE D 697 22.17 28.80 -3.29
CA PHE D 697 22.09 27.69 -4.23
C PHE D 697 23.43 27.39 -4.87
N GLN D 698 24.27 28.42 -5.04
CA GLN D 698 25.57 28.23 -5.69
C GLN D 698 26.49 27.34 -4.87
N SER D 699 26.38 27.37 -3.54
CA SER D 699 27.17 26.45 -2.71
C SER D 699 26.77 25.00 -2.96
N ASP D 700 25.47 24.75 -3.11
CA ASP D 700 25.02 23.43 -3.50
C ASP D 700 25.60 23.03 -4.85
N VAL D 701 25.64 23.99 -5.80
CA VAL D 701 26.23 23.69 -7.10
C VAL D 701 27.71 23.30 -6.95
N TYR D 702 28.43 24.00 -6.08
CA TYR D 702 29.85 23.68 -5.88
C TYR D 702 30.02 22.29 -5.30
N ALA D 703 29.21 21.94 -4.31
CA ALA D 703 29.29 20.59 -3.74
C ALA D 703 29.00 19.54 -4.79
N PHE D 704 28.01 19.80 -5.66
CA PHE D 704 27.73 18.87 -6.75
C PHE D 704 28.91 18.74 -7.70
N GLY D 705 29.61 19.85 -7.97
CA GLY D 705 30.77 19.79 -8.83
C GLY D 705 31.89 18.93 -8.24
N ILE D 706 32.13 19.07 -6.95
CA ILE D 706 33.14 18.22 -6.31
C ILE D 706 32.72 16.75 -6.34
N VAL D 707 31.43 16.48 -6.14
CA VAL D 707 30.94 15.11 -6.25
C VAL D 707 31.21 14.57 -7.66
N LEU D 708 30.97 15.39 -8.69
CA LEU D 708 31.25 14.96 -10.06
C LEU D 708 32.72 14.67 -10.28
N TYR D 709 33.59 15.51 -9.73
CA TYR D 709 35.03 15.28 -9.86
C TYR D 709 35.43 13.96 -9.22
N GLU D 710 34.94 13.69 -8.00
CA GLU D 710 35.21 12.41 -7.38
C GLU D 710 34.66 11.26 -8.20
N LEU D 711 33.50 11.47 -8.83
CA LEU D 711 32.81 10.39 -9.51
C LEU D 711 33.54 9.97 -10.79
N MET D 712 34.08 10.93 -11.54
CA MET D 712 34.80 10.51 -12.76
C MET D 712 36.32 10.45 -12.61
N THR D 713 36.88 10.97 -11.53
CA THR D 713 38.31 10.77 -11.32
C THR D 713 38.60 9.47 -10.59
N GLY D 714 37.79 9.12 -9.59
CA GLY D 714 37.98 7.90 -8.84
C GLY D 714 38.86 8.03 -7.63
N GLN D 715 39.13 9.24 -7.17
CA GLN D 715 40.06 9.42 -6.06
C GLN D 715 39.62 10.62 -5.21
N LEU D 716 40.13 10.64 -3.99
CA LEU D 716 39.81 11.73 -3.07
C LEU D 716 40.47 13.02 -3.55
N PRO D 717 39.77 14.15 -3.50
CA PRO D 717 40.41 15.42 -3.87
C PRO D 717 41.45 15.84 -2.85
N TYR D 718 42.42 16.63 -3.31
CA TYR D 718 43.51 17.14 -2.48
C TYR D 718 44.30 16.01 -1.83
N SER D 719 44.75 15.06 -2.65
CA SER D 719 45.57 13.95 -2.15
C SER D 719 47.02 14.34 -1.95
N ASN D 720 47.43 15.54 -2.36
CA ASN D 720 48.82 15.94 -2.26
C ASN D 720 49.21 16.30 -0.83
N ILE D 721 48.53 17.28 -0.25
CA ILE D 721 48.85 17.81 1.07
C ILE D 721 47.92 17.19 2.10
N ASN D 722 48.48 16.73 3.21
CA ASN D 722 47.72 16.12 4.30
C ASN D 722 47.95 16.96 5.56
N ASN D 723 47.16 18.01 5.72
CA ASN D 723 47.13 18.79 6.96
C ASN D 723 45.83 19.58 6.96
N ARG D 724 44.94 19.30 7.92
CA ARG D 724 43.62 19.91 7.90
C ARG D 724 43.69 21.42 8.07
N ASP D 725 44.46 21.89 9.06
CA ASP D 725 44.58 23.33 9.28
C ASP D 725 45.24 24.00 8.09
N GLN D 726 46.26 23.36 7.51
CA GLN D 726 46.90 23.92 6.34
C GLN D 726 45.91 24.02 5.17
N ILE D 727 45.07 23.00 4.98
CA ILE D 727 44.12 23.01 3.88
C ILE D 727 43.07 24.10 4.07
N ILE D 728 42.54 24.24 5.30
CA ILE D 728 41.53 25.27 5.51
C ILE D 728 42.11 26.66 5.30
N PHE D 729 43.31 26.91 5.82
CA PHE D 729 43.91 28.21 5.57
C PHE D 729 44.20 28.43 4.08
N MET D 730 44.69 27.40 3.39
CA MET D 730 45.00 27.55 1.97
C MET D 730 43.76 27.87 1.15
N VAL D 731 42.65 27.18 1.43
CA VAL D 731 41.40 27.50 0.75
C VAL D 731 40.96 28.91 1.10
N GLY D 732 41.23 29.33 2.34
CA GLY D 732 40.95 30.70 2.73
C GLY D 732 41.66 31.74 1.89
N ARG D 733 42.99 31.77 1.96
CA ARG D 733 43.81 32.70 1.20
C ARG D 733 44.94 31.96 0.54
N GLY D 734 45.45 32.53 -0.55
CA GLY D 734 46.40 31.80 -1.38
C GLY D 734 45.72 30.57 -1.94
N TYR D 735 44.49 30.76 -2.41
CA TYR D 735 43.59 29.65 -2.69
C TYR D 735 44.14 28.76 -3.80
N LEU D 736 43.85 27.46 -3.68
CA LEU D 736 44.17 26.46 -4.69
C LEU D 736 42.89 25.80 -5.18
N SER D 737 43.06 24.77 -6.01
CA SER D 737 41.95 24.02 -6.59
C SER D 737 42.48 22.67 -7.03
N PRO D 738 41.61 21.66 -7.12
CA PRO D 738 42.06 20.36 -7.62
C PRO D 738 42.60 20.47 -9.04
N ASP D 739 43.72 19.80 -9.30
CA ASP D 739 44.29 19.76 -10.63
C ASP D 739 43.41 18.90 -11.54
N LEU D 740 43.08 19.42 -12.72
CA LEU D 740 42.12 18.77 -13.59
C LEU D 740 42.74 17.72 -14.51
N SER D 741 44.06 17.54 -14.48
CA SER D 741 44.69 16.56 -15.35
C SER D 741 44.35 15.14 -14.93
N LYS D 742 44.06 14.92 -13.64
CA LYS D 742 43.74 13.59 -13.13
C LYS D 742 42.32 13.25 -13.57
N VAL D 743 42.22 12.66 -14.76
CA VAL D 743 40.94 12.25 -15.33
C VAL D 743 41.09 10.88 -15.96
N ARG D 744 39.95 10.26 -16.24
CA ARG D 744 39.94 8.98 -16.94
C ARG D 744 40.35 9.19 -18.40
N SER D 745 40.87 8.12 -19.00
CA SER D 745 41.38 8.22 -20.37
C SER D 745 40.28 8.53 -21.37
N ASN D 746 39.12 7.91 -21.21
CA ASN D 746 38.02 8.02 -22.17
C ASN D 746 36.97 9.02 -21.75
N CYS D 747 37.23 9.81 -20.71
CA CYS D 747 36.23 10.78 -20.26
C CYS D 747 35.98 11.82 -21.34
N PRO D 748 34.73 12.27 -21.53
CA PRO D 748 34.44 13.21 -22.61
C PRO D 748 34.93 14.63 -22.32
N LYS D 749 34.74 15.53 -23.29
CA LYS D 749 35.12 16.92 -23.13
C LYS D 749 33.96 17.81 -22.71
N ALA D 750 32.73 17.43 -23.06
CA ALA D 750 31.57 18.26 -22.74
C ALA D 750 31.43 18.44 -21.24
N MET D 751 31.65 17.38 -20.46
CA MET D 751 31.56 17.51 -19.01
C MET D 751 32.76 18.22 -18.41
N LYS D 752 33.96 18.03 -18.96
CA LYS D 752 35.13 18.76 -18.47
C LYS D 752 34.88 20.27 -18.53
N ARG D 753 34.09 20.71 -19.51
CA ARG D 753 33.63 22.09 -19.53
C ARG D 753 32.64 22.35 -18.38
N LEU D 754 31.75 21.40 -18.13
CA LEU D 754 30.74 21.59 -17.07
C LEU D 754 31.40 21.65 -15.70
N MET D 755 32.42 20.81 -15.47
CA MET D 755 33.09 20.80 -14.17
C MET D 755 33.80 22.11 -13.90
N ALA D 756 34.51 22.65 -14.89
CA ALA D 756 35.24 23.88 -14.68
C ALA D 756 34.31 25.05 -14.39
N GLU D 757 33.08 24.97 -14.92
CA GLU D 757 32.10 26.04 -14.71
C GLU D 757 31.46 26.00 -13.33
N CYS D 758 31.38 24.83 -12.70
CA CYS D 758 30.64 24.71 -11.45
C CYS D 758 31.39 25.38 -10.30
N LEU D 759 32.71 25.33 -10.31
CA LEU D 759 33.53 25.91 -9.25
C LEU D 759 34.56 26.86 -9.88
N LYS D 760 34.19 28.14 -10.03
CA LYS D 760 35.20 29.03 -10.57
C LYS D 760 35.93 29.83 -9.51
N LYS D 761 35.29 30.86 -8.96
CA LYS D 761 35.85 31.57 -7.82
C LYS D 761 34.76 31.99 -6.84
N LYS D 762 33.63 32.43 -7.37
CA LYS D 762 32.65 33.23 -6.64
C LYS D 762 31.24 32.69 -6.86
N ARG D 763 30.30 33.26 -6.11
CA ARG D 763 28.92 32.81 -6.10
C ARG D 763 28.04 33.53 -7.12
N ASP D 764 28.61 34.43 -7.92
CA ASP D 764 27.83 35.17 -8.90
C ASP D 764 27.99 34.65 -10.33
N GLU D 765 29.11 33.99 -10.64
CA GLU D 765 29.36 33.46 -11.97
C GLU D 765 29.25 31.93 -12.00
N ARG D 766 28.46 31.37 -11.11
CA ARG D 766 28.16 29.95 -11.09
C ARG D 766 26.79 29.69 -11.69
N PRO D 767 26.59 28.55 -12.33
CA PRO D 767 25.30 28.28 -12.98
C PRO D 767 24.19 27.93 -11.99
N LEU D 768 22.97 27.79 -12.51
CA LEU D 768 21.85 27.23 -11.78
C LEU D 768 21.53 25.85 -12.37
N PHE D 769 20.73 25.08 -11.64
CA PHE D 769 20.63 23.65 -11.93
C PHE D 769 19.95 23.30 -13.25
N PRO D 770 18.94 24.03 -13.75
CA PRO D 770 18.36 23.64 -15.04
C PRO D 770 19.37 23.56 -16.18
N GLN D 771 20.31 24.51 -16.26
CA GLN D 771 21.32 24.46 -17.31
C GLN D 771 22.20 23.23 -17.16
N ILE D 772 22.59 22.90 -15.93
CA ILE D 772 23.43 21.74 -15.70
C ILE D 772 22.72 20.46 -16.12
N LEU D 773 21.45 20.34 -15.76
CA LEU D 773 20.68 19.16 -16.16
C LEU D 773 20.55 19.07 -17.67
N ALA D 774 20.29 20.20 -18.34
CA ALA D 774 20.17 20.19 -19.79
C ALA D 774 21.49 19.77 -20.45
N SER D 775 22.60 20.30 -19.95
CA SER D 775 23.90 19.93 -20.51
C SER D 775 24.18 18.44 -20.32
N ILE D 776 23.87 17.91 -19.14
CA ILE D 776 24.13 16.50 -18.88
C ILE D 776 23.26 15.63 -19.80
N GLU D 777 21.99 16.00 -19.99
CA GLU D 777 21.13 15.21 -20.88
C GLU D 777 21.61 15.29 -22.33
N LEU D 778 22.03 16.47 -22.78
CA LEU D 778 22.55 16.61 -24.14
C LEU D 778 23.78 15.74 -24.36
N LEU D 779 24.70 15.75 -23.39
CA LEU D 779 25.88 14.91 -23.50
C LEU D 779 25.52 13.44 -23.43
N ALA D 780 24.50 13.09 -22.64
CA ALA D 780 24.11 11.70 -22.47
C ALA D 780 23.54 11.12 -23.76
N ARG D 781 22.63 11.85 -24.41
CA ARG D 781 22.06 11.30 -25.64
C ARG D 781 22.88 11.65 -26.89
N SER D 782 24.20 11.53 -26.78
CA SER D 782 25.06 11.67 -27.95
C SER D 782 26.29 10.76 -27.90
N LEU D 783 26.38 9.83 -26.95
CA LEU D 783 27.64 9.20 -26.58
C LEU D 783 27.57 7.69 -26.79
N PRO D 784 27.96 7.19 -27.97
CA PRO D 784 28.15 5.74 -28.11
C PRO D 784 29.37 5.27 -27.34
N LYS D 785 30.51 5.89 -27.61
CA LYS D 785 31.74 5.70 -26.84
C LYS D 785 32.38 7.03 -26.43
N ILE D 786 32.36 8.03 -27.30
CA ILE D 786 32.98 9.32 -27.02
C ILE D 786 32.17 10.43 -27.68
PG ATP E . -15.30 20.80 -25.04
O1G ATP E . -14.94 22.18 -24.65
O2G ATP E . -14.68 20.34 -26.36
O3G ATP E . -14.98 19.76 -23.96
PB ATP E . -18.05 21.43 -26.00
O1B ATP E . -19.22 20.56 -26.22
O2B ATP E . -17.46 22.05 -27.27
O3B ATP E . -16.87 20.67 -25.27
PA ATP E . -18.02 24.14 -24.87
O1A ATP E . -16.65 24.36 -24.35
O2A ATP E . -19.12 24.77 -24.02
O3A ATP E . -18.36 22.61 -24.99
O5' ATP E . -18.18 24.68 -26.34
C5' ATP E . -19.46 25.08 -26.86
C4' ATP E . -19.28 25.68 -28.23
O4' ATP E . -18.10 26.52 -28.24
C3' ATP E . -19.13 24.68 -29.38
O3' ATP E . -20.06 24.97 -30.42
C2' ATP E . -17.68 24.88 -29.84
O2' ATP E . -17.54 24.68 -31.24
C1' ATP E . -17.47 26.34 -29.48
N9 ATP E . -16.06 26.72 -29.35
C8 ATP E . -15.33 26.76 -28.19
N7 ATP E . -14.09 27.14 -28.37
C5 ATP E . -14.00 27.36 -29.73
C6 ATP E . -12.94 27.78 -30.56
N6 ATP E . -11.72 28.06 -30.12
N1 ATP E . -13.19 27.89 -31.88
C2 ATP E . -14.41 27.62 -32.33
N3 ATP E . -15.49 27.21 -31.65
C4 ATP E . -15.21 27.10 -30.35
PG ATP F . -31.82 15.94 -1.64
O1G ATP F . -32.55 14.83 -2.31
O2G ATP F . -32.25 16.17 -0.19
O3G ATP F . -30.30 15.79 -1.68
PB ATP F . -32.88 18.70 -2.12
O1B ATP F . -31.95 19.85 -2.00
O2B ATP F . -33.80 18.49 -0.93
O3B ATP F . -32.10 17.34 -2.37
PA ATP F . -34.83 17.88 -4.16
O1A ATP F . -34.64 17.92 -5.62
O2A ATP F . -34.73 16.50 -3.54
O3A ATP F . -33.79 18.80 -3.42
O5' ATP F . -36.20 18.54 -3.75
C5' ATP F . -36.26 19.57 -2.75
C4' ATP F . -37.68 20.05 -2.60
O4' ATP F . -38.60 18.95 -2.71
C3' ATP F . -37.99 20.75 -1.27
O3' ATP F . -38.82 21.88 -1.46
C2' ATP F . -38.70 19.65 -0.47
O2' ATP F . -39.61 20.20 0.47
C1' ATP F . -39.45 18.93 -1.59
N9 ATP F . -39.79 17.54 -1.30
C8 ATP F . -39.37 16.43 -1.96
N7 ATP F . -39.83 15.30 -1.48
C5 ATP F . -40.63 15.71 -0.42
C6 ATP F . -41.41 14.98 0.51
N6 ATP F . -41.52 13.66 0.52
N1 ATP F . -42.08 15.70 1.43
C2 ATP F . -41.98 17.03 1.43
N3 ATP F . -41.27 17.81 0.61
C4 ATP F . -40.61 17.09 -0.30
#